data_3WGC
#
_entry.id   3WGC
#
_cell.length_a   78.780
_cell.length_b   93.360
_cell.length_c   94.020
_cell.angle_alpha   90.00
_cell.angle_beta   113.92
_cell.angle_gamma   90.00
#
_symmetry.space_group_name_H-M   'P 1 21 1'
#
loop_
_entity.id
_entity.type
_entity.pdbx_description
1 polymer 'L-allo-threonine aldolase'
2 non-polymer N-GLYCINE-[3-HYDROXY-2-METHYL-5-PHOSPHONOOXYMETHYL-PYRIDIN-4-YL-METHANE]
3 water water
#
_entity_poly.entity_id   1
_entity_poly.type   'polypeptide(L)'
_entity_poly.pdbx_seq_one_letter_code
;GSHMRYIDLRSDTVTQPTDAMRQCMLHAEVGDDVYGEDPGVNALEAYGADLLGKEAALFVPSGTMSNLLAVMSHCQRGEG
AVLGSAAHIYRYEAQGSAVLGSVALQPVPMQADGSLALADVRAAIAPDDVYFTPTRLVCLENTHNGKVLPLPYLREMREL
VDEHGLQLHLDGARLFNAVVASGHTVRELVAPFDSVSICLSKGLGAPVGSLLVGSHAFIARARRLRKMVGGGMRQAGILA
QAGLFALQQHVVRLADDHRRARQLAEGLAALPGIRLDLAQVQTNMVFLQLTSGERAPLLAFMKARGILFSGYGELRLVTH
LQIHDDDIEEVIDAFTEYLGA
;
_entity_poly.pdbx_strand_id   A,B,C,D
#
# COMPACT_ATOMS: atom_id res chain seq x y z
N ARG A 5 -1.92 8.19 -44.32
CA ARG A 5 -0.71 7.72 -44.98
C ARG A 5 -0.28 6.36 -44.45
N TYR A 6 -0.82 5.98 -43.30
CA TYR A 6 -0.58 4.65 -42.73
C TYR A 6 -1.90 3.90 -42.56
N ILE A 7 -1.86 2.59 -42.76
CA ILE A 7 -2.99 1.74 -42.40
C ILE A 7 -2.75 1.17 -41.01
N ASP A 8 -3.39 1.77 -40.01
CA ASP A 8 -3.09 1.48 -38.61
C ASP A 8 -4.06 0.46 -38.01
N LEU A 9 -3.61 -0.79 -37.94
CA LEU A 9 -4.42 -1.87 -37.38
C LEU A 9 -3.90 -2.27 -36.00
N ARG A 10 -3.10 -1.40 -35.39
CA ARG A 10 -2.53 -1.67 -34.08
C ARG A 10 -3.60 -1.77 -33.00
N SER A 11 -4.54 -0.84 -33.04
CA SER A 11 -5.61 -0.79 -32.04
C SER A 11 -6.71 0.15 -32.50
N ASP A 12 -7.89 0.02 -31.92
CA ASP A 12 -8.98 0.94 -32.23
C ASP A 12 -8.84 2.22 -31.40
N THR A 13 -7.75 2.32 -30.64
CA THR A 13 -7.47 3.51 -29.84
C THR A 13 -6.91 4.65 -30.69
N VAL A 14 -6.47 4.34 -31.90
CA VAL A 14 -5.86 5.35 -32.77
C VAL A 14 -6.93 6.12 -33.54
N THR A 15 -8.19 5.85 -33.23
CA THR A 15 -9.30 6.55 -33.85
C THR A 15 -9.17 8.05 -33.63
N GLN A 16 -9.39 8.82 -34.69
CA GLN A 16 -9.31 10.26 -34.60
C GLN A 16 -10.71 10.84 -34.47
N PRO A 17 -10.83 12.01 -33.85
CA PRO A 17 -12.16 12.65 -33.77
C PRO A 17 -12.61 13.13 -35.14
N THR A 18 -13.84 12.81 -35.52
CA THR A 18 -14.37 13.28 -36.79
C THR A 18 -14.56 14.79 -36.75
N ASP A 19 -14.65 15.40 -37.92
CA ASP A 19 -14.88 16.84 -38.02
C ASP A 19 -16.19 17.22 -37.34
N ALA A 20 -17.20 16.37 -37.53
CA ALA A 20 -18.49 16.59 -36.87
C ALA A 20 -18.32 16.55 -35.35
N MET A 21 -17.52 15.60 -34.87
CA MET A 21 -17.22 15.48 -33.45
C MET A 21 -16.45 16.71 -32.95
N ARG A 22 -15.50 17.18 -33.75
CA ARG A 22 -14.76 18.39 -33.42
C ARG A 22 -15.70 19.59 -33.27
N GLN A 23 -16.70 19.68 -34.16
CA GLN A 23 -17.69 20.75 -34.08
C GLN A 23 -18.47 20.68 -32.77
N CYS A 24 -18.82 19.46 -32.38
CA CYS A 24 -19.54 19.24 -31.12
C CYS A 24 -18.68 19.69 -29.94
N MET A 25 -17.37 19.44 -30.03
CA MET A 25 -16.43 19.86 -28.99
C MET A 25 -16.30 21.38 -28.96
N LEU A 26 -16.26 21.99 -30.13
CA LEU A 26 -16.14 23.44 -30.26
C LEU A 26 -17.25 24.18 -29.52
N HIS A 27 -18.46 23.63 -29.59
CA HIS A 27 -19.64 24.30 -29.04
C HIS A 27 -20.07 23.74 -27.68
N ALA A 28 -19.23 22.90 -27.09
CA ALA A 28 -19.52 22.29 -25.80
C ALA A 28 -19.53 23.31 -24.67
N GLU A 29 -20.59 23.29 -23.87
CA GLU A 29 -20.65 24.12 -22.67
C GLU A 29 -19.90 23.43 -21.54
N VAL A 30 -19.06 24.19 -20.83
CA VAL A 30 -18.22 23.62 -19.80
C VAL A 30 -18.33 24.36 -18.46
N GLY A 31 -17.74 23.76 -17.43
CA GLY A 31 -17.69 24.34 -16.11
C GLY A 31 -16.65 23.59 -15.30
N ASP A 32 -16.59 23.87 -14.00
CA ASP A 32 -15.67 23.15 -13.12
C ASP A 32 -16.31 21.85 -12.65
N ASP A 33 -15.83 20.73 -13.19
CA ASP A 33 -16.40 19.43 -12.88
C ASP A 33 -16.21 19.02 -11.42
N VAL A 34 -15.15 19.51 -10.79
CA VAL A 34 -14.93 19.25 -9.37
C VAL A 34 -16.08 19.82 -8.54
N TYR A 35 -16.61 20.96 -8.96
CA TYR A 35 -17.80 21.52 -8.31
C TYR A 35 -19.06 20.91 -8.90
N GLY A 36 -18.89 20.01 -9.86
CA GLY A 36 -20.02 19.36 -10.52
C GLY A 36 -20.81 20.31 -11.41
N GLU A 37 -20.13 21.33 -11.91
CA GLU A 37 -20.81 22.42 -12.63
C GLU A 37 -20.50 22.40 -14.12
N ASP A 38 -19.98 21.28 -14.62
CA ASP A 38 -19.73 21.14 -16.04
C ASP A 38 -20.92 20.45 -16.68
N PRO A 39 -21.70 21.19 -17.48
CA PRO A 39 -22.93 20.69 -18.11
C PRO A 39 -22.65 19.59 -19.11
N GLY A 40 -21.47 19.62 -19.73
CA GLY A 40 -21.08 18.62 -20.69
C GLY A 40 -20.82 17.27 -20.03
N VAL A 41 -20.11 17.30 -18.90
CA VAL A 41 -19.83 16.07 -18.15
C VAL A 41 -21.12 15.52 -17.53
N ASN A 42 -21.91 16.41 -16.94
CA ASN A 42 -23.17 16.01 -16.34
C ASN A 42 -24.11 15.34 -17.35
N ALA A 43 -24.14 15.88 -18.57
CA ALA A 43 -24.99 15.34 -19.62
C ALA A 43 -24.53 13.94 -20.01
N LEU A 44 -23.22 13.79 -20.22
CA LEU A 44 -22.66 12.49 -20.58
C LEU A 44 -22.95 11.46 -19.48
N GLU A 45 -22.74 11.85 -18.23
CA GLU A 45 -22.96 10.96 -17.10
C GLU A 45 -24.42 10.59 -16.95
N ALA A 46 -25.31 11.56 -17.12
CA ALA A 46 -26.75 11.31 -17.05
C ALA A 46 -27.21 10.37 -18.16
N TYR A 47 -26.77 10.66 -19.39
CA TYR A 47 -27.12 9.83 -20.54
C TYR A 47 -26.57 8.42 -20.41
N GLY A 48 -25.32 8.31 -19.96
CA GLY A 48 -24.65 7.03 -19.82
C GLY A 48 -25.31 6.13 -18.79
N ALA A 49 -25.62 6.70 -17.64
CA ALA A 49 -26.29 5.95 -16.58
C ALA A 49 -27.63 5.44 -17.06
N ASP A 50 -28.37 6.29 -17.76
CA ASP A 50 -29.69 5.94 -18.25
C ASP A 50 -29.62 4.91 -19.37
N LEU A 51 -28.62 5.08 -20.23
CA LEU A 51 -28.41 4.15 -21.34
C LEU A 51 -28.19 2.73 -20.85
N LEU A 52 -27.49 2.59 -19.72
CA LEU A 52 -27.17 1.27 -19.18
C LEU A 52 -28.13 0.86 -18.08
N GLY A 53 -29.09 1.73 -17.77
CA GLY A 53 -30.09 1.44 -16.76
C GLY A 53 -29.51 1.39 -15.36
N LYS A 54 -28.52 2.24 -15.08
CA LYS A 54 -27.95 2.33 -13.74
C LYS A 54 -28.24 3.70 -13.15
N GLU A 55 -27.88 3.88 -11.88
CA GLU A 55 -28.22 5.10 -11.15
C GLU A 55 -27.30 6.28 -11.46
N ALA A 56 -26.00 6.01 -11.60
CA ALA A 56 -25.03 7.11 -11.74
C ALA A 56 -23.85 6.75 -12.64
N ALA A 57 -23.15 7.78 -13.09
CA ALA A 57 -21.99 7.58 -13.96
C ALA A 57 -20.88 8.56 -13.62
N LEU A 58 -19.66 8.19 -13.97
CA LEU A 58 -18.48 9.00 -13.65
C LEU A 58 -17.52 9.01 -14.82
N PHE A 59 -17.19 10.21 -15.31
CA PHE A 59 -16.29 10.37 -16.44
C PHE A 59 -14.83 10.40 -15.98
N VAL A 60 -14.00 9.59 -16.62
CA VAL A 60 -12.59 9.48 -16.27
C VAL A 60 -11.72 9.56 -17.52
N PRO A 61 -10.45 10.01 -17.37
CA PRO A 61 -9.53 10.16 -18.51
C PRO A 61 -9.12 8.87 -19.23
N SER A 62 -9.27 7.70 -18.61
CA SER A 62 -8.89 6.46 -19.27
C SER A 62 -9.68 5.26 -18.75
N GLY A 63 -9.68 4.18 -19.53
CA GLY A 63 -10.32 2.94 -19.15
C GLY A 63 -9.60 2.26 -18.02
N THR A 64 -8.29 2.47 -17.96
CA THR A 64 -7.47 1.95 -16.89
C THR A 64 -7.94 2.52 -15.56
N MET A 65 -8.18 3.83 -15.52
CA MET A 65 -8.64 4.48 -14.30
C MET A 65 -10.06 4.06 -13.95
N SER A 66 -10.90 3.89 -14.96
CA SER A 66 -12.27 3.46 -14.74
C SER A 66 -12.31 2.12 -14.00
N ASN A 67 -11.53 1.16 -14.47
CA ASN A 67 -11.44 -0.14 -13.83
C ASN A 67 -10.75 -0.04 -12.48
N LEU A 68 -9.65 0.70 -12.44
CA LEU A 68 -8.88 0.92 -11.21
C LEU A 68 -9.79 1.45 -10.11
N LEU A 69 -10.58 2.46 -10.44
CA LEU A 69 -11.54 3.04 -9.51
C LEU A 69 -12.64 2.03 -9.15
N ALA A 70 -13.03 1.21 -10.12
CA ALA A 70 -14.12 0.25 -9.93
C ALA A 70 -13.80 -0.80 -8.87
N VAL A 71 -12.65 -1.47 -8.99
CA VAL A 71 -12.33 -2.53 -8.06
C VAL A 71 -12.02 -1.95 -6.68
N MET A 72 -11.43 -0.75 -6.64
CA MET A 72 -11.12 -0.12 -5.36
C MET A 72 -12.38 0.35 -4.66
N SER A 73 -13.44 0.61 -5.43
CA SER A 73 -14.72 0.99 -4.86
C SER A 73 -15.48 -0.25 -4.41
N HIS A 74 -15.16 -1.40 -5.01
CA HIS A 74 -15.75 -2.67 -4.62
C HIS A 74 -14.93 -3.39 -3.55
N CYS A 75 -13.61 -3.27 -3.64
CA CYS A 75 -12.69 -4.02 -2.79
C CYS A 75 -11.83 -3.08 -1.97
N GLN A 76 -11.93 -3.24 -0.66
CA GLN A 76 -11.11 -2.44 0.24
C GLN A 76 -9.77 -3.14 0.48
N ARG A 77 -8.92 -2.54 1.31
CA ARG A 77 -7.61 -3.11 1.62
C ARG A 77 -7.69 -4.58 2.04
N GLY A 78 -6.94 -5.42 1.33
CA GLY A 78 -6.86 -6.83 1.65
C GLY A 78 -7.99 -7.67 1.07
N GLU A 79 -9.04 -7.01 0.59
CA GLU A 79 -10.18 -7.72 0.03
C GLU A 79 -9.90 -8.18 -1.40
N GLY A 80 -10.62 -9.21 -1.83
CA GLY A 80 -10.30 -9.90 -3.06
C GLY A 80 -11.20 -9.61 -4.25
N ALA A 81 -10.58 -9.59 -5.43
CA ALA A 81 -11.30 -9.45 -6.68
C ALA A 81 -10.91 -10.56 -7.64
N VAL A 82 -11.87 -11.41 -8.00
CA VAL A 82 -11.62 -12.50 -8.93
C VAL A 82 -11.83 -12.06 -10.37
N LEU A 83 -10.85 -12.34 -11.23
CA LEU A 83 -10.90 -11.96 -12.64
C LEU A 83 -10.11 -12.95 -13.49
N GLY A 84 -10.18 -12.77 -14.81
CA GLY A 84 -9.41 -13.60 -15.71
C GLY A 84 -7.92 -13.26 -15.75
N SER A 85 -7.09 -14.28 -15.93
CA SER A 85 -5.65 -14.08 -16.00
C SER A 85 -5.25 -13.32 -17.26
N ALA A 86 -6.12 -13.36 -18.25
CA ALA A 86 -5.91 -12.63 -19.50
C ALA A 86 -6.71 -11.34 -19.52
N ALA A 87 -7.38 -11.04 -18.41
CA ALA A 87 -8.18 -9.82 -18.32
C ALA A 87 -7.27 -8.60 -18.30
N HIS A 88 -7.75 -7.50 -18.85
CA HIS A 88 -6.93 -6.29 -18.97
C HIS A 88 -6.53 -5.73 -17.61
N ILE A 89 -7.46 -5.78 -16.65
CA ILE A 89 -7.24 -5.29 -15.30
C ILE A 89 -6.06 -6.00 -14.65
N TYR A 90 -5.89 -7.27 -14.98
CA TYR A 90 -4.80 -8.05 -14.42
C TYR A 90 -3.50 -7.94 -15.20
N ARG A 91 -3.58 -8.11 -16.52
CA ARG A 91 -2.38 -8.24 -17.32
C ARG A 91 -1.83 -6.91 -17.85
N TYR A 92 -2.71 -5.94 -18.08
CA TYR A 92 -2.29 -4.73 -18.79
C TYR A 92 -2.57 -3.41 -18.07
N GLU A 93 -2.77 -3.46 -16.76
CA GLU A 93 -2.96 -2.23 -16.00
C GLU A 93 -2.00 -2.13 -14.82
N ALA A 94 -0.83 -2.75 -14.99
CA ALA A 94 0.27 -2.68 -14.02
C ALA A 94 -0.14 -3.15 -12.62
N GLN A 95 -1.23 -3.93 -12.53
CA GLN A 95 -1.79 -4.37 -11.27
C GLN A 95 -2.00 -3.24 -10.27
N GLY A 96 -2.45 -2.10 -10.79
CA GLY A 96 -2.68 -0.91 -9.97
C GLY A 96 -3.64 -1.16 -8.83
N SER A 97 -4.59 -2.06 -9.06
CA SER A 97 -5.56 -2.42 -8.03
C SER A 97 -4.87 -2.95 -6.78
N ALA A 98 -3.78 -3.67 -6.97
CA ALA A 98 -3.03 -4.24 -5.85
C ALA A 98 -1.99 -3.26 -5.32
N VAL A 99 -1.15 -2.76 -6.22
CA VAL A 99 -0.06 -1.86 -5.87
C VAL A 99 -0.59 -0.57 -5.21
N LEU A 100 -1.58 0.05 -5.83
CA LEU A 100 -2.13 1.30 -5.32
C LEU A 100 -3.27 1.09 -4.33
N GLY A 101 -4.16 0.14 -4.63
CA GLY A 101 -5.39 -0.03 -3.87
C GLY A 101 -5.36 -1.12 -2.79
N SER A 102 -4.25 -1.85 -2.71
CA SER A 102 -4.08 -2.93 -1.75
C SER A 102 -5.16 -4.01 -1.88
N VAL A 103 -5.68 -4.14 -3.10
CA VAL A 103 -6.68 -5.15 -3.40
C VAL A 103 -6.00 -6.44 -3.84
N ALA A 104 -6.48 -7.57 -3.31
CA ALA A 104 -5.95 -8.87 -3.68
C ALA A 104 -6.56 -9.36 -4.98
N LEU A 105 -5.78 -9.26 -6.06
CA LEU A 105 -6.23 -9.77 -7.35
C LEU A 105 -6.18 -11.28 -7.35
N GLN A 106 -7.26 -11.91 -7.79
CA GLN A 106 -7.38 -13.36 -7.81
C GLN A 106 -7.66 -13.88 -9.20
N PRO A 107 -6.61 -13.97 -10.05
CA PRO A 107 -6.77 -14.43 -11.43
C PRO A 107 -7.18 -15.89 -11.53
N VAL A 108 -8.08 -16.17 -12.46
CA VAL A 108 -8.48 -17.55 -12.75
C VAL A 108 -8.32 -17.80 -14.25
N PRO A 109 -8.20 -19.09 -14.64
CA PRO A 109 -8.04 -19.45 -16.05
C PRO A 109 -9.20 -18.95 -16.92
N MET A 110 -8.87 -18.43 -18.09
CA MET A 110 -9.86 -17.90 -19.01
C MET A 110 -10.15 -18.91 -20.12
N GLN A 111 -11.42 -19.11 -20.43
CA GLN A 111 -11.84 -20.07 -21.44
C GLN A 111 -11.71 -19.47 -22.83
N ALA A 112 -12.06 -20.26 -23.84
CA ALA A 112 -11.91 -19.85 -25.24
C ALA A 112 -12.77 -18.63 -25.56
N ASP A 113 -14.04 -18.68 -25.17
CA ASP A 113 -14.97 -17.58 -25.46
C ASP A 113 -14.76 -16.35 -24.57
N GLY A 114 -13.70 -16.37 -23.76
CA GLY A 114 -13.38 -15.25 -22.90
C GLY A 114 -14.06 -15.30 -21.54
N SER A 115 -14.80 -16.39 -21.30
CA SER A 115 -15.53 -16.60 -20.06
C SER A 115 -14.65 -17.19 -18.96
N LEU A 116 -15.07 -17.02 -17.71
CA LEU A 116 -14.38 -17.65 -16.60
C LEU A 116 -15.20 -18.85 -16.11
N ALA A 117 -14.56 -20.00 -16.04
CA ALA A 117 -15.23 -21.23 -15.62
C ALA A 117 -15.82 -21.07 -14.23
N LEU A 118 -17.11 -21.39 -14.13
CA LEU A 118 -17.88 -21.22 -12.89
C LEU A 118 -17.24 -21.94 -11.71
N ALA A 119 -16.67 -23.12 -11.98
CA ALA A 119 -15.99 -23.89 -10.95
C ALA A 119 -14.74 -23.16 -10.45
N ASP A 120 -14.03 -22.52 -11.38
CA ASP A 120 -12.81 -21.78 -11.03
C ASP A 120 -13.13 -20.58 -10.15
N VAL A 121 -14.19 -19.86 -10.50
CA VAL A 121 -14.57 -18.69 -9.73
C VAL A 121 -15.07 -19.10 -8.35
N ARG A 122 -15.87 -20.16 -8.28
CA ARG A 122 -16.36 -20.66 -7.00
C ARG A 122 -15.21 -21.09 -6.09
N ALA A 123 -14.22 -21.73 -6.69
CA ALA A 123 -13.06 -22.22 -5.95
C ALA A 123 -12.14 -21.08 -5.51
N ALA A 124 -12.17 -19.97 -6.24
CA ALA A 124 -11.29 -18.84 -5.97
C ALA A 124 -11.82 -17.96 -4.85
N ILE A 125 -13.14 -17.92 -4.71
CA ILE A 125 -13.77 -17.03 -3.75
C ILE A 125 -13.41 -17.42 -2.31
N ALA A 126 -12.76 -16.50 -1.62
CA ALA A 126 -12.42 -16.69 -0.21
C ALA A 126 -13.50 -16.07 0.67
N PRO A 127 -13.95 -16.83 1.68
CA PRO A 127 -15.01 -16.37 2.58
C PRO A 127 -14.51 -15.34 3.60
N ASP A 128 -15.44 -14.64 4.24
CA ASP A 128 -15.10 -13.76 5.34
C ASP A 128 -14.85 -14.62 6.58
N ASP A 129 -13.59 -14.91 6.86
CA ASP A 129 -13.25 -15.88 7.89
C ASP A 129 -12.28 -15.30 8.91
N VAL A 130 -11.84 -16.14 9.84
CA VAL A 130 -10.95 -15.72 10.91
C VAL A 130 -9.61 -15.24 10.39
N TYR A 131 -9.10 -15.91 9.35
CA TYR A 131 -7.80 -15.53 8.79
C TYR A 131 -7.91 -15.14 7.31
N PHE A 132 -9.13 -15.24 6.76
CA PHE A 132 -9.36 -14.86 5.36
C PHE A 132 -10.17 -13.58 5.19
N THR A 133 -9.55 -12.60 4.54
CA THR A 133 -10.25 -11.41 4.13
C THR A 133 -11.04 -11.78 2.87
N PRO A 134 -12.36 -11.56 2.90
CA PRO A 134 -13.25 -12.13 1.88
C PRO A 134 -13.01 -11.58 0.47
N THR A 135 -13.26 -12.44 -0.52
CA THR A 135 -13.41 -11.97 -1.89
C THR A 135 -14.64 -11.07 -1.91
N ARG A 136 -14.60 -9.99 -2.67
CA ARG A 136 -15.71 -9.05 -2.67
C ARG A 136 -16.24 -8.84 -4.09
N LEU A 137 -15.40 -9.16 -5.08
CA LEU A 137 -15.70 -8.81 -6.45
C LEU A 137 -15.32 -9.90 -7.46
N VAL A 138 -16.14 -10.01 -8.50
CA VAL A 138 -15.79 -10.80 -9.69
C VAL A 138 -15.83 -9.90 -10.93
N CYS A 139 -14.78 -9.96 -11.74
CA CYS A 139 -14.69 -9.13 -12.93
C CYS A 139 -14.79 -9.94 -14.22
N LEU A 140 -15.56 -9.43 -15.17
CA LEU A 140 -15.65 -10.04 -16.49
C LEU A 140 -15.26 -9.02 -17.56
N GLU A 141 -15.11 -9.50 -18.79
CA GLU A 141 -14.63 -8.64 -19.87
C GLU A 141 -15.43 -8.93 -21.13
N ASN A 142 -16.09 -7.90 -21.65
CA ASN A 142 -16.91 -8.05 -22.84
C ASN A 142 -16.83 -6.78 -23.68
N THR A 143 -16.17 -6.85 -24.83
CA THR A 143 -15.59 -8.09 -25.32
C THR A 143 -14.22 -8.38 -24.72
N HIS A 144 -13.76 -9.61 -24.91
CA HIS A 144 -12.42 -10.01 -24.52
C HIS A 144 -11.65 -10.47 -25.75
N ASN A 145 -10.65 -9.69 -26.14
CA ASN A 145 -9.93 -9.93 -27.39
C ASN A 145 -10.89 -10.07 -28.58
N GLY A 146 -11.91 -9.24 -28.60
CA GLY A 146 -12.87 -9.21 -29.67
C GLY A 146 -13.93 -10.31 -29.63
N LYS A 147 -13.88 -11.16 -28.62
CA LYS A 147 -14.85 -12.24 -28.52
C LYS A 147 -16.02 -11.85 -27.62
N VAL A 148 -17.22 -12.26 -28.02
CA VAL A 148 -18.42 -11.88 -27.30
C VAL A 148 -18.77 -12.92 -26.23
N LEU A 149 -18.99 -12.44 -25.01
CA LEU A 149 -19.46 -13.30 -23.93
C LEU A 149 -20.93 -13.65 -24.10
N PRO A 150 -21.24 -14.96 -24.06
CA PRO A 150 -22.63 -15.42 -24.19
C PRO A 150 -23.48 -14.95 -23.00
N LEU A 151 -24.65 -14.38 -23.29
CA LEU A 151 -25.52 -13.82 -22.26
C LEU A 151 -26.03 -14.82 -21.20
N PRO A 152 -26.39 -16.07 -21.60
CA PRO A 152 -26.78 -17.00 -20.54
C PRO A 152 -25.66 -17.20 -19.52
N TYR A 153 -24.42 -17.20 -19.98
CA TYR A 153 -23.27 -17.28 -19.08
C TYR A 153 -23.25 -16.07 -18.15
N LEU A 154 -23.52 -14.88 -18.69
CA LEU A 154 -23.52 -13.64 -17.91
C LEU A 154 -24.53 -13.68 -16.77
N ARG A 155 -25.77 -14.06 -17.10
CA ARG A 155 -26.83 -14.20 -16.10
C ARG A 155 -26.44 -15.24 -15.06
N GLU A 156 -25.76 -16.29 -15.54
CA GLU A 156 -25.33 -17.39 -14.67
C GLU A 156 -24.22 -16.95 -13.71
N MET A 157 -23.30 -16.11 -14.18
CA MET A 157 -22.24 -15.60 -13.33
C MET A 157 -22.84 -14.69 -12.26
N ARG A 158 -23.88 -13.95 -12.63
CA ARG A 158 -24.62 -13.12 -11.67
C ARG A 158 -25.18 -13.96 -10.53
N GLU A 159 -25.71 -15.12 -10.88
CA GLU A 159 -26.23 -16.06 -9.90
C GLU A 159 -25.14 -16.52 -8.94
N LEU A 160 -23.95 -16.78 -9.49
CA LEU A 160 -22.83 -17.23 -8.66
C LEU A 160 -22.35 -16.16 -7.68
N VAL A 161 -22.27 -14.92 -8.13
CA VAL A 161 -21.77 -13.85 -7.27
C VAL A 161 -22.82 -13.49 -6.21
N ASP A 162 -24.09 -13.61 -6.57
CA ASP A 162 -25.18 -13.39 -5.63
C ASP A 162 -25.19 -14.46 -4.54
N GLU A 163 -24.82 -15.66 -4.93
CA GLU A 163 -24.76 -16.80 -4.01
C GLU A 163 -23.81 -16.52 -2.86
N HIS A 164 -22.79 -15.70 -3.13
CA HIS A 164 -21.78 -15.38 -2.13
C HIS A 164 -21.90 -13.92 -1.68
N GLY A 165 -22.96 -13.26 -2.13
CA GLY A 165 -23.23 -11.88 -1.76
C GLY A 165 -22.18 -10.91 -2.28
N LEU A 166 -21.56 -11.26 -3.40
CA LEU A 166 -20.49 -10.46 -3.98
C LEU A 166 -21.01 -9.44 -4.99
N GLN A 167 -20.10 -8.64 -5.53
CA GLN A 167 -20.43 -7.69 -6.59
C GLN A 167 -19.92 -8.22 -7.93
N LEU A 168 -20.46 -7.68 -9.01
CA LEU A 168 -20.06 -8.09 -10.35
C LEU A 168 -19.73 -6.88 -11.20
N HIS A 169 -18.50 -6.82 -11.70
CA HIS A 169 -18.07 -5.68 -12.51
C HIS A 169 -17.75 -6.09 -13.94
N LEU A 170 -18.18 -5.27 -14.89
CA LEU A 170 -17.91 -5.52 -16.30
C LEU A 170 -16.89 -4.55 -16.86
N ASP A 171 -15.80 -5.08 -17.39
CA ASP A 171 -14.90 -4.29 -18.23
C ASP A 171 -15.50 -4.26 -19.63
N GLY A 172 -16.34 -3.27 -19.90
CA GLY A 172 -17.00 -3.17 -21.20
C GLY A 172 -16.35 -2.13 -22.08
N ALA A 173 -15.02 -2.12 -22.08
CA ALA A 173 -14.24 -1.23 -22.93
C ALA A 173 -14.70 -1.33 -24.38
N ARG A 174 -15.11 -2.55 -24.75
CA ARG A 174 -15.65 -2.81 -26.07
C ARG A 174 -17.04 -3.45 -25.97
N LEU A 175 -17.85 -2.92 -25.06
CA LEU A 175 -19.20 -3.42 -24.84
C LEU A 175 -20.10 -3.27 -26.06
N PHE A 176 -20.01 -2.12 -26.73
CA PHE A 176 -20.91 -1.82 -27.83
C PHE A 176 -20.57 -2.63 -29.08
N ASN A 177 -19.33 -3.11 -29.15
CA ASN A 177 -18.97 -4.07 -30.18
C ASN A 177 -19.72 -5.38 -29.95
N ALA A 178 -19.83 -5.77 -28.69
CA ALA A 178 -20.57 -6.99 -28.31
C ALA A 178 -22.06 -6.80 -28.52
N VAL A 179 -22.54 -5.58 -28.28
CA VAL A 179 -23.94 -5.25 -28.48
C VAL A 179 -24.32 -5.42 -29.95
N VAL A 180 -23.59 -4.74 -30.83
CA VAL A 180 -23.86 -4.77 -32.26
C VAL A 180 -23.70 -6.17 -32.84
N ALA A 181 -22.67 -6.89 -32.40
CA ALA A 181 -22.36 -8.20 -32.95
C ALA A 181 -23.37 -9.28 -32.50
N SER A 182 -23.80 -9.22 -31.25
CA SER A 182 -24.65 -10.26 -30.68
C SER A 182 -26.13 -10.05 -30.98
N GLY A 183 -26.54 -8.80 -31.12
CA GLY A 183 -27.94 -8.50 -31.38
C GLY A 183 -28.77 -8.31 -30.12
N HIS A 184 -28.09 -8.23 -28.98
CA HIS A 184 -28.76 -7.94 -27.71
C HIS A 184 -28.61 -6.46 -27.39
N THR A 185 -29.61 -5.89 -26.73
CA THR A 185 -29.54 -4.48 -26.35
C THR A 185 -28.44 -4.28 -25.30
N VAL A 186 -28.06 -3.03 -25.09
CA VAL A 186 -27.04 -2.73 -24.10
C VAL A 186 -27.58 -3.05 -22.71
N ARG A 187 -28.89 -2.89 -22.53
CA ARG A 187 -29.55 -3.15 -21.26
C ARG A 187 -29.44 -4.62 -20.86
N GLU A 188 -29.65 -5.51 -21.83
CA GLU A 188 -29.61 -6.94 -21.56
C GLU A 188 -28.21 -7.42 -21.19
N LEU A 189 -27.19 -6.80 -21.76
CA LEU A 189 -25.81 -7.23 -21.53
C LEU A 189 -25.20 -6.62 -20.27
N VAL A 190 -25.80 -5.56 -19.75
CA VAL A 190 -25.26 -4.94 -18.54
C VAL A 190 -26.17 -5.17 -17.34
N ALA A 191 -27.32 -5.79 -17.57
CA ALA A 191 -28.25 -6.12 -16.49
C ALA A 191 -27.65 -7.02 -15.41
N PRO A 192 -26.87 -8.04 -15.79
CA PRO A 192 -26.29 -8.86 -14.71
C PRO A 192 -25.17 -8.16 -13.94
N PHE A 193 -24.73 -7.00 -14.40
CA PHE A 193 -23.58 -6.36 -13.75
C PHE A 193 -23.98 -5.29 -12.74
N ASP A 194 -23.19 -5.18 -11.67
CA ASP A 194 -23.39 -4.14 -10.67
C ASP A 194 -22.75 -2.84 -11.11
N SER A 195 -21.64 -2.96 -11.84
CA SER A 195 -20.92 -1.79 -12.33
C SER A 195 -20.33 -2.07 -13.71
N VAL A 196 -20.26 -1.04 -14.54
CA VAL A 196 -19.75 -1.17 -15.91
C VAL A 196 -18.80 -0.04 -16.28
N SER A 197 -17.64 -0.41 -16.83
CA SER A 197 -16.73 0.53 -17.45
C SER A 197 -16.86 0.46 -18.96
N ILE A 198 -17.21 1.57 -19.60
CA ILE A 198 -17.24 1.61 -21.06
C ILE A 198 -16.24 2.64 -21.58
N CYS A 199 -15.44 2.22 -22.56
CA CYS A 199 -14.46 3.10 -23.14
CA CYS A 199 -14.45 3.09 -23.15
C CYS A 199 -15.03 3.89 -24.31
N LEU A 200 -14.80 5.20 -24.30
CA LEU A 200 -15.27 6.08 -25.35
C LEU A 200 -14.15 6.36 -26.34
N SER A 201 -12.94 5.99 -25.97
CA SER A 201 -11.74 6.35 -26.72
C SER A 201 -11.22 5.21 -27.60
N LYS A 202 -12.09 4.28 -27.93
CA LYS A 202 -11.71 3.25 -28.88
C LYS A 202 -12.56 3.32 -30.13
N GLY A 203 -13.30 2.26 -30.41
CA GLY A 203 -14.16 2.18 -31.58
C GLY A 203 -15.14 3.33 -31.72
N LEU A 204 -15.60 3.86 -30.60
CA LEU A 204 -16.59 4.95 -30.61
C LEU A 204 -15.95 6.25 -31.08
N GLY A 205 -14.63 6.34 -31.01
CA GLY A 205 -13.91 7.42 -31.67
C GLY A 205 -13.71 8.73 -30.91
N ALA A 206 -14.22 8.81 -29.68
CA ALA A 206 -13.94 9.99 -28.86
C ALA A 206 -12.45 10.00 -28.53
N PRO A 207 -11.87 11.19 -28.36
CA PRO A 207 -10.41 11.28 -28.18
C PRO A 207 -9.91 10.85 -26.79
N VAL A 208 -10.70 11.09 -25.75
CA VAL A 208 -10.24 10.82 -24.40
C VAL A 208 -11.35 10.28 -23.49
N GLY A 209 -11.04 9.20 -22.77
CA GLY A 209 -11.82 8.85 -21.61
C GLY A 209 -12.79 7.67 -21.63
N SER A 210 -13.31 7.38 -20.44
CA SER A 210 -14.26 6.30 -20.25
C SER A 210 -15.35 6.71 -19.28
N LEU A 211 -16.36 5.85 -19.14
CA LEU A 211 -17.43 6.08 -18.18
C LEU A 211 -17.57 4.90 -17.25
N LEU A 212 -17.56 5.19 -15.95
CA LEU A 212 -17.81 4.16 -14.95
C LEU A 212 -19.24 4.31 -14.49
N VAL A 213 -20.02 3.24 -14.61
CA VAL A 213 -21.45 3.31 -14.34
C VAL A 213 -21.83 2.32 -13.25
N GLY A 214 -22.71 2.74 -12.36
CA GLY A 214 -23.19 1.89 -11.28
C GLY A 214 -24.16 2.60 -10.36
N SER A 215 -24.27 2.11 -9.14
CA SER A 215 -25.19 2.71 -8.17
C SER A 215 -24.69 4.06 -7.71
N HIS A 216 -25.57 4.84 -7.08
CA HIS A 216 -25.18 6.14 -6.54
C HIS A 216 -24.06 6.00 -5.53
N ALA A 217 -24.23 5.08 -4.59
CA ALA A 217 -23.27 4.84 -3.53
C ALA A 217 -21.91 4.40 -4.07
N PHE A 218 -21.94 3.48 -5.04
CA PHE A 218 -20.72 2.99 -5.67
C PHE A 218 -19.96 4.10 -6.37
N ILE A 219 -20.68 4.90 -7.14
CA ILE A 219 -20.08 5.99 -7.89
C ILE A 219 -19.58 7.07 -6.93
N ALA A 220 -20.30 7.25 -5.83
CA ALA A 220 -19.90 8.19 -4.79
C ALA A 220 -18.52 7.84 -4.25
N ARG A 221 -18.28 6.54 -4.06
CA ARG A 221 -16.98 6.07 -3.62
C ARG A 221 -15.94 6.26 -4.72
N ALA A 222 -16.34 5.93 -5.96
CA ALA A 222 -15.47 6.06 -7.11
C ALA A 222 -15.08 7.51 -7.37
N ARG A 223 -16.02 8.42 -7.14
CA ARG A 223 -15.78 9.84 -7.35
C ARG A 223 -14.78 10.37 -6.33
N ARG A 224 -14.83 9.84 -5.12
CA ARG A 224 -13.89 10.25 -4.08
C ARG A 224 -12.49 9.75 -4.39
N LEU A 225 -12.39 8.51 -4.87
CA LEU A 225 -11.11 7.91 -5.20
C LEU A 225 -10.53 8.54 -6.47
N ARG A 226 -11.40 9.03 -7.36
CA ARG A 226 -10.95 9.68 -8.59
C ARG A 226 -10.13 10.91 -8.27
N LYS A 227 -10.55 11.63 -7.24
CA LYS A 227 -9.84 12.83 -6.79
C LYS A 227 -8.44 12.47 -6.31
N MET A 228 -8.34 11.36 -5.57
CA MET A 228 -7.07 10.91 -5.00
C MET A 228 -6.06 10.44 -6.06
N VAL A 229 -6.56 9.72 -7.07
CA VAL A 229 -5.68 9.19 -8.10
C VAL A 229 -5.30 10.24 -9.14
N GLY A 230 -5.98 11.39 -9.11
CA GLY A 230 -5.64 12.50 -9.98
C GLY A 230 -6.56 12.63 -11.19
N GLY A 231 -7.72 11.99 -11.14
CA GLY A 231 -8.66 12.03 -12.24
C GLY A 231 -9.65 13.19 -12.21
N GLY A 232 -9.52 14.06 -11.21
CA GLY A 232 -10.44 15.18 -11.05
C GLY A 232 -10.11 16.36 -11.94
N MET A 233 -10.79 16.43 -13.08
CA MET A 233 -10.57 17.46 -14.08
C MET A 233 -11.48 18.67 -13.90
N ARG A 234 -11.18 19.75 -14.63
CA ARG A 234 -11.95 20.98 -14.55
C ARG A 234 -13.01 21.05 -15.66
N GLN A 235 -12.69 21.73 -16.74
CA GLN A 235 -13.64 21.89 -17.85
C GLN A 235 -13.53 20.73 -18.83
N ALA A 236 -13.92 19.54 -18.38
CA ALA A 236 -13.80 18.34 -19.20
C ALA A 236 -15.00 18.14 -20.11
N GLY A 237 -15.94 19.10 -20.07
CA GLY A 237 -17.13 19.02 -20.89
C GLY A 237 -16.85 18.93 -22.37
N ILE A 238 -15.73 19.50 -22.79
CA ILE A 238 -15.31 19.41 -24.18
C ILE A 238 -15.02 17.96 -24.54
N LEU A 239 -14.32 17.28 -23.63
CA LEU A 239 -14.07 15.85 -23.80
C LEU A 239 -15.35 15.04 -23.69
N ALA A 240 -16.14 15.35 -22.65
CA ALA A 240 -17.36 14.62 -22.35
C ALA A 240 -18.38 14.70 -23.48
N GLN A 241 -18.48 15.87 -24.09
CA GLN A 241 -19.44 16.08 -25.16
C GLN A 241 -19.08 15.21 -26.36
N ALA A 242 -17.79 15.05 -26.60
CA ALA A 242 -17.30 14.16 -27.65
C ALA A 242 -17.69 12.72 -27.33
N GLY A 243 -17.65 12.35 -26.05
CA GLY A 243 -18.06 11.02 -25.63
C GLY A 243 -19.55 10.83 -25.83
N LEU A 244 -20.31 11.89 -25.58
CA LEU A 244 -21.75 11.87 -25.80
C LEU A 244 -22.08 11.72 -27.27
N PHE A 245 -21.36 12.46 -28.13
CA PHE A 245 -21.52 12.36 -29.56
C PHE A 245 -21.25 10.93 -30.05
N ALA A 246 -20.16 10.36 -29.55
CA ALA A 246 -19.74 9.02 -29.94
C ALA A 246 -20.79 7.96 -29.61
N LEU A 247 -21.38 8.08 -28.43
CA LEU A 247 -22.39 7.13 -27.98
C LEU A 247 -23.67 7.25 -28.83
N GLN A 248 -23.98 8.48 -29.26
CA GLN A 248 -25.19 8.74 -30.01
C GLN A 248 -25.06 8.52 -31.52
N GLN A 249 -23.85 8.62 -32.04
CA GLN A 249 -23.67 8.61 -33.49
C GLN A 249 -22.76 7.50 -34.02
N HIS A 250 -21.95 6.88 -33.15
CA HIS A 250 -20.90 5.98 -33.64
C HIS A 250 -21.07 4.52 -33.22
N VAL A 251 -22.23 4.17 -32.68
CA VAL A 251 -22.45 2.80 -32.24
C VAL A 251 -22.86 1.90 -33.40
N VAL A 252 -23.83 2.35 -34.19
CA VAL A 252 -24.34 1.54 -35.29
C VAL A 252 -23.25 1.17 -36.29
N ARG A 253 -22.40 2.14 -36.64
CA ARG A 253 -21.39 1.93 -37.67
C ARG A 253 -20.27 0.98 -37.25
N LEU A 254 -20.29 0.51 -36.00
CA LEU A 254 -19.32 -0.46 -35.53
C LEU A 254 -19.44 -1.79 -36.29
N ALA A 255 -20.63 -2.05 -36.81
CA ALA A 255 -20.86 -3.24 -37.64
C ALA A 255 -19.94 -3.28 -38.86
N ASP A 256 -19.60 -2.10 -39.38
CA ASP A 256 -18.70 -2.02 -40.52
C ASP A 256 -17.30 -2.48 -40.13
N ASP A 257 -16.85 -2.07 -38.94
CA ASP A 257 -15.56 -2.53 -38.43
C ASP A 257 -15.55 -4.05 -38.33
N HIS A 258 -16.68 -4.62 -37.94
CA HIS A 258 -16.83 -6.07 -37.83
C HIS A 258 -16.83 -6.69 -39.22
N ARG A 259 -17.49 -6.02 -40.16
CA ARG A 259 -17.53 -6.50 -41.54
C ARG A 259 -16.13 -6.47 -42.16
N ARG A 260 -15.41 -5.37 -41.96
CA ARG A 260 -14.07 -5.26 -42.53
C ARG A 260 -13.09 -6.22 -41.83
N ALA A 261 -13.30 -6.46 -40.55
CA ALA A 261 -12.47 -7.39 -39.80
C ALA A 261 -12.71 -8.82 -40.26
N ARG A 262 -13.98 -9.18 -40.46
CA ARG A 262 -14.33 -10.51 -40.93
C ARG A 262 -13.83 -10.75 -42.35
N GLN A 263 -13.96 -9.75 -43.21
CA GLN A 263 -13.49 -9.84 -44.58
C GLN A 263 -11.97 -9.91 -44.64
N LEU A 264 -11.31 -9.31 -43.67
CA LEU A 264 -9.85 -9.39 -43.57
C LEU A 264 -9.41 -10.82 -43.25
N ALA A 265 -10.08 -11.44 -42.29
CA ALA A 265 -9.75 -12.80 -41.87
C ALA A 265 -10.05 -13.78 -43.00
N GLU A 266 -11.15 -13.54 -43.69
CA GLU A 266 -11.58 -14.32 -44.84
C GLU A 266 -10.53 -14.23 -45.94
N GLY A 267 -9.99 -13.04 -46.13
CA GLY A 267 -9.00 -12.79 -47.15
C GLY A 267 -7.72 -13.56 -46.88
N LEU A 268 -7.38 -13.74 -45.62
CA LEU A 268 -6.16 -14.42 -45.25
C LEU A 268 -6.34 -15.94 -45.36
N ALA A 269 -6.83 -16.38 -46.51
CA ALA A 269 -7.06 -17.78 -46.81
C ALA A 269 -5.79 -18.44 -47.36
N ALA A 270 -4.71 -17.66 -47.42
CA ALA A 270 -3.43 -18.17 -47.91
C ALA A 270 -2.54 -18.73 -46.79
N LEU A 271 -1.58 -19.56 -47.20
CA LEU A 271 -0.60 -20.18 -46.32
C LEU A 271 -1.17 -20.65 -44.97
N LEU A 278 -10.79 -18.57 -36.84
CA LEU A 278 -11.72 -17.61 -37.44
C LEU A 278 -13.00 -17.51 -36.61
N ALA A 279 -13.16 -18.43 -35.67
CA ALA A 279 -14.31 -18.44 -34.79
C ALA A 279 -14.18 -17.37 -33.71
N GLN A 280 -12.97 -16.82 -33.58
CA GLN A 280 -12.71 -15.77 -32.60
C GLN A 280 -12.82 -14.40 -33.25
N VAL A 281 -13.16 -14.38 -34.54
CA VAL A 281 -13.46 -13.13 -35.23
C VAL A 281 -14.95 -12.86 -35.17
N GLN A 282 -15.37 -12.20 -34.10
CA GLN A 282 -16.78 -11.92 -33.87
C GLN A 282 -17.03 -10.42 -33.91
N THR A 283 -15.97 -9.64 -33.74
CA THR A 283 -16.07 -8.20 -33.82
C THR A 283 -14.97 -7.59 -34.71
N ASN A 284 -14.20 -6.68 -34.15
CA ASN A 284 -13.21 -5.94 -34.94
C ASN A 284 -11.77 -6.38 -34.73
N MET A 285 -11.56 -7.65 -34.40
CA MET A 285 -10.20 -8.15 -34.19
C MET A 285 -9.88 -9.39 -35.00
N VAL A 286 -8.65 -9.47 -35.48
CA VAL A 286 -8.15 -10.64 -36.20
C VAL A 286 -6.82 -11.09 -35.58
N PHE A 287 -6.82 -12.28 -34.99
CA PHE A 287 -5.62 -12.86 -34.40
C PHE A 287 -4.96 -13.92 -35.27
N LEU A 288 -3.63 -13.86 -35.36
CA LEU A 288 -2.87 -14.69 -36.28
C LEU A 288 -1.61 -15.23 -35.60
N GLN A 289 -1.15 -16.39 -36.03
CA GLN A 289 0.09 -16.96 -35.51
C GLN A 289 0.95 -17.54 -36.63
N ALA A 296 8.86 -10.46 -36.38
CA ALA A 296 9.62 -9.23 -36.61
C ALA A 296 9.97 -8.98 -38.09
N PRO A 297 10.41 -10.02 -38.83
CA PRO A 297 10.63 -9.75 -40.26
C PRO A 297 9.33 -9.42 -40.99
N LEU A 298 8.23 -9.99 -40.50
CA LEU A 298 6.91 -9.73 -41.06
C LEU A 298 6.53 -8.26 -40.86
N LEU A 299 6.78 -7.76 -39.65
CA LEU A 299 6.47 -6.38 -39.30
C LEU A 299 7.21 -5.39 -40.20
N ALA A 300 8.46 -5.72 -40.51
CA ALA A 300 9.28 -4.85 -41.35
C ALA A 300 8.70 -4.69 -42.75
N PHE A 301 8.29 -5.79 -43.37
CA PHE A 301 7.66 -5.74 -44.68
C PHE A 301 6.36 -4.94 -44.65
N MET A 302 5.54 -5.21 -43.65
CA MET A 302 4.24 -4.56 -43.53
C MET A 302 4.40 -3.07 -43.30
N LYS A 303 5.30 -2.70 -42.39
CA LYS A 303 5.59 -1.30 -42.12
C LYS A 303 6.03 -0.60 -43.40
N ALA A 304 6.83 -1.31 -44.19
CA ALA A 304 7.32 -0.79 -45.46
C ALA A 304 6.19 -0.57 -46.45
N ARG A 305 5.07 -1.23 -46.22
CA ARG A 305 3.91 -1.08 -47.08
C ARG A 305 2.85 -0.20 -46.42
N GLY A 306 3.27 0.57 -45.42
CA GLY A 306 2.37 1.47 -44.72
C GLY A 306 1.33 0.72 -43.91
N ILE A 307 1.71 -0.46 -43.42
CA ILE A 307 0.81 -1.29 -42.65
C ILE A 307 1.31 -1.52 -41.23
N LEU A 308 0.50 -1.13 -40.26
CA LEU A 308 0.89 -1.18 -38.86
C LEU A 308 -0.05 -2.07 -38.06
N PHE A 309 0.53 -3.03 -37.33
CA PHE A 309 -0.24 -3.79 -36.35
C PHE A 309 0.65 -4.32 -35.23
N SER A 310 0.05 -5.12 -34.34
CA SER A 310 0.74 -5.61 -33.15
C SER A 310 0.65 -7.14 -33.03
N GLY A 313 3.18 -11.94 -28.62
CA GLY A 313 3.23 -13.34 -28.99
C GLY A 313 2.33 -13.66 -30.14
N GLU A 314 1.05 -13.32 -30.01
CA GLU A 314 0.10 -13.51 -31.10
C GLU A 314 -0.24 -12.17 -31.76
N LEU A 315 -0.20 -12.16 -33.09
CA LEU A 315 -0.46 -10.95 -33.88
C LEU A 315 -1.92 -10.52 -33.83
N ARG A 316 -2.15 -9.25 -33.54
CA ARG A 316 -3.50 -8.71 -33.43
C ARG A 316 -3.73 -7.59 -34.43
N LEU A 317 -4.78 -7.76 -35.23
CA LEU A 317 -5.16 -6.76 -36.22
C LEU A 317 -6.53 -6.21 -35.86
N VAL A 318 -6.62 -4.90 -35.72
CA VAL A 318 -7.84 -4.25 -35.24
C VAL A 318 -8.39 -3.24 -36.24
N THR A 319 -9.66 -3.38 -36.58
CA THR A 319 -10.30 -2.46 -37.52
C THR A 319 -11.06 -1.36 -36.77
N HIS A 320 -11.24 -0.22 -37.43
CA HIS A 320 -11.92 0.93 -36.82
C HIS A 320 -12.38 1.89 -37.92
N LEU A 321 -12.98 3.02 -37.55
CA LEU A 321 -13.63 3.88 -38.54
C LEU A 321 -12.68 4.54 -39.53
N GLN A 322 -11.38 4.48 -39.24
CA GLN A 322 -10.40 5.03 -40.17
C GLN A 322 -9.68 3.92 -40.94
N ILE A 323 -10.28 2.74 -40.92
CA ILE A 323 -9.89 1.64 -41.81
C ILE A 323 -10.98 1.45 -42.86
N HIS A 324 -10.61 1.50 -44.13
CA HIS A 324 -11.61 1.37 -45.20
C HIS A 324 -11.40 0.11 -46.03
N ASP A 325 -12.35 -0.16 -46.93
CA ASP A 325 -12.36 -1.38 -47.73
C ASP A 325 -11.08 -1.56 -48.54
N ASP A 326 -10.59 -0.48 -49.13
CA ASP A 326 -9.38 -0.55 -49.94
C ASP A 326 -8.17 -0.87 -49.08
N ASP A 327 -8.16 -0.35 -47.85
CA ASP A 327 -7.11 -0.67 -46.90
C ASP A 327 -7.06 -2.18 -46.64
N ILE A 328 -8.23 -2.78 -46.44
CA ILE A 328 -8.31 -4.21 -46.15
C ILE A 328 -7.71 -5.08 -47.26
N GLU A 329 -8.09 -4.80 -48.50
CA GLU A 329 -7.58 -5.59 -49.61
C GLU A 329 -6.10 -5.29 -49.85
N GLU A 330 -5.66 -4.09 -49.45
CA GLU A 330 -4.26 -3.71 -49.57
C GLU A 330 -3.39 -4.52 -48.60
N VAL A 331 -3.89 -4.76 -47.40
CA VAL A 331 -3.12 -5.52 -46.43
C VAL A 331 -3.22 -7.01 -46.72
N ILE A 332 -4.30 -7.42 -47.38
CA ILE A 332 -4.44 -8.79 -47.85
C ILE A 332 -3.43 -9.04 -48.96
N ASP A 333 -3.26 -8.06 -49.83
CA ASP A 333 -2.28 -8.15 -50.90
C ASP A 333 -0.87 -8.30 -50.34
N ALA A 334 -0.58 -7.54 -49.28
CA ALA A 334 0.73 -7.59 -48.64
C ALA A 334 1.00 -8.97 -48.06
N PHE A 335 -0.01 -9.56 -47.42
CA PHE A 335 0.13 -10.90 -46.86
C PHE A 335 0.34 -11.95 -47.95
N THR A 336 -0.47 -11.90 -48.99
CA THR A 336 -0.31 -12.82 -50.12
C THR A 336 1.06 -12.70 -50.77
N GLU A 337 1.45 -11.46 -51.07
CA GLU A 337 2.73 -11.16 -51.69
C GLU A 337 3.89 -11.62 -50.81
N TYR A 338 3.68 -11.56 -49.50
CA TYR A 338 4.67 -12.01 -48.52
C TYR A 338 4.75 -13.54 -48.47
N LEU A 339 3.68 -14.19 -48.95
CA LEU A 339 3.51 -15.64 -48.87
C LEU A 339 3.48 -16.07 -47.40
N ARG B 5 30.12 -7.44 33.08
CA ARG B 5 28.81 -6.81 33.19
C ARG B 5 28.86 -5.32 32.85
N TYR B 6 27.77 -4.83 32.26
CA TYR B 6 27.63 -3.42 31.90
C TYR B 6 26.47 -2.79 32.68
N ILE B 7 26.62 -1.52 33.02
CA ILE B 7 25.51 -0.77 33.60
C ILE B 7 24.75 -0.12 32.45
N ASP B 8 23.65 -0.75 32.08
CA ASP B 8 22.93 -0.41 30.85
C ASP B 8 21.72 0.48 31.13
N LEU B 9 21.89 1.78 30.89
CA LEU B 9 20.82 2.75 31.08
C LEU B 9 20.28 3.23 29.73
N ARG B 10 20.58 2.48 28.67
CA ARG B 10 20.14 2.83 27.32
C ARG B 10 18.62 2.77 27.17
N SER B 11 18.04 1.71 27.74
CA SER B 11 16.61 1.47 27.64
C SER B 11 16.16 0.40 28.63
N ASP B 12 14.86 0.37 28.91
CA ASP B 12 14.32 -0.68 29.77
C ASP B 12 14.00 -1.93 28.94
N THR B 13 14.35 -1.91 27.66
CA THR B 13 14.14 -3.05 26.78
C THR B 13 15.21 -4.12 27.00
N VAL B 14 16.31 -3.74 27.65
CA VAL B 14 17.42 -4.66 27.86
C VAL B 14 17.18 -5.51 29.10
N THR B 15 16.00 -5.37 29.70
CA THR B 15 15.64 -6.16 30.86
C THR B 15 15.73 -7.64 30.54
N GLN B 16 16.37 -8.39 31.43
CA GLN B 16 16.55 -9.82 31.26
C GLN B 16 15.52 -10.59 32.08
N PRO B 17 15.19 -11.81 31.65
CA PRO B 17 14.25 -12.62 32.43
C PRO B 17 14.86 -13.06 33.76
N THR B 18 14.11 -12.88 34.85
CA THR B 18 14.57 -13.35 36.15
C THR B 18 14.55 -14.87 36.19
N ASP B 19 15.25 -15.46 37.15
CA ASP B 19 15.25 -16.91 37.30
C ASP B 19 13.84 -17.42 37.55
N ALA B 20 13.09 -16.66 38.34
CA ALA B 20 11.71 -16.99 38.63
C ALA B 20 10.88 -17.03 37.35
N MET B 21 11.12 -16.05 36.48
CA MET B 21 10.45 -16.00 35.19
C MET B 21 10.86 -17.16 34.30
N ARG B 22 12.16 -17.46 34.26
CA ARG B 22 12.67 -18.60 33.48
C ARG B 22 12.06 -19.91 33.96
N GLN B 23 11.92 -20.07 35.28
CA GLN B 23 11.27 -21.25 35.84
C GLN B 23 9.82 -21.34 35.37
N CYS B 24 9.15 -20.19 35.33
CA CYS B 24 7.77 -20.12 34.86
C CYS B 24 7.68 -20.54 33.39
N MET B 25 8.66 -20.12 32.60
CA MET B 25 8.69 -20.47 31.17
C MET B 25 8.92 -21.97 30.95
N LEU B 26 9.81 -22.55 31.76
CA LEU B 26 10.13 -23.97 31.66
C LEU B 26 8.88 -24.85 31.78
N HIS B 27 7.98 -24.48 32.68
CA HIS B 27 6.80 -25.30 32.98
C HIS B 27 5.55 -24.80 32.28
N ALA B 28 5.73 -23.86 31.34
CA ALA B 28 4.61 -23.33 30.59
C ALA B 28 4.01 -24.39 29.68
N GLU B 29 2.69 -24.56 29.75
CA GLU B 29 1.99 -25.46 28.84
C GLU B 29 1.72 -24.73 27.53
N VAL B 30 1.99 -25.39 26.41
CA VAL B 30 1.86 -24.72 25.11
C VAL B 30 1.04 -25.51 24.10
N GLY B 31 0.70 -24.86 23.00
CA GLY B 31 -0.03 -25.48 21.91
C GLY B 31 0.09 -24.59 20.69
N ASP B 32 -0.68 -24.89 19.64
CA ASP B 32 -0.66 -24.08 18.42
C ASP B 32 -1.60 -22.89 18.54
N ASP B 33 -1.02 -21.69 18.70
CA ASP B 33 -1.81 -20.49 18.92
C ASP B 33 -2.68 -20.12 17.73
N VAL B 34 -2.22 -20.48 16.54
CA VAL B 34 -3.00 -20.27 15.32
C VAL B 34 -4.34 -21.00 15.37
N TYR B 35 -4.34 -22.16 16.02
CA TYR B 35 -5.57 -22.91 16.24
C TYR B 35 -6.27 -22.41 17.50
N GLY B 36 -5.66 -21.42 18.15
CA GLY B 36 -6.18 -20.87 19.39
C GLY B 36 -6.08 -21.88 20.52
N GLU B 37 -5.11 -22.78 20.42
CA GLU B 37 -5.00 -23.91 21.33
C GLU B 37 -3.78 -23.86 22.24
N ASP B 38 -3.17 -22.69 22.35
CA ASP B 38 -2.06 -22.51 23.28
C ASP B 38 -2.59 -21.97 24.60
N PRO B 39 -2.55 -22.80 25.65
CA PRO B 39 -3.08 -22.42 26.96
C PRO B 39 -2.32 -21.25 27.57
N GLY B 40 -1.03 -21.13 27.25
CA GLY B 40 -0.22 -20.05 27.77
C GLY B 40 -0.59 -18.70 27.19
N VAL B 41 -0.79 -18.65 25.88
CA VAL B 41 -1.19 -17.42 25.22
C VAL B 41 -2.61 -17.02 25.61
N ASN B 42 -3.52 -17.99 25.57
CA ASN B 42 -4.92 -17.76 25.92
C ASN B 42 -5.07 -17.22 27.34
N ALA B 43 -4.27 -17.76 28.25
CA ALA B 43 -4.31 -17.33 29.65
C ALA B 43 -3.85 -15.87 29.77
N LEU B 44 -2.72 -15.55 29.13
CA LEU B 44 -2.21 -14.19 29.12
C LEU B 44 -3.23 -13.21 28.54
N GLU B 45 -3.83 -13.58 27.41
CA GLU B 45 -4.81 -12.72 26.74
C GLU B 45 -6.06 -12.54 27.59
N ALA B 46 -6.53 -13.62 28.20
CA ALA B 46 -7.70 -13.55 29.07
C ALA B 46 -7.41 -12.66 30.28
N TYR B 47 -6.27 -12.88 30.91
CA TYR B 47 -5.88 -12.11 32.08
C TYR B 47 -5.68 -10.64 31.72
N GLY B 48 -5.03 -10.40 30.58
CA GLY B 48 -4.74 -9.05 30.14
C GLY B 48 -5.98 -8.25 29.81
N ALA B 49 -6.90 -8.86 29.06
CA ALA B 49 -8.14 -8.19 28.68
C ALA B 49 -8.93 -7.78 29.91
N ASP B 50 -8.99 -8.67 30.89
CA ASP B 50 -9.71 -8.39 32.12
C ASP B 50 -8.98 -7.34 32.95
N LEU B 51 -7.66 -7.42 32.98
CA LEU B 51 -6.83 -6.47 33.72
C LEU B 51 -7.07 -5.04 33.25
N LEU B 52 -7.31 -4.87 31.95
CA LEU B 52 -7.55 -3.56 31.37
C LEU B 52 -9.05 -3.33 31.20
N GLY B 53 -9.84 -4.33 31.56
CA GLY B 53 -11.28 -4.23 31.52
C GLY B 53 -11.86 -4.13 30.12
N LYS B 54 -11.25 -4.83 29.17
CA LYS B 54 -11.77 -4.87 27.80
C LYS B 54 -12.19 -6.29 27.45
N GLU B 55 -12.81 -6.45 26.29
CA GLU B 55 -13.43 -7.71 25.90
C GLU B 55 -12.41 -8.76 25.46
N ALA B 56 -11.37 -8.33 24.75
CA ALA B 56 -10.44 -9.29 24.16
C ALA B 56 -9.01 -8.76 24.13
N ALA B 57 -8.06 -9.67 23.98
CA ALA B 57 -6.64 -9.31 23.92
C ALA B 57 -5.90 -10.17 22.89
N LEU B 58 -4.78 -9.64 22.40
CA LEU B 58 -4.02 -10.31 21.35
C LEU B 58 -2.52 -10.23 21.60
N PHE B 59 -1.86 -11.37 21.66
CA PHE B 59 -0.42 -11.40 21.90
C PHE B 59 0.38 -11.25 20.62
N VAL B 60 1.32 -10.30 20.62
CA VAL B 60 2.13 -10.02 19.45
C VAL B 60 3.60 -9.95 19.83
N PRO B 61 4.50 -10.22 18.86
CA PRO B 61 5.94 -10.23 19.11
C PRO B 61 6.55 -8.89 19.52
N SER B 62 5.87 -7.78 19.23
CA SER B 62 6.42 -6.48 19.59
C SER B 62 5.33 -5.43 19.76
N GLY B 63 5.69 -4.32 20.41
CA GLY B 63 4.78 -3.19 20.57
C GLY B 63 4.53 -2.49 19.25
N THR B 64 5.51 -2.52 18.36
CA THR B 64 5.35 -1.96 17.03
C THR B 64 4.23 -2.67 16.28
N MET B 65 4.19 -4.00 16.35
CA MET B 65 3.14 -4.75 15.68
C MET B 65 1.80 -4.50 16.37
N SER B 66 1.84 -4.35 17.69
CA SER B 66 0.64 -4.06 18.47
C SER B 66 -0.02 -2.77 17.98
N ASN B 67 0.79 -1.73 17.84
CA ASN B 67 0.30 -0.46 17.33
C ASN B 67 -0.06 -0.53 15.86
N LEU B 68 0.80 -1.19 15.08
CA LEU B 68 0.59 -1.36 13.65
C LEU B 68 -0.76 -2.01 13.37
N LEU B 69 -1.04 -3.11 14.08
CA LEU B 69 -2.32 -3.81 13.97
C LEU B 69 -3.47 -2.94 14.47
N ALA B 70 -3.18 -2.14 15.49
CA ALA B 70 -4.19 -1.29 16.11
C ALA B 70 -4.73 -0.25 15.13
N VAL B 71 -3.82 0.46 14.48
CA VAL B 71 -4.20 1.55 13.59
C VAL B 71 -4.90 1.00 12.35
N MET B 72 -4.44 -0.13 11.86
CA MET B 72 -5.02 -0.75 10.67
C MET B 72 -6.39 -1.37 10.98
N SER B 73 -6.61 -1.74 12.23
CA SER B 73 -7.91 -2.28 12.64
C SER B 73 -8.93 -1.18 12.91
N HIS B 74 -8.44 0.01 13.23
CA HIS B 74 -9.29 1.17 13.41
C HIS B 74 -9.49 1.92 12.10
N CYS B 75 -8.44 1.94 11.28
CA CYS B 75 -8.43 2.75 10.08
C CYS B 75 -8.30 1.91 8.82
N GLN B 76 -9.26 2.07 7.93
CA GLN B 76 -9.25 1.39 6.65
C GLN B 76 -8.41 2.19 5.66
N ARG B 77 -8.26 1.67 4.45
CA ARG B 77 -7.49 2.35 3.41
C ARG B 77 -7.96 3.79 3.19
N GLY B 78 -7.02 4.72 3.28
CA GLY B 78 -7.29 6.11 3.02
C GLY B 78 -7.86 6.84 4.22
N GLU B 79 -8.27 6.10 5.25
CA GLU B 79 -8.84 6.71 6.43
C GLU B 79 -7.76 7.28 7.33
N GLY B 80 -8.13 8.25 8.16
CA GLY B 80 -7.14 9.01 8.90
C GLY B 80 -6.99 8.67 10.36
N ALA B 81 -5.76 8.73 10.84
CA ALA B 81 -5.46 8.54 12.24
C ALA B 81 -4.65 9.72 12.75
N VAL B 82 -5.23 10.45 13.70
CA VAL B 82 -4.56 11.61 14.28
C VAL B 82 -3.69 11.19 15.45
N LEU B 83 -2.44 11.65 15.45
CA LEU B 83 -1.48 11.29 16.48
C LEU B 83 -0.49 12.43 16.74
N GLY B 84 0.33 12.28 17.78
CA GLY B 84 1.37 13.24 18.07
C GLY B 84 2.55 13.09 17.14
N SER B 85 3.19 14.20 16.79
CA SER B 85 4.34 14.19 15.92
C SER B 85 5.55 13.55 16.62
N ALA B 86 5.51 13.54 17.94
CA ALA B 86 6.56 12.93 18.75
C ALA B 86 6.15 11.53 19.23
N ALA B 87 4.99 11.07 18.78
CA ALA B 87 4.49 9.75 19.14
C ALA B 87 5.33 8.66 18.49
N HIS B 88 5.46 7.53 19.16
CA HIS B 88 6.26 6.42 18.67
C HIS B 88 5.70 5.87 17.35
N ILE B 89 4.38 5.80 17.26
CA ILE B 89 3.69 5.29 16.09
C ILE B 89 4.05 6.08 14.84
N TYR B 90 4.30 7.37 15.02
CA TYR B 90 4.65 8.24 13.91
C TYR B 90 6.15 8.24 13.63
N ARG B 91 6.95 8.39 14.68
CA ARG B 91 8.39 8.62 14.52
C ARG B 91 9.25 7.37 14.44
N TYR B 92 8.87 6.30 15.15
CA TYR B 92 9.77 5.18 15.33
C TYR B 92 9.21 3.83 14.88
N GLU B 93 8.19 3.86 14.03
CA GLU B 93 7.65 2.61 13.51
C GLU B 93 7.61 2.66 11.99
N ALA B 94 8.53 3.45 11.42
CA ALA B 94 8.73 3.53 9.97
C ALA B 94 7.45 3.90 9.20
N GLN B 95 6.50 4.52 9.90
CA GLN B 95 5.19 4.83 9.34
C GLN B 95 4.57 3.60 8.67
N GLY B 96 4.71 2.44 9.31
CA GLY B 96 4.19 1.21 8.74
C GLY B 96 2.68 1.24 8.52
N SER B 97 1.96 1.93 9.39
CA SER B 97 0.52 2.07 9.25
C SER B 97 0.18 2.73 7.91
N ALA B 98 1.04 3.63 7.45
CA ALA B 98 0.82 4.30 6.18
C ALA B 98 1.39 3.49 5.01
N VAL B 99 2.67 3.12 5.12
CA VAL B 99 3.36 2.38 4.07
C VAL B 99 2.73 1.01 3.81
N LEU B 100 2.48 0.25 4.87
CA LEU B 100 1.90 -1.08 4.75
C LEU B 100 0.37 -1.06 4.77
N GLY B 101 -0.19 -0.20 5.61
CA GLY B 101 -1.62 -0.21 5.85
C GLY B 101 -2.45 0.79 5.07
N SER B 102 -1.78 1.65 4.31
CA SER B 102 -2.44 2.68 3.50
C SER B 102 -3.30 3.61 4.35
N VAL B 103 -2.91 3.78 5.60
CA VAL B 103 -3.59 4.68 6.53
C VAL B 103 -2.99 6.08 6.45
N ALA B 104 -3.85 7.09 6.44
CA ALA B 104 -3.39 8.48 6.43
C ALA B 104 -3.03 8.95 7.84
N LEU B 105 -1.74 9.02 8.13
CA LEU B 105 -1.26 9.52 9.40
C LEU B 105 -1.39 11.04 9.48
N GLN B 106 -1.97 11.52 10.59
CA GLN B 106 -2.21 12.95 10.76
C GLN B 106 -1.56 13.50 12.02
N PRO B 107 -0.24 13.77 11.95
CA PRO B 107 0.49 14.31 13.10
C PRO B 107 0.03 15.72 13.48
N VAL B 108 -0.05 15.94 14.79
CA VAL B 108 -0.34 17.24 15.37
C VAL B 108 0.74 17.49 16.41
N PRO B 109 0.98 18.76 16.78
CA PRO B 109 2.02 19.02 17.79
C PRO B 109 1.77 18.30 19.11
N MET B 110 2.79 17.66 19.64
CA MET B 110 2.69 16.93 20.90
C MET B 110 3.38 17.70 22.02
N GLN B 111 2.69 17.85 23.15
CA GLN B 111 3.23 18.61 24.27
C GLN B 111 4.13 17.75 25.17
N ALA B 112 4.65 18.37 26.22
CA ALA B 112 5.60 17.71 27.11
C ALA B 112 4.99 16.50 27.81
N ASP B 113 3.80 16.68 28.37
CA ASP B 113 3.14 15.60 29.11
C ASP B 113 2.53 14.55 28.16
N GLY B 114 2.78 14.70 26.88
CA GLY B 114 2.31 13.74 25.90
C GLY B 114 0.92 14.03 25.37
N SER B 115 0.34 15.14 25.80
CA SER B 115 -1.01 15.49 25.38
C SER B 115 -1.03 16.21 24.04
N LEU B 116 -2.15 16.08 23.34
CA LEU B 116 -2.39 16.80 22.11
C LEU B 116 -3.42 17.90 22.35
N ALA B 117 -3.08 19.13 21.99
CA ALA B 117 -4.01 20.25 22.16
C ALA B 117 -5.30 19.96 21.39
N LEU B 118 -6.42 20.03 22.09
CA LEU B 118 -7.72 19.71 21.49
C LEU B 118 -8.03 20.54 20.26
N ALA B 119 -7.61 21.80 20.26
CA ALA B 119 -7.82 22.68 19.12
C ALA B 119 -7.08 22.15 17.91
N ASP B 120 -5.87 21.64 18.13
CA ASP B 120 -5.06 21.07 17.06
C ASP B 120 -5.72 19.81 16.50
N VAL B 121 -6.28 19.01 17.39
CA VAL B 121 -6.97 17.78 16.99
C VAL B 121 -8.22 18.09 16.19
N ARG B 122 -8.99 19.09 16.65
CA ARG B 122 -10.21 19.47 15.96
C ARG B 122 -9.91 19.98 14.55
N ALA B 123 -8.80 20.70 14.41
CA ALA B 123 -8.42 21.24 13.11
C ALA B 123 -7.95 20.15 12.17
N ALA B 124 -7.45 19.05 12.73
CA ALA B 124 -6.91 17.95 11.93
C ALA B 124 -7.99 17.04 11.39
N ILE B 125 -9.09 16.93 12.14
CA ILE B 125 -10.15 15.99 11.80
C ILE B 125 -10.86 16.31 10.48
N ALA B 126 -10.78 15.35 9.56
CA ALA B 126 -11.50 15.44 8.30
C ALA B 126 -12.79 14.64 8.40
N PRO B 127 -13.91 15.23 7.97
CA PRO B 127 -15.21 14.57 8.02
C PRO B 127 -15.40 13.55 6.89
N ASP B 128 -16.40 12.69 7.02
CA ASP B 128 -16.81 11.77 5.97
C ASP B 128 -17.63 12.49 4.89
N ASP B 129 -16.98 12.75 3.77
CA ASP B 129 -17.29 13.73 2.75
C ASP B 129 -17.21 13.14 1.32
N VAL B 130 -17.68 13.92 0.36
CA VAL B 130 -17.50 13.66 -1.05
C VAL B 130 -16.01 13.57 -1.44
N TYR B 131 -15.14 14.41 -0.87
CA TYR B 131 -13.71 14.34 -1.26
C TYR B 131 -12.64 14.10 -0.18
N PHE B 132 -12.99 14.09 1.10
CA PHE B 132 -12.04 13.84 2.21
C PHE B 132 -12.40 12.47 2.80
N THR B 133 -11.49 11.51 2.80
CA THR B 133 -11.75 10.26 3.50
C THR B 133 -11.60 10.54 5.02
N PRO B 134 -12.63 10.20 5.79
CA PRO B 134 -12.74 10.67 7.17
C PRO B 134 -11.63 10.19 8.11
N THR B 135 -11.30 11.03 9.07
CA THR B 135 -10.51 10.61 10.21
C THR B 135 -11.31 9.56 10.99
N ARG B 136 -10.63 8.54 11.50
CA ARG B 136 -11.25 7.45 12.23
C ARG B 136 -10.68 7.25 13.62
N LEU B 137 -9.46 7.73 13.83
CA LEU B 137 -8.74 7.39 15.04
C LEU B 137 -7.94 8.55 15.62
N VAL B 138 -7.87 8.59 16.94
CA VAL B 138 -6.95 9.47 17.64
C VAL B 138 -6.06 8.60 18.53
N CYS B 139 -4.75 8.83 18.47
CA CYS B 139 -3.80 8.06 19.25
C CYS B 139 -3.11 8.87 20.33
N LEU B 140 -3.00 8.30 21.52
CA LEU B 140 -2.28 8.95 22.61
C LEU B 140 -1.17 8.04 23.13
N GLU B 141 -0.33 8.58 24.00
CA GLU B 141 0.85 7.87 24.47
C GLU B 141 1.07 8.08 25.98
N ASN B 142 1.08 6.98 26.72
CA ASN B 142 1.25 7.03 28.16
C ASN B 142 2.03 5.81 28.66
N THR B 143 3.28 6.01 29.11
CA THR B 143 3.91 7.32 29.22
C THR B 143 4.49 7.83 27.91
N HIS B 144 4.82 9.11 27.88
CA HIS B 144 5.51 9.73 26.75
C HIS B 144 6.84 10.30 27.20
N ASN B 145 7.93 9.70 26.78
CA ASN B 145 9.26 10.06 27.26
C ASN B 145 9.32 10.06 28.79
N GLY B 146 8.61 9.12 29.36
CA GLY B 146 8.50 8.95 30.78
C GLY B 146 7.60 9.90 31.52
N LYS B 147 6.93 10.79 30.81
CA LYS B 147 5.99 11.68 31.43
C LYS B 147 4.63 11.04 31.48
N VAL B 148 3.88 11.39 32.49
CA VAL B 148 2.58 10.84 32.67
C VAL B 148 1.52 11.74 32.08
N LEU B 149 0.65 11.12 31.30
CA LEU B 149 -0.48 11.82 30.69
C LEU B 149 -1.50 12.17 31.76
N PRO B 150 -1.85 13.46 31.87
CA PRO B 150 -2.82 13.89 32.88
C PRO B 150 -4.20 13.30 32.61
N LEU B 151 -4.79 12.70 33.64
CA LEU B 151 -6.08 12.05 33.52
C LEU B 151 -7.24 13.02 33.18
N PRO B 152 -7.26 14.24 33.77
CA PRO B 152 -8.33 15.15 33.35
C PRO B 152 -8.31 15.47 31.85
N TYR B 153 -7.12 15.56 31.27
CA TYR B 153 -6.98 15.77 29.83
C TYR B 153 -7.62 14.63 29.07
N LEU B 154 -7.39 13.42 29.57
CA LEU B 154 -7.89 12.20 28.96
C LEU B 154 -9.41 12.22 28.84
N ARG B 155 -10.06 12.63 29.93
CA ARG B 155 -11.51 12.75 29.97
C ARG B 155 -12.01 13.71 28.89
N GLU B 156 -11.26 14.79 28.66
CA GLU B 156 -11.60 15.79 27.66
C GLU B 156 -11.46 15.28 26.23
N MET B 157 -10.42 14.50 25.99
CA MET B 157 -10.20 13.92 24.66
C MET B 157 -11.30 12.91 24.34
N ARG B 158 -11.72 12.16 25.35
CA ARG B 158 -12.82 11.21 25.20
C ARG B 158 -14.09 11.93 24.76
N GLU B 159 -14.33 13.09 25.36
CA GLU B 159 -15.46 13.92 25.00
C GLU B 159 -15.36 14.37 23.55
N LEU B 160 -14.16 14.76 23.13
CA LEU B 160 -13.95 15.25 21.78
C LEU B 160 -14.15 14.13 20.75
N VAL B 161 -13.65 12.94 21.05
CA VAL B 161 -13.72 11.84 20.08
C VAL B 161 -15.14 11.28 19.98
N ASP B 162 -15.89 11.31 21.08
CA ASP B 162 -17.29 10.88 21.04
C ASP B 162 -18.11 11.86 20.22
N GLU B 163 -17.79 13.14 20.36
CA GLU B 163 -18.47 14.21 19.63
C GLU B 163 -18.29 14.05 18.11
N HIS B 164 -17.16 13.47 17.71
CA HIS B 164 -16.84 13.33 16.30
C HIS B 164 -16.91 11.87 15.83
N GLY B 165 -17.39 11.00 16.71
CA GLY B 165 -17.57 9.60 16.38
C GLY B 165 -16.31 8.83 16.05
N LEU B 166 -15.19 9.25 16.64
CA LEU B 166 -13.90 8.61 16.37
C LEU B 166 -13.58 7.52 17.38
N GLN B 167 -12.47 6.84 17.16
CA GLN B 167 -11.96 5.85 18.12
C GLN B 167 -10.77 6.42 18.86
N LEU B 168 -10.42 5.83 20.00
CA LEU B 168 -9.29 6.31 20.79
C LEU B 168 -8.36 5.16 21.17
N HIS B 169 -7.10 5.27 20.76
CA HIS B 169 -6.11 4.24 21.02
C HIS B 169 -4.97 4.75 21.89
N LEU B 170 -4.58 3.93 22.86
CA LEU B 170 -3.47 4.26 23.75
C LEU B 170 -2.24 3.42 23.47
N ASP B 171 -1.15 4.09 23.15
CA ASP B 171 0.16 3.43 23.13
C ASP B 171 0.66 3.40 24.57
N GLY B 172 0.32 2.34 25.29
CA GLY B 172 0.70 2.23 26.68
C GLY B 172 1.89 1.30 26.87
N ALA B 173 2.89 1.47 26.01
CA ALA B 173 4.11 0.68 26.10
C ALA B 173 4.70 0.74 27.51
N ARG B 174 4.57 1.91 28.14
CA ARG B 174 5.01 2.11 29.51
C ARG B 174 3.84 2.59 30.38
N LEU B 175 2.68 2.00 30.15
CA LEU B 175 1.47 2.36 30.88
C LEU B 175 1.59 2.12 32.38
N PHE B 176 2.21 1.01 32.76
CA PHE B 176 2.26 0.62 34.16
C PHE B 176 3.23 1.50 34.95
N ASN B 177 4.16 2.14 34.25
CA ASN B 177 4.98 3.17 34.87
C ASN B 177 4.11 4.36 35.25
N ALA B 178 3.16 4.69 34.39
CA ALA B 178 2.22 5.78 34.65
C ALA B 178 1.28 5.40 35.80
N VAL B 179 0.94 4.11 35.87
CA VAL B 179 0.09 3.60 36.93
C VAL B 179 0.73 3.80 38.30
N VAL B 180 1.94 3.28 38.47
CA VAL B 180 2.66 3.37 39.73
C VAL B 180 2.94 4.82 40.13
N ALA B 181 3.33 5.63 39.16
CA ALA B 181 3.72 7.02 39.45
C ALA B 181 2.53 7.92 39.79
N SER B 182 1.41 7.74 39.10
CA SER B 182 0.26 8.62 39.28
C SER B 182 -0.61 8.19 40.45
N GLY B 183 -0.63 6.89 40.72
CA GLY B 183 -1.45 6.37 41.80
C GLY B 183 -2.85 6.00 41.35
N HIS B 184 -3.07 6.00 40.03
CA HIS B 184 -4.34 5.53 39.49
C HIS B 184 -4.17 4.10 38.97
N THR B 185 -5.19 3.28 39.14
CA THR B 185 -5.13 1.89 38.68
C THR B 185 -5.11 1.81 37.15
N VAL B 186 -4.75 0.65 36.62
CA VAL B 186 -4.70 0.47 35.17
C VAL B 186 -6.11 0.54 34.56
N ARG B 187 -7.13 0.11 35.28
CA ARG B 187 -8.50 0.16 34.78
C ARG B 187 -8.96 1.60 34.56
N GLU B 188 -8.68 2.48 35.51
CA GLU B 188 -9.09 3.87 35.43
C GLU B 188 -8.39 4.62 34.31
N LEU B 189 -7.15 4.23 34.04
CA LEU B 189 -6.32 4.95 33.08
C LEU B 189 -6.58 4.52 31.64
N VAL B 190 -7.20 3.36 31.46
CA VAL B 190 -7.50 2.85 30.12
C VAL B 190 -9.01 2.83 29.85
N ALA B 191 -9.80 3.21 30.84
CA ALA B 191 -11.25 3.25 30.69
C ALA B 191 -11.71 4.14 29.52
N PRO B 192 -11.10 5.34 29.34
CA PRO B 192 -11.57 6.13 28.19
C PRO B 192 -11.11 5.62 26.82
N PHE B 193 -10.21 4.63 26.79
CA PHE B 193 -9.67 4.17 25.51
C PHE B 193 -10.45 2.99 24.93
N ASP B 194 -10.55 2.98 23.60
CA ASP B 194 -11.21 1.87 22.91
C ASP B 194 -10.26 0.70 22.74
N SER B 195 -8.97 1.01 22.60
CA SER B 195 -7.93 0.00 22.43
C SER B 195 -6.66 0.43 23.12
N VAL B 196 -5.90 -0.53 23.62
CA VAL B 196 -4.66 -0.26 24.33
C VAL B 196 -3.55 -1.23 23.93
N SER B 197 -2.37 -0.69 23.64
CA SER B 197 -1.16 -1.50 23.46
C SER B 197 -0.30 -1.42 24.72
N ILE B 198 -0.04 -2.57 25.36
CA ILE B 198 0.87 -2.57 26.50
C ILE B 198 2.09 -3.45 26.21
N CYS B 199 3.27 -2.92 26.51
CA CYS B 199 4.50 -3.67 26.27
CA CYS B 199 4.51 -3.66 26.27
C CYS B 199 4.91 -4.48 27.49
N LEU B 200 5.24 -5.75 27.26
CA LEU B 200 5.65 -6.64 28.32
C LEU B 200 7.16 -6.76 28.36
N SER B 201 7.81 -6.27 27.31
CA SER B 201 9.24 -6.51 27.12
C SER B 201 10.11 -5.33 27.53
N LYS B 202 9.59 -4.47 28.39
CA LYS B 202 10.39 -3.39 28.96
C LYS B 202 10.52 -3.54 30.47
N GLY B 203 10.01 -2.55 31.20
CA GLY B 203 10.05 -2.54 32.65
C GLY B 203 9.49 -3.79 33.30
N LEU B 204 8.51 -4.42 32.66
CA LEU B 204 7.89 -5.61 33.21
C LEU B 204 8.84 -6.80 33.12
N GLY B 205 9.84 -6.69 32.24
CA GLY B 205 10.93 -7.64 32.24
C GLY B 205 10.75 -8.93 31.46
N ALA B 206 9.59 -9.12 30.84
CA ALA B 206 9.39 -10.27 29.96
C ALA B 206 10.30 -10.12 28.75
N PRO B 207 10.77 -11.24 28.18
CA PRO B 207 11.76 -11.14 27.11
C PRO B 207 11.19 -10.72 25.75
N VAL B 208 9.95 -11.10 25.47
CA VAL B 208 9.39 -10.85 24.14
C VAL B 208 7.91 -10.50 24.19
N GLY B 209 7.54 -9.44 23.48
CA GLY B 209 6.15 -9.21 23.10
C GLY B 209 5.31 -8.16 23.79
N SER B 210 4.14 -7.94 23.22
CA SER B 210 3.20 -6.97 23.74
C SER B 210 1.79 -7.53 23.67
N LEU B 211 0.84 -6.82 24.26
CA LEU B 211 -0.55 -7.23 24.21
C LEU B 211 -1.41 -6.11 23.64
N LEU B 212 -2.22 -6.45 22.65
CA LEU B 212 -3.18 -5.50 22.10
C LEU B 212 -4.55 -5.84 22.67
N VAL B 213 -5.17 -4.86 23.31
CA VAL B 213 -6.42 -5.07 24.02
C VAL B 213 -7.53 -4.16 23.47
N GLY B 214 -8.73 -4.71 23.36
CA GLY B 214 -9.87 -3.94 22.89
C GLY B 214 -11.13 -4.78 22.80
N SER B 215 -12.08 -4.34 21.98
CA SER B 215 -13.33 -5.07 21.83
C SER B 215 -13.11 -6.35 21.03
N HIS B 216 -14.09 -7.25 21.07
CA HIS B 216 -14.03 -8.50 20.33
C HIS B 216 -13.90 -8.22 18.82
N ALA B 217 -14.73 -7.32 18.30
CA ALA B 217 -14.73 -7.00 16.88
C ALA B 217 -13.39 -6.41 16.44
N PHE B 218 -12.87 -5.49 17.24
CA PHE B 218 -11.58 -4.87 16.97
C PHE B 218 -10.44 -5.90 16.96
N ILE B 219 -10.43 -6.76 17.97
CA ILE B 219 -9.38 -7.77 18.09
C ILE B 219 -9.49 -8.84 17.00
N ALA B 220 -10.71 -9.19 16.63
CA ALA B 220 -10.94 -10.15 15.56
C ALA B 220 -10.30 -9.68 14.26
N ARG B 221 -10.42 -8.38 13.98
CA ARG B 221 -9.78 -7.78 12.82
C ARG B 221 -8.26 -7.78 12.98
N ALA B 222 -7.80 -7.46 14.18
CA ALA B 222 -6.38 -7.41 14.48
C ALA B 222 -5.74 -8.79 14.35
N ARG B 223 -6.48 -9.81 14.75
CA ARG B 223 -5.99 -11.18 14.70
C ARG B 223 -5.82 -11.64 13.25
N ARG B 224 -6.70 -11.17 12.38
CA ARG B 224 -6.62 -11.48 10.96
C ARG B 224 -5.42 -10.81 10.30
N LEU B 225 -5.19 -9.56 10.65
CA LEU B 225 -4.08 -8.81 10.10
C LEU B 225 -2.76 -9.33 10.66
N ARG B 226 -2.80 -9.88 11.87
CA ARG B 226 -1.61 -10.42 12.51
C ARG B 226 -1.06 -11.57 11.68
N LYS B 227 -1.97 -12.37 11.15
CA LYS B 227 -1.58 -13.48 10.28
C LYS B 227 -0.89 -12.95 9.02
N MET B 228 -1.44 -11.88 8.46
CA MET B 228 -0.90 -11.29 7.22
C MET B 228 0.48 -10.67 7.39
N VAL B 229 0.69 -9.98 8.50
CA VAL B 229 1.96 -9.30 8.77
C VAL B 229 3.02 -10.28 9.30
N GLY B 230 2.59 -11.48 9.69
CA GLY B 230 3.53 -12.53 10.10
C GLY B 230 3.64 -12.71 11.60
N GLY B 231 2.67 -12.21 12.35
CA GLY B 231 2.69 -12.30 13.80
C GLY B 231 2.06 -13.55 14.37
N GLY B 232 1.58 -14.43 13.49
CA GLY B 232 0.94 -15.65 13.92
C GLY B 232 1.92 -16.75 14.27
N MET B 233 2.23 -16.87 15.56
CA MET B 233 3.21 -17.84 16.02
C MET B 233 2.52 -19.14 16.43
N ARG B 234 3.31 -20.19 16.68
CA ARG B 234 2.74 -21.46 17.08
C ARG B 234 2.73 -21.60 18.61
N GLN B 235 3.74 -22.26 19.17
CA GLN B 235 3.78 -22.47 20.60
C GLN B 235 4.42 -21.30 21.35
N ALA B 236 3.76 -20.15 21.32
CA ALA B 236 4.30 -18.94 21.93
C ALA B 236 3.96 -18.86 23.42
N GLY B 237 3.31 -19.89 23.94
CA GLY B 237 2.89 -19.91 25.33
C GLY B 237 4.02 -19.74 26.32
N ILE B 238 5.21 -20.14 25.92
CA ILE B 238 6.39 -19.94 26.75
C ILE B 238 6.68 -18.45 26.89
N LEU B 239 6.57 -17.72 25.79
CA LEU B 239 6.70 -16.26 25.84
C LEU B 239 5.55 -15.63 26.62
N ALA B 240 4.34 -16.09 26.34
CA ALA B 240 3.14 -15.53 26.95
C ALA B 240 3.13 -15.71 28.46
N GLN B 241 3.57 -16.87 28.92
CA GLN B 241 3.61 -17.17 30.34
C GLN B 241 4.59 -16.25 31.05
N ALA B 242 5.67 -15.91 30.36
CA ALA B 242 6.62 -14.94 30.87
C ALA B 242 5.95 -13.58 31.00
N GLY B 243 5.13 -13.23 30.01
CA GLY B 243 4.41 -11.98 30.03
C GLY B 243 3.37 -11.96 31.13
N LEU B 244 2.74 -13.10 31.36
CA LEU B 244 1.77 -13.25 32.45
C LEU B 244 2.45 -13.08 33.80
N PHE B 245 3.62 -13.70 33.94
CA PHE B 245 4.43 -13.57 35.15
C PHE B 245 4.78 -12.10 35.42
N ALA B 246 5.19 -11.40 34.37
CA ALA B 246 5.58 -10.00 34.47
C ALA B 246 4.45 -9.12 34.98
N LEU B 247 3.25 -9.34 34.44
CA LEU B 247 2.09 -8.56 34.84
C LEU B 247 1.70 -8.83 36.29
N GLN B 248 1.92 -10.06 36.74
CA GLN B 248 1.53 -10.45 38.09
C GLN B 248 2.58 -10.12 39.14
N GLN B 249 3.86 -10.04 38.75
CA GLN B 249 4.93 -9.95 39.75
C GLN B 249 5.82 -8.71 39.64
N HIS B 250 5.80 -8.03 38.50
CA HIS B 250 6.78 -6.99 38.22
C HIS B 250 6.20 -5.59 38.06
N VAL B 251 4.94 -5.42 38.43
CA VAL B 251 4.32 -4.10 38.32
C VAL B 251 4.65 -3.22 39.51
N VAL B 252 4.48 -3.75 40.71
CA VAL B 252 4.68 -2.96 41.93
C VAL B 252 6.11 -2.44 42.01
N ARG B 253 7.07 -3.27 41.65
CA ARG B 253 8.48 -2.92 41.78
C ARG B 253 8.94 -1.82 40.80
N LEU B 254 8.06 -1.39 39.91
CA LEU B 254 8.38 -0.29 39.00
C LEU B 254 8.65 1.01 39.76
N ALA B 255 8.11 1.11 40.97
CA ALA B 255 8.36 2.26 41.84
C ALA B 255 9.85 2.45 42.14
N ASP B 256 10.58 1.34 42.23
CA ASP B 256 12.01 1.37 42.50
C ASP B 256 12.75 1.98 41.32
N ASP B 257 12.32 1.61 40.11
CA ASP B 257 12.90 2.20 38.90
C ASP B 257 12.71 3.72 38.93
N HIS B 258 11.56 4.16 39.42
CA HIS B 258 11.28 5.60 39.53
C HIS B 258 12.13 6.27 40.60
N ARG B 259 12.34 5.59 41.72
CA ARG B 259 13.15 6.13 42.81
C ARG B 259 14.59 6.31 42.35
N ARG B 260 15.11 5.29 41.69
CA ARG B 260 16.49 5.28 41.22
C ARG B 260 16.70 6.31 40.11
N ALA B 261 15.65 6.54 39.33
CA ALA B 261 15.73 7.55 38.28
C ALA B 261 15.83 8.94 38.90
N ARG B 262 15.05 9.18 39.95
CA ARG B 262 15.06 10.48 40.63
C ARG B 262 16.39 10.70 41.34
N GLN B 263 16.90 9.64 41.97
CA GLN B 263 18.18 9.73 42.68
C GLN B 263 19.32 9.95 41.70
N LEU B 264 19.15 9.40 40.50
CA LEU B 264 20.12 9.60 39.44
C LEU B 264 20.09 11.05 38.95
N ALA B 265 18.89 11.57 38.73
CA ALA B 265 18.72 12.91 38.21
C ALA B 265 19.18 13.97 39.19
N GLU B 266 18.89 13.76 40.46
CA GLU B 266 19.32 14.69 41.50
C GLU B 266 20.84 14.79 41.59
N GLY B 267 21.51 13.65 41.49
CA GLY B 267 22.96 13.62 41.56
C GLY B 267 23.62 14.30 40.38
N LEU B 268 23.02 14.17 39.20
CA LEU B 268 23.60 14.76 38.00
C LEU B 268 23.28 16.23 37.85
N ALA B 269 22.17 16.67 38.45
CA ALA B 269 21.77 18.07 38.32
C ALA B 269 22.47 18.92 39.37
N ALA B 270 23.25 18.27 40.23
CA ALA B 270 24.06 18.95 41.23
C ALA B 270 25.47 19.20 40.68
N LEU B 271 25.65 18.83 39.42
CA LEU B 271 26.93 18.99 38.73
C LEU B 271 26.90 20.13 37.71
N PRO B 272 27.96 20.94 37.67
CA PRO B 272 28.08 21.98 36.66
C PRO B 272 28.34 21.37 35.29
N GLY B 273 27.79 22.00 34.24
CA GLY B 273 27.93 21.49 32.90
C GLY B 273 26.75 20.61 32.52
N ILE B 274 25.89 20.35 33.50
CA ILE B 274 24.68 19.55 33.28
C ILE B 274 23.42 20.41 33.24
N ARG B 275 22.59 20.20 32.22
CA ARG B 275 21.24 20.79 32.21
C ARG B 275 20.25 19.67 32.41
N LEU B 276 19.44 19.79 33.45
CA LEU B 276 18.53 18.72 33.79
C LEU B 276 17.28 19.32 34.42
N ASP B 277 16.12 18.96 33.87
CA ASP B 277 14.85 19.41 34.42
C ASP B 277 14.25 18.31 35.28
N LEU B 278 14.33 18.48 36.60
CA LEU B 278 13.88 17.45 37.53
C LEU B 278 12.36 17.27 37.51
N ALA B 279 11.66 18.21 36.88
CA ALA B 279 10.22 18.12 36.74
C ALA B 279 9.84 17.13 35.64
N GLN B 280 10.81 16.76 34.82
CA GLN B 280 10.58 15.83 33.73
C GLN B 280 10.91 14.40 34.16
N VAL B 281 11.37 14.26 35.39
CA VAL B 281 11.63 12.94 35.98
C VAL B 281 10.43 12.47 36.80
N GLN B 282 9.50 11.79 36.15
CA GLN B 282 8.28 11.33 36.80
C GLN B 282 8.21 9.81 36.85
N THR B 283 8.97 9.15 35.99
CA THR B 283 9.02 7.68 36.01
C THR B 283 10.47 7.19 35.96
N ASN B 284 10.78 6.35 34.98
CA ASN B 284 12.10 5.71 34.93
C ASN B 284 13.04 6.30 33.89
N MET B 285 12.86 7.58 33.57
CA MET B 285 13.71 8.23 32.58
C MET B 285 14.31 9.54 33.09
N VAL B 286 15.55 9.78 32.69
CA VAL B 286 16.24 11.02 32.99
C VAL B 286 16.81 11.61 31.71
N PHE B 287 16.28 12.75 31.30
CA PHE B 287 16.79 13.42 30.11
C PHE B 287 17.67 14.60 30.48
N LEU B 288 18.85 14.65 29.87
CA LEU B 288 19.85 15.65 30.22
C LEU B 288 20.64 16.07 28.99
N GLN B 289 21.17 17.28 29.02
CA GLN B 289 22.05 17.77 27.96
C GLN B 289 23.23 18.45 28.61
N LEU B 290 24.40 18.42 27.96
CA LEU B 290 25.58 19.06 28.53
C LEU B 290 25.58 20.56 28.24
N THR B 291 26.04 21.34 29.21
CA THR B 291 26.08 22.81 29.07
C THR B 291 27.47 23.45 29.12
N SER B 292 28.28 23.28 28.08
CA SER B 292 27.96 22.41 26.97
C SER B 292 29.12 21.48 26.70
N GLY B 293 29.06 20.80 25.56
CA GLY B 293 30.02 19.78 25.21
C GLY B 293 29.28 18.74 24.39
N GLU B 294 29.99 18.03 23.53
CA GLU B 294 29.35 17.07 22.65
C GLU B 294 28.93 15.82 23.42
N ARG B 295 27.93 15.12 22.91
CA ARG B 295 27.37 13.95 23.55
C ARG B 295 28.27 12.73 23.39
N ALA B 296 28.78 12.53 22.17
CA ALA B 296 29.59 11.36 21.85
C ALA B 296 30.85 11.18 22.72
N PRO B 297 31.60 12.26 23.03
CA PRO B 297 32.75 12.05 23.91
C PRO B 297 32.37 11.55 25.29
N LEU B 298 31.20 11.96 25.79
CA LEU B 298 30.72 11.50 27.07
C LEU B 298 30.41 10.00 27.03
N LEU B 299 29.70 9.59 25.99
CA LEU B 299 29.29 8.21 25.82
C LEU B 299 30.48 7.25 25.70
N ALA B 300 31.51 7.66 24.95
CA ALA B 300 32.71 6.86 24.78
C ALA B 300 33.41 6.69 26.12
N PHE B 301 33.50 7.79 26.85
CA PHE B 301 34.10 7.81 28.19
C PHE B 301 33.34 6.86 29.12
N MET B 302 32.02 6.95 29.10
CA MET B 302 31.17 6.12 29.95
C MET B 302 31.24 4.65 29.58
N LYS B 303 31.16 4.36 28.29
CA LYS B 303 31.24 3.00 27.77
C LYS B 303 32.54 2.32 28.22
N ALA B 304 33.63 3.09 28.22
CA ALA B 304 34.93 2.59 28.63
C ALA B 304 34.94 2.17 30.09
N ARG B 305 33.99 2.69 30.86
CA ARG B 305 33.84 2.35 32.26
C ARG B 305 32.64 1.44 32.51
N GLY B 306 32.19 0.76 31.45
CA GLY B 306 31.07 -0.16 31.55
C GLY B 306 29.74 0.48 31.83
N ILE B 307 29.57 1.71 31.37
CA ILE B 307 28.33 2.46 31.55
C ILE B 307 27.71 2.82 30.20
N LEU B 308 26.46 2.41 29.99
CA LEU B 308 25.82 2.58 28.69
C LEU B 308 24.54 3.41 28.74
N PHE B 309 24.47 4.45 27.93
CA PHE B 309 23.21 5.14 27.66
C PHE B 309 23.26 5.80 26.28
N SER B 310 22.21 6.54 25.94
CA SER B 310 22.10 7.14 24.61
C SER B 310 21.80 8.63 24.68
N GLY B 313 19.83 12.63 20.09
CA GLY B 313 20.01 14.07 20.19
C GLY B 313 20.15 14.52 21.62
N GLU B 314 19.18 14.14 22.45
CA GLU B 314 19.23 14.44 23.88
C GLU B 314 19.61 13.17 24.64
N LEU B 315 20.49 13.32 25.62
CA LEU B 315 20.96 12.16 26.39
C LEU B 315 19.81 11.60 27.24
N ARG B 316 19.56 10.30 27.09
CA ARG B 316 18.47 9.64 27.79
C ARG B 316 18.96 8.47 28.64
N LEU B 317 18.61 8.49 29.93
CA LEU B 317 19.00 7.41 30.84
C LEU B 317 17.75 6.72 31.38
N VAL B 318 17.69 5.39 31.24
CA VAL B 318 16.50 4.63 31.61
C VAL B 318 16.82 3.57 32.66
N THR B 319 16.07 3.58 33.76
CA THR B 319 16.28 2.63 34.84
C THR B 319 15.35 1.43 34.72
N HIS B 320 15.77 0.29 35.26
CA HIS B 320 15.00 -0.95 35.18
C HIS B 320 15.46 -1.93 36.26
N LEU B 321 14.89 -3.13 36.26
CA LEU B 321 15.10 -4.07 37.37
C LEU B 321 16.53 -4.60 37.48
N GLN B 322 17.36 -4.39 36.47
CA GLN B 322 18.77 -4.77 36.58
C GLN B 322 19.66 -3.55 36.78
N ILE B 323 19.05 -2.45 37.20
CA ILE B 323 19.80 -1.30 37.68
C ILE B 323 19.61 -1.19 39.19
N HIS B 324 20.72 -1.19 39.93
CA HIS B 324 20.66 -1.15 41.39
C HIS B 324 21.25 0.16 41.93
N ASP B 325 21.11 0.38 43.23
CA ASP B 325 21.55 1.63 43.85
C ASP B 325 23.04 1.92 43.63
N ASP B 326 23.87 0.88 43.75
CA ASP B 326 25.30 1.07 43.56
C ASP B 326 25.61 1.43 42.12
N ASP B 327 24.84 0.87 41.18
CA ASP B 327 24.97 1.23 39.77
C ASP B 327 24.75 2.73 39.60
N ILE B 328 23.69 3.24 40.22
CA ILE B 328 23.35 4.66 40.19
C ILE B 328 24.48 5.53 40.75
N GLU B 329 25.04 5.11 41.89
CA GLU B 329 26.10 5.87 42.53
C GLU B 329 27.37 5.85 41.69
N GLU B 330 27.55 4.76 40.95
CA GLU B 330 28.72 4.60 40.09
C GLU B 330 28.71 5.54 38.88
N VAL B 331 27.54 5.75 38.28
CA VAL B 331 27.47 6.61 37.11
C VAL B 331 27.46 8.09 37.51
N ILE B 332 27.03 8.36 38.73
CA ILE B 332 27.14 9.72 39.27
C ILE B 332 28.61 10.03 39.50
N ASP B 333 29.35 9.06 40.02
CA ASP B 333 30.79 9.19 40.20
C ASP B 333 31.50 9.38 38.87
N ALA B 334 31.08 8.63 37.87
CA ALA B 334 31.66 8.71 36.53
C ALA B 334 31.43 10.09 35.91
N PHE B 335 30.21 10.62 36.08
CA PHE B 335 29.89 11.97 35.61
C PHE B 335 30.74 12.99 36.36
N THR B 336 30.84 12.82 37.67
CA THR B 336 31.66 13.69 38.49
C THR B 336 33.10 13.66 38.00
N GLU B 337 33.63 12.46 37.79
CA GLU B 337 34.99 12.29 37.28
C GLU B 337 35.16 12.91 35.89
N TYR B 338 34.12 12.81 35.07
CA TYR B 338 34.16 13.34 33.71
C TYR B 338 34.07 14.87 33.66
N LEU B 339 33.48 15.46 34.70
CA LEU B 339 33.26 16.90 34.73
C LEU B 339 34.08 17.57 35.81
N ARG C 5 -25.80 35.21 -14.95
CA ARG C 5 -24.49 35.83 -14.77
C ARG C 5 -24.02 35.74 -13.33
N TYR C 6 -22.91 35.03 -13.10
CA TYR C 6 -22.33 34.91 -11.77
C TYR C 6 -20.93 35.52 -11.71
N ILE C 7 -20.60 36.15 -10.59
CA ILE C 7 -19.24 36.58 -10.32
C ILE C 7 -18.54 35.50 -9.49
N ASP C 8 -17.72 34.69 -10.17
CA ASP C 8 -17.16 33.49 -9.55
C ASP C 8 -15.74 33.74 -9.03
N LEU C 9 -15.64 34.00 -7.72
CA LEU C 9 -14.35 34.25 -7.09
C LEU C 9 -13.92 33.06 -6.22
N ARG C 10 -14.56 31.91 -6.44
CA ARG C 10 -14.28 30.72 -5.65
C ARG C 10 -12.85 30.22 -5.88
N SER C 11 -12.42 30.22 -7.14
CA SER C 11 -11.10 29.72 -7.52
C SER C 11 -10.77 30.16 -8.94
N ASP C 12 -9.50 30.10 -9.29
CA ASP C 12 -9.08 30.40 -10.66
C ASP C 12 -9.23 29.15 -11.55
N THR C 13 -9.77 28.09 -10.97
CA THR C 13 -10.01 26.86 -11.71
C THR C 13 -11.26 26.97 -12.58
N VAL C 14 -12.09 27.98 -12.31
CA VAL C 14 -13.35 28.14 -13.02
C VAL C 14 -13.16 28.89 -14.33
N THR C 15 -11.91 29.18 -14.67
CA THR C 15 -11.59 29.86 -15.92
C THR C 15 -12.11 29.08 -17.11
N GLN C 16 -12.77 29.78 -18.03
CA GLN C 16 -13.30 29.14 -19.22
C GLN C 16 -12.35 29.39 -20.38
N PRO C 17 -12.32 28.48 -21.37
CA PRO C 17 -11.46 28.70 -22.53
C PRO C 17 -11.96 29.87 -23.37
N THR C 18 -11.06 30.76 -23.75
CA THR C 18 -11.41 31.88 -24.62
C THR C 18 -11.74 31.33 -26.00
N ASP C 19 -12.44 32.13 -26.80
CA ASP C 19 -12.79 31.71 -28.16
C ASP C 19 -11.53 31.44 -28.98
N ALA C 20 -10.52 32.28 -28.81
CA ALA C 20 -9.25 32.08 -29.49
C ALA C 20 -8.65 30.73 -29.08
N MET C 21 -8.74 30.42 -27.80
CA MET C 21 -8.27 29.12 -27.31
C MET C 21 -9.10 27.98 -27.90
N ARG C 22 -10.42 28.14 -27.94
CA ARG C 22 -11.28 27.13 -28.52
C ARG C 22 -10.95 26.88 -29.99
N GLN C 23 -10.67 27.94 -30.71
CA GLN C 23 -10.26 27.85 -32.10
C GLN C 23 -9.00 27.06 -32.34
N CYS C 24 -8.04 27.25 -31.44
CA CYS C 24 -6.80 26.52 -31.40
C CYS C 24 -7.02 25.05 -31.16
N MET C 25 -7.95 24.73 -30.29
CA MET C 25 -8.29 23.35 -30.00
C MET C 25 -8.94 22.67 -31.18
N LEU C 26 -9.73 23.41 -31.92
CA LEU C 26 -10.41 22.86 -33.08
C LEU C 26 -9.42 22.32 -34.12
N HIS C 27 -8.31 23.01 -34.31
CA HIS C 27 -7.36 22.64 -35.36
C HIS C 27 -6.15 21.87 -34.85
N ALA C 28 -6.20 21.45 -33.59
CA ALA C 28 -5.10 20.70 -32.99
C ALA C 28 -4.94 19.33 -33.64
N GLU C 29 -3.72 19.01 -34.04
CA GLU C 29 -3.41 17.68 -34.56
C GLU C 29 -3.18 16.73 -33.39
N VAL C 30 -3.79 15.55 -33.47
CA VAL C 30 -3.74 14.60 -32.38
C VAL C 30 -3.28 13.21 -32.82
N GLY C 31 -3.00 12.36 -31.83
CA GLY C 31 -2.61 10.99 -32.09
C GLY C 31 -2.73 10.21 -30.80
N ASP C 32 -2.24 8.98 -30.79
CA ASP C 32 -2.28 8.14 -29.59
C ASP C 32 -1.07 8.44 -28.70
N ASP C 33 -1.33 9.14 -27.59
CA ASP C 33 -0.27 9.56 -26.69
C ASP C 33 0.44 8.40 -26.00
N VAL C 34 -0.30 7.29 -25.80
CA VAL C 34 0.31 6.09 -25.23
C VAL C 34 1.43 5.58 -26.13
N TYR C 35 1.25 5.73 -27.44
CA TYR C 35 2.32 5.38 -28.38
C TYR C 35 3.25 6.58 -28.56
N GLY C 36 2.96 7.67 -27.86
CA GLY C 36 3.73 8.89 -27.96
C GLY C 36 3.56 9.58 -29.31
N GLU C 37 2.40 9.37 -29.92
CA GLU C 37 2.19 9.81 -31.31
C GLU C 37 1.22 10.98 -31.44
N ASP C 38 0.95 11.67 -30.33
CA ASP C 38 0.12 12.87 -30.38
C ASP C 38 1.02 14.10 -30.48
N PRO C 39 0.99 14.78 -31.64
CA PRO C 39 1.86 15.93 -31.90
C PRO C 39 1.58 17.10 -30.97
N GLY C 40 0.33 17.24 -30.53
CA GLY C 40 -0.06 18.30 -29.63
C GLY C 40 0.54 18.11 -28.25
N VAL C 41 0.49 16.88 -27.75
CA VAL C 41 1.06 16.57 -26.44
C VAL C 41 2.58 16.68 -26.50
N ASN C 42 3.16 16.14 -27.57
CA ASN C 42 4.62 16.19 -27.75
C ASN C 42 5.12 17.64 -27.80
N ALA C 43 4.36 18.50 -28.47
CA ALA C 43 4.72 19.92 -28.59
C ALA C 43 4.69 20.62 -27.23
N LEU C 44 3.60 20.44 -26.50
CA LEU C 44 3.45 21.06 -25.18
C LEU C 44 4.57 20.63 -24.24
N GLU C 45 4.86 19.33 -24.22
CA GLU C 45 5.88 18.79 -23.34
C GLU C 45 7.27 19.30 -23.73
N ALA C 46 7.55 19.34 -25.02
CA ALA C 46 8.82 19.84 -25.52
C ALA C 46 8.98 21.32 -25.17
N TYR C 47 7.93 22.08 -25.41
CA TYR C 47 7.93 23.51 -25.09
C TYR C 47 8.06 23.73 -23.59
N GLY C 48 7.34 22.93 -22.81
CA GLY C 48 7.35 23.07 -21.37
C GLY C 48 8.70 22.77 -20.74
N ALA C 49 9.32 21.69 -21.18
CA ALA C 49 10.64 21.31 -20.68
C ALA C 49 11.68 22.40 -20.97
N ASP C 50 11.64 22.95 -22.18
CA ASP C 50 12.58 23.99 -22.58
C ASP C 50 12.32 25.29 -21.84
N LEU C 51 11.04 25.61 -21.67
CA LEU C 51 10.64 26.82 -20.96
C LEU C 51 11.17 26.86 -19.53
N LEU C 52 11.22 25.70 -18.90
CA LEU C 52 11.68 25.59 -17.51
C LEU C 52 13.13 25.13 -17.47
N GLY C 53 13.71 24.92 -18.65
CA GLY C 53 15.11 24.55 -18.74
C GLY C 53 15.38 23.18 -18.17
N LYS C 54 14.44 22.26 -18.35
CA LYS C 54 14.61 20.89 -17.91
C LYS C 54 14.64 19.94 -19.09
N GLU C 55 14.93 18.67 -18.84
CA GLU C 55 15.15 17.69 -19.90
C GLU C 55 13.87 17.17 -20.53
N ALA C 56 12.84 16.95 -19.72
CA ALA C 56 11.62 16.32 -20.20
C ALA C 56 10.37 16.82 -19.48
N ALA C 57 9.22 16.59 -20.08
CA ALA C 57 7.96 17.00 -19.48
C ALA C 57 6.87 15.95 -19.71
N LEU C 58 5.86 15.95 -18.85
CA LEU C 58 4.80 14.95 -18.91
C LEU C 58 3.43 15.60 -18.67
N PHE C 59 2.52 15.41 -19.61
CA PHE C 59 1.19 15.97 -19.52
C PHE C 59 0.25 15.06 -18.74
N VAL C 60 -0.45 15.64 -17.77
CA VAL C 60 -1.36 14.87 -16.91
C VAL C 60 -2.71 15.59 -16.79
N PRO C 61 -3.79 14.83 -16.49
CA PRO C 61 -5.15 15.36 -16.38
C PRO C 61 -5.38 16.35 -15.23
N SER C 62 -4.54 16.34 -14.21
CA SER C 62 -4.72 17.25 -13.08
C SER C 62 -3.42 17.55 -12.37
N GLY C 63 -3.41 18.62 -11.57
CA GLY C 63 -2.26 18.96 -10.77
C GLY C 63 -2.04 17.96 -9.66
N THR C 64 -3.13 17.39 -9.17
CA THR C 64 -3.08 16.35 -8.15
C THR C 64 -2.29 15.15 -8.66
N MET C 65 -2.58 14.74 -9.89
CA MET C 65 -1.87 13.61 -10.48
C MET C 65 -0.42 13.98 -10.74
N SER C 66 -0.20 15.23 -11.14
CA SER C 66 1.15 15.73 -11.38
C SER C 66 2.03 15.59 -10.14
N ASN C 67 1.50 16.02 -9.00
CA ASN C 67 2.21 15.89 -7.74
C ASN C 67 2.31 14.45 -7.26
N LEU C 68 1.20 13.72 -7.41
CA LEU C 68 1.14 12.30 -7.05
C LEU C 68 2.25 11.52 -7.76
N LEU C 69 2.37 11.72 -9.08
CA LEU C 69 3.44 11.09 -9.85
C LEU C 69 4.82 11.58 -9.45
N ALA C 70 4.91 12.85 -9.07
CA ALA C 70 6.18 13.45 -8.68
C ALA C 70 6.77 12.78 -7.44
N VAL C 71 5.94 12.64 -6.41
CA VAL C 71 6.40 12.08 -5.14
C VAL C 71 6.70 10.59 -5.28
N MET C 72 5.90 9.88 -6.06
CA MET C 72 6.09 8.45 -6.27
C MET C 72 7.32 8.18 -7.15
N SER C 73 7.66 9.14 -8.00
CA SER C 73 8.82 9.01 -8.87
C SER C 73 10.12 9.36 -8.13
N HIS C 74 9.99 10.16 -7.07
CA HIS C 74 11.13 10.49 -6.22
C HIS C 74 11.27 9.48 -5.08
N CYS C 75 10.16 9.01 -4.57
CA CYS C 75 10.20 8.14 -3.44
C CYS C 75 9.56 6.82 -3.67
N GLN C 76 10.28 5.77 -3.36
CA GLN C 76 9.69 4.47 -3.34
C GLN C 76 9.05 4.06 -2.04
N ARG C 77 8.57 2.84 -2.01
CA ARG C 77 7.99 2.26 -0.82
C ARG C 77 8.76 2.58 0.43
N GLY C 78 8.09 3.18 1.36
CA GLY C 78 8.66 3.43 2.67
C GLY C 78 9.54 4.65 2.76
N GLU C 79 9.93 5.20 1.63
CA GLU C 79 10.82 6.36 1.61
C GLU C 79 10.04 7.63 1.94
N GLY C 80 10.76 8.63 2.43
CA GLY C 80 10.11 9.80 2.99
C GLY C 80 10.15 11.03 2.11
N ALA C 81 9.07 11.80 2.17
CA ALA C 81 8.99 13.09 1.49
C ALA C 81 8.58 14.16 2.49
N VAL C 82 9.46 15.12 2.71
CA VAL C 82 9.16 16.21 3.63
C VAL C 82 8.47 17.36 2.91
N LEU C 83 7.36 17.85 3.45
CA LEU C 83 6.66 18.98 2.89
C LEU C 83 5.95 19.75 3.94
N GLY C 84 5.29 20.84 3.55
CA GLY C 84 4.55 21.69 4.46
C GLY C 84 3.21 21.10 4.85
N SER C 85 2.81 21.35 6.10
CA SER C 85 1.54 20.84 6.61
C SER C 85 0.37 21.54 5.93
N ALA C 86 0.62 22.72 5.38
CA ALA C 86 -0.42 23.47 4.68
C ALA C 86 -0.29 23.29 3.17
N ALA C 87 0.64 22.45 2.74
CA ALA C 87 0.84 22.19 1.33
C ALA C 87 -0.30 21.39 0.75
N HIS C 88 -0.60 21.61 -0.53
CA HIS C 88 -1.71 20.95 -1.19
C HIS C 88 -1.52 19.44 -1.25
N ILE C 89 -0.29 19.03 -1.48
CA ILE C 89 0.07 17.61 -1.55
C ILE C 89 -0.26 16.90 -0.24
N TYR C 90 -0.14 17.61 0.88
CA TYR C 90 -0.45 17.04 2.17
C TYR C 90 -1.92 17.18 2.54
N ARG C 91 -2.45 18.39 2.38
CA ARG C 91 -3.75 18.72 2.94
C ARG C 91 -4.94 18.40 2.03
N TYR C 92 -4.76 18.50 0.71
CA TYR C 92 -5.89 18.44 -0.21
C TYR C 92 -5.78 17.42 -1.33
N GLU C 93 -4.95 16.40 -1.16
CA GLU C 93 -4.87 15.34 -2.17
C GLU C 93 -5.08 13.97 -1.55
N ALA C 94 -5.85 13.95 -0.47
CA ALA C 94 -6.25 12.72 0.20
C ALA C 94 -5.06 11.85 0.63
N GLN C 95 -3.89 12.47 0.76
CA GLN C 95 -2.65 11.77 1.05
C GLN C 95 -2.41 10.59 0.12
N GLY C 96 -2.70 10.80 -1.17
CA GLY C 96 -2.55 9.76 -2.18
C GLY C 96 -1.14 9.21 -2.25
N SER C 97 -0.16 10.06 -1.98
CA SER C 97 1.25 9.65 -1.94
C SER C 97 1.47 8.53 -0.92
N ALA C 98 0.75 8.60 0.19
CA ALA C 98 0.88 7.58 1.23
C ALA C 98 -0.04 6.41 0.97
N VAL C 99 -1.33 6.72 0.79
CA VAL C 99 -2.37 5.72 0.59
C VAL C 99 -2.13 4.86 -0.64
N LEU C 100 -1.84 5.50 -1.77
CA LEU C 100 -1.61 4.76 -3.00
C LEU C 100 -0.14 4.39 -3.20
N GLY C 101 0.75 5.33 -2.88
CA GLY C 101 2.15 5.19 -3.24
C GLY C 101 3.05 4.64 -2.15
N SER C 102 2.48 4.41 -0.97
CA SER C 102 3.23 3.88 0.19
C SER C 102 4.41 4.77 0.55
N VAL C 103 4.31 6.05 0.24
CA VAL C 103 5.32 7.02 0.59
C VAL C 103 5.05 7.63 1.97
N ALA C 104 6.08 7.76 2.78
CA ALA C 104 5.94 8.39 4.09
C ALA C 104 5.95 9.91 3.99
N LEU C 105 4.77 10.51 4.12
CA LEU C 105 4.66 11.97 4.11
C LEU C 105 5.19 12.53 5.44
N GLN C 106 6.05 13.53 5.36
CA GLN C 106 6.65 14.09 6.56
C GLN C 106 6.37 15.59 6.69
N PRO C 107 5.16 15.94 7.13
CA PRO C 107 4.78 17.35 7.26
C PRO C 107 5.58 18.12 8.31
N VAL C 108 5.92 19.35 7.96
CA VAL C 108 6.58 20.27 8.89
C VAL C 108 5.81 21.58 8.89
N PRO C 109 5.95 22.39 9.95
CA PRO C 109 5.20 23.66 10.00
C PRO C 109 5.53 24.56 8.81
N MET C 110 4.50 25.12 8.20
CA MET C 110 4.66 25.98 7.03
C MET C 110 4.49 27.45 7.39
N GLN C 111 5.42 28.29 6.92
CA GLN C 111 5.40 29.71 7.27
C GLN C 111 4.46 30.49 6.36
N ALA C 112 4.37 31.79 6.60
CA ALA C 112 3.45 32.66 5.88
C ALA C 112 3.79 32.69 4.39
N ASP C 113 5.07 32.93 4.08
CA ASP C 113 5.51 33.04 2.69
C ASP C 113 5.61 31.69 1.99
N GLY C 114 5.16 30.63 2.66
CA GLY C 114 5.16 29.31 2.07
C GLY C 114 6.45 28.55 2.30
N SER C 115 7.36 29.17 3.06
CA SER C 115 8.65 28.54 3.33
C SER C 115 8.57 27.55 4.48
N LEU C 116 9.46 26.56 4.45
CA LEU C 116 9.60 25.60 5.53
C LEU C 116 10.88 25.93 6.28
N ALA C 117 10.79 26.09 7.60
CA ALA C 117 11.95 26.42 8.41
C ALA C 117 13.05 25.38 8.23
N LEU C 118 14.24 25.85 7.89
CA LEU C 118 15.38 25.00 7.60
C LEU C 118 15.66 24.05 8.77
N ALA C 119 15.47 24.55 9.98
CA ALA C 119 15.65 23.75 11.18
C ALA C 119 14.62 22.62 11.27
N ASP C 120 13.37 22.94 10.90
CA ASP C 120 12.30 21.95 10.92
C ASP C 120 12.52 20.84 9.90
N VAL C 121 12.94 21.22 8.70
CA VAL C 121 13.19 20.26 7.63
C VAL C 121 14.37 19.37 7.97
N ARG C 122 15.44 19.98 8.48
CA ARG C 122 16.65 19.25 8.85
C ARG C 122 16.37 18.24 9.95
N ALA C 123 15.51 18.61 10.90
CA ALA C 123 15.15 17.72 11.99
C ALA C 123 14.24 16.59 11.50
N ALA C 124 13.52 16.84 10.42
CA ALA C 124 12.56 15.86 9.89
C ALA C 124 13.26 14.81 9.04
N ILE C 125 14.36 15.18 8.41
CA ILE C 125 15.07 14.29 7.50
C ILE C 125 15.63 13.06 8.23
N ALA C 126 15.16 11.89 7.81
CA ALA C 126 15.66 10.62 8.33
C ALA C 126 16.74 10.05 7.41
N PRO C 127 17.85 9.59 7.99
CA PRO C 127 18.98 9.04 7.23
C PRO C 127 18.71 7.64 6.69
N ASP C 128 19.53 7.21 5.73
CA ASP C 128 19.50 5.82 5.27
C ASP C 128 20.22 4.95 6.29
N ASP C 129 19.46 4.33 7.18
CA ASP C 129 20.03 3.63 8.32
C ASP C 129 19.52 2.19 8.43
N VAL C 130 19.96 1.52 9.49
CA VAL C 130 19.60 0.12 9.73
C VAL C 130 18.11 -0.06 9.97
N TYR C 131 17.48 0.89 10.66
CA TYR C 131 16.05 0.80 10.95
C TYR C 131 15.26 1.96 10.38
N PHE C 132 15.95 2.92 9.76
CA PHE C 132 15.30 4.06 9.14
C PHE C 132 15.36 4.03 7.62
N THR C 133 14.18 3.99 6.99
CA THR C 133 14.09 4.15 5.55
C THR C 133 14.21 5.64 5.24
N PRO C 134 15.19 6.02 4.40
CA PRO C 134 15.60 7.42 4.26
C PRO C 134 14.55 8.36 3.67
N THR C 135 14.60 9.61 4.11
CA THR C 135 13.91 10.69 3.43
C THR C 135 14.56 10.83 2.06
N ARG C 136 13.76 11.10 1.02
CA ARG C 136 14.31 11.18 -0.32
C ARG C 136 13.98 12.51 -0.98
N LEU C 137 12.93 13.17 -0.49
CA LEU C 137 12.37 14.33 -1.17
C LEU C 137 11.94 15.45 -0.22
N VAL C 138 12.10 16.69 -0.68
CA VAL C 138 11.50 17.86 -0.05
C VAL C 138 10.59 18.57 -1.06
N CYS C 139 9.38 18.91 -0.63
CA CYS C 139 8.42 19.58 -1.50
C CYS C 139 8.15 21.01 -1.05
N LEU C 140 8.12 21.92 -2.02
CA LEU C 140 7.78 23.31 -1.77
C LEU C 140 6.61 23.75 -2.65
N GLU C 141 6.08 24.94 -2.39
CA GLU C 141 4.89 25.41 -3.10
C GLU C 141 5.01 26.88 -3.49
N ASN C 142 4.91 27.15 -4.78
CA ASN C 142 5.02 28.51 -5.30
C ASN C 142 4.07 28.71 -6.48
N THR C 143 3.03 29.50 -6.29
CA THR C 143 2.78 30.22 -5.05
C THR C 143 2.13 29.34 -3.99
N HIS C 144 2.11 29.86 -2.76
CA HIS C 144 1.39 29.23 -1.67
C HIS C 144 0.32 30.17 -1.15
N ASN C 145 -0.94 29.82 -1.37
CA ASN C 145 -2.07 30.70 -1.05
C ASN C 145 -1.90 32.09 -1.66
N GLY C 146 -1.41 32.15 -2.88
CA GLY C 146 -1.23 33.40 -3.60
C GLY C 146 0.02 34.17 -3.19
N LYS C 147 0.79 33.61 -2.26
CA LYS C 147 2.00 34.26 -1.77
C LYS C 147 3.26 33.75 -2.48
N VAL C 148 4.21 34.65 -2.72
CA VAL C 148 5.40 34.31 -3.47
C VAL C 148 6.52 33.78 -2.57
N LEU C 149 7.09 32.64 -2.95
CA LEU C 149 8.22 32.07 -2.24
C LEU C 149 9.48 32.89 -2.51
N PRO C 150 10.11 33.40 -1.45
CA PRO C 150 11.33 34.22 -1.58
C PRO C 150 12.52 33.44 -2.14
N LEU C 151 13.15 34.00 -3.16
CA LEU C 151 14.27 33.35 -3.84
C LEU C 151 15.52 33.09 -2.97
N PRO C 152 15.90 34.05 -2.09
CA PRO C 152 17.06 33.72 -1.24
C PRO C 152 16.84 32.50 -0.36
N TYR C 153 15.62 32.32 0.14
CA TYR C 153 15.26 31.13 0.91
C TYR C 153 15.42 29.86 0.09
N LEU C 154 14.97 29.91 -1.15
CA LEU C 154 14.99 28.78 -2.05
C LEU C 154 16.40 28.22 -2.22
N ARG C 155 17.35 29.11 -2.45
CA ARG C 155 18.75 28.74 -2.57
C ARG C 155 19.28 28.03 -1.32
N GLU C 156 18.83 28.48 -0.16
CA GLU C 156 19.26 27.88 1.10
C GLU C 156 18.68 26.48 1.26
N MET C 157 17.43 26.31 0.83
CA MET C 157 16.78 25.01 0.89
C MET C 157 17.46 24.01 -0.06
N ARG C 158 17.89 24.51 -1.21
CA ARG C 158 18.63 23.68 -2.17
C ARG C 158 19.91 23.13 -1.53
N GLU C 159 20.57 24.00 -0.77
CA GLU C 159 21.78 23.64 -0.04
C GLU C 159 21.51 22.54 0.98
N LEU C 160 20.41 22.67 1.71
CA LEU C 160 20.04 21.69 2.73
C LEU C 160 19.70 20.35 2.08
N VAL C 161 19.05 20.41 0.93
CA VAL C 161 18.61 19.22 0.22
C VAL C 161 19.82 18.48 -0.36
N ASP C 162 20.80 19.25 -0.80
CA ASP C 162 22.06 18.70 -1.31
C ASP C 162 22.87 18.04 -0.21
N GLU C 163 22.82 18.64 0.98
CA GLU C 163 23.56 18.14 2.13
C GLU C 163 23.20 16.71 2.46
N HIS C 164 21.96 16.33 2.17
CA HIS C 164 21.49 14.99 2.48
C HIS C 164 21.25 14.18 1.22
N GLY C 165 21.68 14.71 0.08
CA GLY C 165 21.57 14.02 -1.19
C GLY C 165 20.14 13.79 -1.63
N LEU C 166 19.24 14.69 -1.24
CA LEU C 166 17.82 14.53 -1.52
C LEU C 166 17.43 15.19 -2.84
N GLN C 167 16.15 15.05 -3.20
CA GLN C 167 15.59 15.72 -4.36
C GLN C 167 14.72 16.89 -3.93
N LEU C 168 14.44 17.80 -4.86
CA LEU C 168 13.61 18.97 -4.55
C LEU C 168 12.50 19.13 -5.59
N HIS C 169 11.27 19.10 -5.12
CA HIS C 169 10.11 19.22 -6.00
C HIS C 169 9.32 20.48 -5.70
N LEU C 170 8.90 21.16 -6.77
CA LEU C 170 8.10 22.36 -6.64
C LEU C 170 6.66 22.14 -7.07
N ASP C 171 5.73 22.40 -6.15
CA ASP C 171 4.33 22.52 -6.54
C ASP C 171 4.11 23.94 -7.06
N GLY C 172 4.31 24.12 -8.36
CA GLY C 172 4.16 25.41 -9.00
C GLY C 172 2.83 25.50 -9.74
N ALA C 173 1.77 25.06 -9.08
CA ALA C 173 0.42 25.14 -9.63
C ALA C 173 0.11 26.57 -10.09
N ARG C 174 0.63 27.54 -9.35
CA ARG C 174 0.47 28.94 -9.69
C ARG C 174 1.84 29.61 -9.79
N LEU C 175 2.78 28.91 -10.42
CA LEU C 175 4.16 29.38 -10.55
C LEU C 175 4.30 30.67 -11.34
N PHE C 176 3.51 30.80 -12.41
CA PHE C 176 3.63 31.95 -13.28
C PHE C 176 3.04 33.20 -12.63
N ASN C 177 2.20 33.00 -11.64
CA ASN C 177 1.74 34.10 -10.79
C ASN C 177 2.92 34.67 -10.01
N ALA C 178 3.78 33.78 -9.52
CA ALA C 178 4.99 34.19 -8.80
C ALA C 178 5.98 34.85 -9.75
N VAL C 179 6.03 34.36 -10.98
CA VAL C 179 6.90 34.91 -12.01
C VAL C 179 6.56 36.38 -12.29
N VAL C 180 5.29 36.60 -12.65
CA VAL C 180 4.81 37.93 -12.97
C VAL C 180 4.92 38.90 -11.80
N ALA C 181 4.57 38.43 -10.61
CA ALA C 181 4.52 39.30 -9.44
C ALA C 181 5.90 39.70 -8.92
N SER C 182 6.84 38.75 -8.93
CA SER C 182 8.16 39.00 -8.35
C SER C 182 9.09 39.69 -9.34
N GLY C 183 8.88 39.43 -10.63
CA GLY C 183 9.70 40.03 -11.66
C GLY C 183 10.90 39.18 -12.04
N HIS C 184 10.96 37.95 -11.53
CA HIS C 184 12.00 37.01 -11.91
C HIS C 184 11.48 36.05 -12.97
N THR C 185 12.37 35.62 -13.87
CA THR C 185 12.00 34.71 -14.94
C THR C 185 11.58 33.34 -14.39
N VAL C 186 10.93 32.55 -15.24
CA VAL C 186 10.53 31.22 -14.84
C VAL C 186 11.76 30.34 -14.62
N ARG C 187 12.81 30.60 -15.40
CA ARG C 187 14.05 29.84 -15.30
C ARG C 187 14.68 30.02 -13.93
N GLU C 188 14.68 31.26 -13.45
CA GLU C 188 15.27 31.58 -12.16
C GLU C 188 14.51 30.95 -10.99
N LEU C 189 13.20 30.80 -11.15
CA LEU C 189 12.37 30.30 -10.07
C LEU C 189 12.33 28.78 -10.00
N VAL C 190 12.70 28.11 -11.09
CA VAL C 190 12.68 26.65 -11.12
C VAL C 190 14.08 26.04 -11.19
N ALA C 191 15.09 26.88 -11.30
CA ALA C 191 16.48 26.40 -11.37
C ALA C 191 16.89 25.55 -10.16
N PRO C 192 16.53 25.96 -8.94
CA PRO C 192 16.96 25.08 -7.84
C PRO C 192 16.18 23.78 -7.73
N PHE C 193 15.11 23.62 -8.49
CA PHE C 193 14.27 22.44 -8.36
C PHE C 193 14.64 21.33 -9.34
N ASP C 194 14.52 20.10 -8.87
CA ASP C 194 14.78 18.93 -9.70
C ASP C 194 13.54 18.62 -10.53
N SER C 195 12.38 18.92 -9.98
CA SER C 195 11.12 18.67 -10.65
C SER C 195 10.12 19.77 -10.33
N VAL C 196 9.25 20.08 -11.29
CA VAL C 196 8.27 21.13 -11.14
C VAL C 196 6.90 20.69 -11.69
N SER C 197 5.86 20.90 -10.88
CA SER C 197 4.49 20.74 -11.37
C SER C 197 3.91 22.11 -11.69
N ILE C 198 3.50 22.32 -12.93
CA ILE C 198 2.79 23.54 -13.30
C ILE C 198 1.39 23.23 -13.80
N CYS C 199 0.42 23.97 -13.29
CA CYS C 199 -0.96 23.77 -13.69
CA CYS C 199 -0.98 23.77 -13.68
C CYS C 199 -1.35 24.70 -14.82
N LEU C 200 -2.01 24.14 -15.83
CA LEU C 200 -2.43 24.92 -16.98
C LEU C 200 -3.91 25.31 -16.84
N SER C 201 -4.59 24.68 -15.88
CA SER C 201 -6.03 24.79 -15.77
C SER C 201 -6.52 25.78 -14.71
N LYS C 202 -5.66 26.72 -14.34
CA LYS C 202 -6.07 27.78 -13.44
C LYS C 202 -6.00 29.13 -14.13
N GLY C 203 -5.16 30.02 -13.63
CA GLY C 203 -4.98 31.34 -14.19
C GLY C 203 -4.67 31.35 -15.69
N LEU C 204 -3.97 30.32 -16.15
CA LEU C 204 -3.59 30.23 -17.55
C LEU C 204 -4.80 29.95 -18.44
N GLY C 205 -5.87 29.43 -17.85
CA GLY C 205 -7.15 29.35 -18.52
C GLY C 205 -7.42 28.13 -19.40
N ALA C 206 -6.45 27.22 -19.51
CA ALA C 206 -6.69 25.98 -20.22
C ALA C 206 -7.74 25.16 -19.47
N PRO C 207 -8.55 24.38 -20.20
CA PRO C 207 -9.67 23.66 -19.55
C PRO C 207 -9.25 22.45 -18.72
N VAL C 208 -8.20 21.77 -19.13
CA VAL C 208 -7.81 20.52 -18.47
C VAL C 208 -6.29 20.33 -18.35
N GLY C 209 -5.83 20.00 -17.16
CA GLY C 209 -4.51 19.40 -17.01
C GLY C 209 -3.37 20.23 -16.48
N SER C 210 -2.26 19.54 -16.23
CA SER C 210 -1.06 20.18 -15.71
C SER C 210 0.14 19.57 -16.43
N LEU C 211 1.31 20.13 -16.17
CA LEU C 211 2.54 19.59 -16.75
C LEU C 211 3.56 19.27 -15.65
N LEU C 212 4.09 18.06 -15.69
CA LEU C 212 5.17 17.66 -14.78
C LEU C 212 6.50 17.71 -15.52
N VAL C 213 7.44 18.47 -14.98
CA VAL C 213 8.71 18.72 -15.66
C VAL C 213 9.89 18.28 -14.80
N GLY C 214 10.90 17.68 -15.42
CA GLY C 214 12.09 17.26 -14.71
C GLY C 214 13.09 16.56 -15.61
N SER C 215 13.94 15.73 -15.03
CA SER C 215 14.95 15.01 -15.79
C SER C 215 14.31 13.92 -16.64
N HIS C 216 15.07 13.38 -17.60
CA HIS C 216 14.58 12.29 -18.44
C HIS C 216 14.17 11.09 -17.60
N ALA C 217 15.08 10.67 -16.72
CA ALA C 217 14.86 9.49 -15.87
C ALA C 217 13.66 9.68 -14.95
N PHE C 218 13.56 10.87 -14.35
CA PHE C 218 12.44 11.18 -13.47
C PHE C 218 11.11 11.11 -14.22
N ILE C 219 11.06 11.71 -15.40
CA ILE C 219 9.84 11.73 -16.21
C ILE C 219 9.54 10.32 -16.74
N ALA C 220 10.58 9.56 -17.05
CA ALA C 220 10.40 8.18 -17.48
C ALA C 220 9.67 7.33 -16.43
N ARG C 221 10.05 7.52 -15.17
CA ARG C 221 9.39 6.83 -14.07
C ARG C 221 7.96 7.33 -13.89
N ALA C 222 7.77 8.64 -14.00
CA ALA C 222 6.45 9.24 -13.87
C ALA C 222 5.50 8.78 -14.98
N ARG C 223 6.03 8.60 -16.19
CA ARG C 223 5.22 8.19 -17.33
C ARG C 223 4.72 6.76 -17.16
N ARG C 224 5.55 5.90 -16.60
CA ARG C 224 5.14 4.52 -16.37
C ARG C 224 4.12 4.46 -15.24
N LEU C 225 4.31 5.29 -14.22
CA LEU C 225 3.37 5.36 -13.11
C LEU C 225 2.07 6.03 -13.53
N ARG C 226 2.15 6.91 -14.53
CA ARG C 226 0.96 7.59 -15.06
C ARG C 226 0.00 6.57 -15.65
N LYS C 227 0.55 5.57 -16.31
CA LYS C 227 -0.25 4.49 -16.90
C LYS C 227 -1.00 3.72 -15.82
N MET C 228 -0.31 3.44 -14.70
CA MET C 228 -0.90 2.67 -13.61
C MET C 228 -2.05 3.42 -12.93
N VAL C 229 -1.88 4.72 -12.71
CA VAL C 229 -2.87 5.52 -12.01
C VAL C 229 -4.06 5.90 -12.91
N GLY C 230 -3.89 5.72 -14.21
CA GLY C 230 -4.98 5.98 -15.15
C GLY C 230 -4.85 7.29 -15.91
N GLY C 231 -3.66 7.86 -15.91
CA GLY C 231 -3.43 9.13 -16.57
C GLY C 231 -3.03 9.01 -18.04
N GLY C 232 -2.95 7.78 -18.55
CA GLY C 232 -2.54 7.54 -19.93
C GLY C 232 -3.67 7.71 -20.92
N MET C 233 -3.76 8.90 -21.52
CA MET C 233 -4.83 9.22 -22.46
C MET C 233 -4.43 8.96 -23.91
N ARG C 234 -5.41 9.04 -24.79
CA ARG C 234 -5.21 8.80 -26.22
C ARG C 234 -4.96 10.11 -26.97
N GLN C 235 -6.00 10.66 -27.59
CA GLN C 235 -5.83 11.90 -28.37
C GLN C 235 -6.00 13.15 -27.49
N ALA C 236 -5.08 13.35 -26.57
CA ALA C 236 -5.16 14.47 -25.64
C ALA C 236 -4.56 15.76 -26.20
N GLY C 237 -4.10 15.71 -27.44
CA GLY C 237 -3.49 16.85 -28.08
C GLY C 237 -4.37 18.09 -28.16
N ILE C 238 -5.68 17.88 -28.21
CA ILE C 238 -6.62 19.00 -28.21
C ILE C 238 -6.51 19.71 -26.88
N LEU C 239 -6.42 18.94 -25.79
CA LEU C 239 -6.20 19.50 -24.46
C LEU C 239 -4.82 20.13 -24.35
N ALA C 240 -3.82 19.41 -24.85
CA ALA C 240 -2.43 19.87 -24.78
C ALA C 240 -2.21 21.16 -25.55
N GLN C 241 -2.86 21.27 -26.70
CA GLN C 241 -2.72 22.45 -27.55
C GLN C 241 -3.31 23.68 -26.85
N ALA C 242 -4.39 23.46 -26.11
CA ALA C 242 -4.98 24.51 -25.30
C ALA C 242 -4.03 24.95 -24.21
N GLY C 243 -3.36 23.98 -23.59
CA GLY C 243 -2.40 24.25 -22.54
C GLY C 243 -1.18 25.00 -23.07
N LEU C 244 -0.78 24.64 -24.29
CA LEU C 244 0.32 25.31 -24.97
C LEU C 244 -0.04 26.77 -25.29
N PHE C 245 -1.28 26.96 -25.75
CA PHE C 245 -1.82 28.28 -26.02
C PHE C 245 -1.78 29.15 -24.78
N ALA C 246 -2.18 28.56 -23.65
CA ALA C 246 -2.24 29.28 -22.38
C ALA C 246 -0.88 29.82 -21.98
N LEU C 247 0.16 28.99 -22.11
CA LEU C 247 1.51 29.37 -21.74
C LEU C 247 2.05 30.48 -22.62
N GLN C 248 1.66 30.47 -23.89
CA GLN C 248 2.17 31.45 -24.85
C GLN C 248 1.38 32.75 -24.82
N GLN C 249 0.12 32.70 -24.39
CA GLN C 249 -0.76 33.86 -24.53
C GLN C 249 -1.35 34.38 -23.23
N HIS C 250 -1.32 33.59 -22.17
CA HIS C 250 -2.07 33.94 -20.97
C HIS C 250 -1.21 34.18 -19.73
N VAL C 251 0.11 34.26 -19.91
CA VAL C 251 1.00 34.48 -18.78
C VAL C 251 1.10 35.97 -18.42
N VAL C 252 1.35 36.80 -19.42
CA VAL C 252 1.55 38.24 -19.19
C VAL C 252 0.32 38.88 -18.56
N ARG C 253 -0.86 38.50 -19.06
CA ARG C 253 -2.11 39.12 -18.61
C ARG C 253 -2.49 38.74 -17.17
N LEU C 254 -1.71 37.86 -16.55
CA LEU C 254 -1.95 37.48 -15.16
C LEU C 254 -1.78 38.67 -14.22
N ALA C 255 -1.01 39.67 -14.65
CA ALA C 255 -0.82 40.89 -13.90
C ALA C 255 -2.14 41.60 -13.63
N ASP C 256 -3.09 41.48 -14.55
CA ASP C 256 -4.41 42.07 -14.37
C ASP C 256 -5.17 41.39 -13.23
N ASP C 257 -5.07 40.06 -13.17
CA ASP C 257 -5.66 39.30 -12.07
C ASP C 257 -5.09 39.78 -10.74
N HIS C 258 -3.81 40.10 -10.75
CA HIS C 258 -3.13 40.60 -9.56
C HIS C 258 -3.63 42.00 -9.23
N ARG C 259 -3.82 42.82 -10.27
CA ARG C 259 -4.30 44.18 -10.08
C ARG C 259 -5.73 44.21 -9.53
N ARG C 260 -6.60 43.39 -10.10
CA ARG C 260 -8.00 43.37 -9.66
C ARG C 260 -8.14 42.79 -8.26
N ALA C 261 -7.29 41.83 -7.93
CA ALA C 261 -7.28 41.26 -6.58
C ALA C 261 -6.79 42.31 -5.60
N ARG C 262 -5.78 43.05 -6.03
CA ARG C 262 -5.20 44.12 -5.22
C ARG C 262 -6.25 45.21 -5.04
N GLN C 263 -6.97 45.49 -6.13
CA GLN C 263 -8.05 46.47 -6.13
C GLN C 263 -9.24 45.98 -5.30
N LEU C 264 -9.45 44.68 -5.29
CA LEU C 264 -10.52 44.08 -4.49
C LEU C 264 -10.21 44.13 -3.01
N ALA C 265 -8.98 43.76 -2.64
CA ALA C 265 -8.57 43.73 -1.24
C ALA C 265 -8.56 45.11 -0.64
N GLU C 266 -8.13 46.09 -1.42
CA GLU C 266 -8.10 47.48 -0.99
C GLU C 266 -9.49 48.00 -0.65
N GLY C 267 -10.45 47.67 -1.50
CA GLY C 267 -11.82 48.09 -1.30
C GLY C 267 -12.46 47.47 -0.07
N LEU C 268 -12.13 46.20 0.18
CA LEU C 268 -12.70 45.48 1.32
C LEU C 268 -11.96 45.76 2.62
N ALA C 269 -10.93 46.60 2.55
CA ALA C 269 -10.15 46.92 3.73
C ALA C 269 -10.78 48.08 4.49
N GLY C 273 -15.91 45.92 9.27
CA GLY C 273 -16.00 44.64 9.93
C GLY C 273 -15.26 43.54 9.19
N ILE C 274 -14.37 43.93 8.28
CA ILE C 274 -13.59 42.96 7.50
C ILE C 274 -12.11 43.07 7.80
N ARG C 275 -11.56 42.05 8.48
CA ARG C 275 -10.13 41.98 8.78
C ARG C 275 -9.38 41.44 7.57
N LEU C 276 -8.41 42.21 7.08
CA LEU C 276 -7.71 41.85 5.85
C LEU C 276 -6.27 42.31 5.90
N ASP C 277 -5.35 41.38 5.66
CA ASP C 277 -3.93 41.69 5.62
C ASP C 277 -3.45 41.83 4.18
N LEU C 278 -3.21 43.07 3.76
CA LEU C 278 -2.82 43.38 2.39
C LEU C 278 -1.43 42.88 2.05
N ALA C 279 -0.68 42.44 3.06
CA ALA C 279 0.68 41.95 2.82
C ALA C 279 0.71 40.54 2.24
N GLN C 280 -0.38 39.81 2.36
CA GLN C 280 -0.48 38.47 1.78
C GLN C 280 -1.26 38.50 0.46
N VAL C 281 -1.63 39.70 0.03
CA VAL C 281 -2.19 39.88 -1.31
C VAL C 281 -1.05 40.23 -2.25
N GLN C 282 -0.42 39.19 -2.82
CA GLN C 282 0.74 39.38 -3.68
C GLN C 282 0.47 38.96 -5.12
N THR C 283 -0.56 38.13 -5.31
CA THR C 283 -0.98 37.74 -6.65
C THR C 283 -2.49 37.88 -6.79
N ASN C 284 -3.16 36.78 -7.15
CA ASN C 284 -4.59 36.84 -7.46
C ASN C 284 -5.49 36.29 -6.35
N MET C 285 -5.07 36.39 -5.10
CA MET C 285 -5.88 35.89 -3.99
C MET C 285 -6.09 36.92 -2.90
N VAL C 286 -7.30 36.93 -2.33
CA VAL C 286 -7.62 37.78 -1.19
C VAL C 286 -8.23 36.97 -0.06
N PHE C 287 -7.52 36.90 1.06
CA PHE C 287 -8.00 36.19 2.23
C PHE C 287 -8.56 37.17 3.25
N LEU C 288 -9.73 36.82 3.80
CA LEU C 288 -10.48 37.75 4.63
C LEU C 288 -11.10 37.01 5.81
N GLN C 289 -11.26 37.72 6.92
CA GLN C 289 -11.94 37.17 8.09
C GLN C 289 -12.86 38.21 8.72
N LEU C 290 -13.97 37.74 9.30
CA LEU C 290 -14.92 38.65 9.95
C LEU C 290 -14.51 38.94 11.39
N ARG C 295 -20.59 33.23 9.29
CA ARG C 295 -19.98 33.05 7.97
C ARG C 295 -21.02 32.59 6.95
N ALA C 296 -21.84 31.62 7.33
CA ALA C 296 -22.86 31.06 6.45
C ALA C 296 -23.87 32.11 5.93
N PRO C 297 -24.33 33.04 6.80
CA PRO C 297 -25.23 34.06 6.24
C PRO C 297 -24.57 34.94 5.18
N LEU C 298 -23.26 35.17 5.31
CA LEU C 298 -22.55 35.97 4.32
C LEU C 298 -22.52 35.29 2.95
N LEU C 299 -22.17 34.00 2.95
CA LEU C 299 -22.10 33.24 1.70
C LEU C 299 -23.48 33.16 1.05
N ALA C 300 -24.51 32.97 1.87
CA ALA C 300 -25.88 32.90 1.38
C ALA C 300 -26.29 34.24 0.78
N PHE C 301 -25.93 35.32 1.46
CA PHE C 301 -26.20 36.67 0.99
C PHE C 301 -25.54 36.91 -0.36
N MET C 302 -24.27 36.54 -0.45
CA MET C 302 -23.49 36.73 -1.68
C MET C 302 -24.04 35.83 -2.79
N LYS C 303 -24.34 34.58 -2.43
CA LYS C 303 -24.92 33.63 -3.37
C LYS C 303 -26.18 34.19 -4.02
N ALA C 304 -26.99 34.87 -3.22
CA ALA C 304 -28.23 35.47 -3.70
C ALA C 304 -27.98 36.61 -4.68
N ARG C 305 -26.77 37.17 -4.66
CA ARG C 305 -26.43 38.26 -5.57
C ARG C 305 -25.52 37.80 -6.70
N GLY C 306 -25.48 36.49 -6.94
CA GLY C 306 -24.67 35.96 -8.02
C GLY C 306 -23.18 36.12 -7.76
N ILE C 307 -22.79 36.12 -6.49
CA ILE C 307 -21.40 36.29 -6.11
C ILE C 307 -20.90 35.04 -5.38
N LEU C 308 -19.85 34.43 -5.91
CA LEU C 308 -19.40 33.15 -5.40
C LEU C 308 -17.97 33.19 -4.88
N PHE C 309 -17.78 32.76 -3.64
CA PHE C 309 -16.44 32.48 -3.13
C PHE C 309 -16.53 31.46 -2.01
N SER C 310 -15.39 31.20 -1.39
CA SER C 310 -15.31 30.18 -0.35
C SER C 310 -14.67 30.74 0.92
N GLU C 314 -11.01 30.51 6.76
CA GLU C 314 -10.81 31.86 6.23
C GLU C 314 -11.38 32.00 4.83
N LEU C 315 -12.09 33.10 4.58
CA LEU C 315 -12.72 33.36 3.30
C LEU C 315 -11.66 33.64 2.23
N ARG C 316 -11.77 32.94 1.10
CA ARG C 316 -10.79 33.09 0.04
C ARG C 316 -11.42 33.58 -1.26
N LEU C 317 -10.88 34.67 -1.79
CA LEU C 317 -11.37 35.24 -3.03
C LEU C 317 -10.27 35.22 -4.09
N VAL C 318 -10.56 34.62 -5.24
CA VAL C 318 -9.56 34.45 -6.29
C VAL C 318 -10.01 35.10 -7.62
N THR C 319 -9.15 35.94 -8.18
CA THR C 319 -9.46 36.62 -9.43
C THR C 319 -8.86 35.89 -10.63
N HIS C 320 -9.46 36.09 -11.81
CA HIS C 320 -9.03 35.43 -13.03
C HIS C 320 -9.52 36.20 -14.26
N LEU C 321 -9.26 35.65 -15.46
CA LEU C 321 -9.51 36.40 -16.70
C LEU C 321 -11.00 36.64 -16.97
N GLN C 322 -11.86 35.95 -16.23
CA GLN C 322 -13.30 36.17 -16.36
C GLN C 322 -13.84 36.99 -15.20
N ILE C 323 -12.92 37.66 -14.51
CA ILE C 323 -13.29 38.68 -13.54
C ILE C 323 -12.93 40.04 -14.11
N HIS C 324 -13.91 40.94 -14.17
CA HIS C 324 -13.70 42.24 -14.78
C HIS C 324 -13.80 43.36 -13.75
N ASP C 325 -13.49 44.57 -14.18
CA ASP C 325 -13.42 45.73 -13.30
C ASP C 325 -14.75 46.00 -12.57
N ASP C 326 -15.85 45.90 -13.31
CA ASP C 326 -17.16 46.14 -12.72
C ASP C 326 -17.56 45.06 -11.74
N ASP C 327 -17.14 43.82 -12.00
CA ASP C 327 -17.38 42.73 -11.08
C ASP C 327 -16.79 43.03 -9.70
N ILE C 328 -15.55 43.52 -9.70
CA ILE C 328 -14.87 43.89 -8.46
C ILE C 328 -15.65 44.95 -7.70
N GLU C 329 -16.13 45.96 -8.42
CA GLU C 329 -16.88 47.05 -7.80
C GLU C 329 -18.23 46.57 -7.29
N GLU C 330 -18.79 45.55 -7.93
CA GLU C 330 -20.07 45.00 -7.51
C GLU C 330 -19.96 44.23 -6.19
N VAL C 331 -18.86 43.50 -6.02
CA VAL C 331 -18.67 42.72 -4.79
C VAL C 331 -18.17 43.60 -3.65
N ILE C 332 -17.51 44.71 -3.97
CA ILE C 332 -17.15 45.69 -2.97
C ILE C 332 -18.44 46.35 -2.45
N ASP C 333 -19.33 46.66 -3.38
CA ASP C 333 -20.65 47.19 -3.05
C ASP C 333 -21.45 46.20 -2.21
N ALA C 334 -21.36 44.93 -2.58
CA ALA C 334 -22.10 43.88 -1.88
C ALA C 334 -21.66 43.77 -0.42
N PHE C 335 -20.35 43.82 -0.20
CA PHE C 335 -19.80 43.78 1.16
C PHE C 335 -20.20 45.01 1.97
N THR C 336 -20.09 46.18 1.37
CA THR C 336 -20.50 47.43 2.00
C THR C 336 -21.97 47.35 2.42
N GLU C 337 -22.78 46.89 1.48
CA GLU C 337 -24.22 46.70 1.70
C GLU C 337 -24.48 45.72 2.83
N TYR C 338 -23.61 44.73 2.95
CA TYR C 338 -23.75 43.70 3.97
C TYR C 338 -23.47 44.27 5.36
N LEU C 339 -22.76 45.38 5.40
CA LEU C 339 -22.39 45.98 6.67
C LEU C 339 -23.11 47.32 6.85
N ARG D 5 -5.31 -36.27 25.41
CA ARG D 5 -4.92 -37.48 24.69
C ARG D 5 -5.47 -37.48 23.25
N TYR D 6 -4.83 -36.71 22.38
CA TYR D 6 -5.24 -36.66 20.98
C TYR D 6 -4.14 -37.14 20.03
N ILE D 7 -4.53 -37.83 18.96
CA ILE D 7 -3.61 -38.13 17.88
C ILE D 7 -3.73 -37.02 16.83
N ASP D 8 -2.77 -36.09 16.85
CA ASP D 8 -2.90 -34.87 16.06
C ASP D 8 -2.15 -34.99 14.74
N LEU D 9 -2.89 -35.29 13.69
CA LEU D 9 -2.34 -35.42 12.36
C LEU D 9 -2.71 -34.23 11.49
N ARG D 10 -3.15 -33.15 12.14
CA ARG D 10 -3.56 -31.94 11.42
C ARG D 10 -2.38 -31.27 10.73
N SER D 11 -1.25 -31.19 11.42
CA SER D 11 -0.06 -30.53 10.91
C SER D 11 1.16 -30.87 11.74
N ASP D 12 2.34 -30.64 11.18
CA ASP D 12 3.57 -30.83 11.94
C ASP D 12 3.87 -29.58 12.78
N THR D 13 2.97 -28.61 12.73
CA THR D 13 3.12 -27.38 13.51
C THR D 13 2.72 -27.56 14.97
N VAL D 14 2.03 -28.66 15.26
CA VAL D 14 1.54 -28.92 16.61
C VAL D 14 2.62 -29.57 17.46
N THR D 15 3.82 -29.69 16.90
CA THR D 15 4.96 -30.25 17.61
C THR D 15 5.26 -29.47 18.88
N GLN D 16 5.45 -30.19 19.98
CA GLN D 16 5.77 -29.58 21.25
C GLN D 16 7.27 -29.66 21.51
N PRO D 17 7.83 -28.71 22.27
CA PRO D 17 9.24 -28.78 22.60
C PRO D 17 9.57 -29.94 23.54
N THR D 18 10.59 -30.72 23.20
CA THR D 18 11.03 -31.81 24.05
C THR D 18 11.65 -31.26 25.33
N ASP D 19 11.77 -32.11 26.34
CA ASP D 19 12.38 -31.71 27.61
C ASP D 19 13.81 -31.22 27.40
N ALA D 20 14.54 -31.91 26.52
CA ALA D 20 15.91 -31.51 26.19
C ALA D 20 15.93 -30.12 25.57
N MET D 21 14.96 -29.86 24.70
CA MET D 21 14.85 -28.54 24.08
C MET D 21 14.49 -27.47 25.12
N ARG D 22 13.57 -27.81 26.01
CA ARG D 22 13.18 -26.90 27.10
C ARG D 22 14.38 -26.56 27.98
N GLN D 23 15.19 -27.57 28.28
CA GLN D 23 16.39 -27.36 29.08
C GLN D 23 17.35 -26.41 28.38
N CYS D 24 17.47 -26.57 27.08
CA CYS D 24 18.32 -25.71 26.27
C CYS D 24 17.81 -24.26 26.29
N MET D 25 16.50 -24.09 26.28
CA MET D 25 15.89 -22.76 26.36
C MET D 25 16.12 -22.13 27.73
N LEU D 26 16.02 -22.95 28.77
CA LEU D 26 16.19 -22.50 30.15
C LEU D 26 17.55 -21.82 30.36
N HIS D 27 18.58 -22.36 29.73
CA HIS D 27 19.95 -21.89 29.93
C HIS D 27 20.42 -20.99 28.80
N ALA D 28 19.49 -20.56 27.96
CA ALA D 28 19.82 -19.70 26.83
C ALA D 28 20.28 -18.33 27.28
N GLU D 29 21.41 -17.88 26.74
CA GLU D 29 21.90 -16.54 26.97
C GLU D 29 21.18 -15.55 26.04
N VAL D 30 20.72 -14.43 26.59
CA VAL D 30 19.92 -13.49 25.81
C VAL D 30 20.42 -12.04 25.90
N GLY D 31 19.86 -11.20 25.04
CA GLY D 31 20.17 -9.77 25.01
C GLY D 31 19.11 -9.07 24.18
N ASP D 32 19.34 -7.78 23.89
CA ASP D 32 18.41 -7.02 23.06
C ASP D 32 18.75 -7.21 21.57
N ASP D 33 17.91 -7.97 20.87
CA ASP D 33 18.17 -8.30 19.47
C ASP D 33 18.10 -7.09 18.55
N VAL D 34 17.30 -6.11 18.92
CA VAL D 34 17.22 -4.86 18.17
C VAL D 34 18.58 -4.19 18.13
N TYR D 35 19.34 -4.31 19.21
CA TYR D 35 20.70 -3.81 19.27
C TYR D 35 21.70 -4.83 18.71
N GLY D 36 21.17 -5.97 18.26
CA GLY D 36 22.00 -7.03 17.74
C GLY D 36 22.84 -7.68 18.84
N GLU D 37 22.35 -7.63 20.06
CA GLU D 37 23.13 -8.05 21.21
C GLU D 37 22.61 -9.33 21.89
N ASP D 38 21.74 -10.06 21.19
CA ASP D 38 21.28 -11.35 21.70
C ASP D 38 22.15 -12.48 21.14
N PRO D 39 22.96 -13.10 22.00
CA PRO D 39 23.89 -14.14 21.58
C PRO D 39 23.18 -15.37 21.02
N GLY D 40 21.97 -15.63 21.53
CA GLY D 40 21.19 -16.77 21.08
C GLY D 40 20.68 -16.61 19.67
N VAL D 41 20.18 -15.41 19.36
CA VAL D 41 19.71 -15.12 18.02
C VAL D 41 20.87 -15.09 17.03
N ASN D 42 21.94 -14.41 17.41
CA ASN D 42 23.13 -14.30 16.57
C ASN D 42 23.73 -15.66 16.26
N ALA D 43 23.73 -16.55 17.26
CA ALA D 43 24.27 -17.89 17.08
C ALA D 43 23.41 -18.69 16.10
N LEU D 44 22.09 -18.65 16.29
CA LEU D 44 21.18 -19.32 15.38
C LEU D 44 21.33 -18.79 13.95
N GLU D 45 21.42 -17.47 13.82
CA GLU D 45 21.56 -16.85 12.52
C GLU D 45 22.91 -17.16 11.85
N ALA D 46 23.98 -17.14 12.63
CA ALA D 46 25.30 -17.47 12.09
C ALA D 46 25.33 -18.93 11.62
N TYR D 47 24.81 -19.82 12.46
CA TYR D 47 24.75 -21.23 12.13
C TYR D 47 23.85 -21.48 10.92
N GLY D 48 22.70 -20.82 10.90
CA GLY D 48 21.73 -20.99 9.85
C GLY D 48 22.23 -20.52 8.50
N ALA D 49 22.86 -19.35 8.49
CA ALA D 49 23.44 -18.79 7.27
C ALA D 49 24.50 -19.74 6.71
N ASP D 50 25.31 -20.29 7.61
CA ASP D 50 26.37 -21.19 7.21
C ASP D 50 25.84 -22.53 6.71
N LEU D 51 24.81 -23.03 7.39
CA LEU D 51 24.18 -24.29 7.01
C LEU D 51 23.67 -24.26 5.57
N LEU D 52 23.16 -23.12 5.16
CA LEU D 52 22.61 -22.97 3.81
C LEU D 52 23.62 -22.33 2.86
N GLY D 53 24.80 -21.99 3.37
CA GLY D 53 25.86 -21.44 2.55
C GLY D 53 25.58 -20.06 2.00
N LYS D 54 24.89 -19.24 2.79
CA LYS D 54 24.63 -17.87 2.40
C LYS D 54 25.34 -16.94 3.35
N GLU D 55 25.31 -15.64 3.05
CA GLU D 55 26.08 -14.66 3.80
C GLU D 55 25.46 -14.30 5.15
N ALA D 56 24.14 -14.19 5.19
CA ALA D 56 23.47 -13.70 6.39
C ALA D 56 22.12 -14.38 6.61
N ALA D 57 21.61 -14.28 7.83
CA ALA D 57 20.32 -14.87 8.17
C ALA D 57 19.54 -13.98 9.14
N LEU D 58 18.22 -14.15 9.16
CA LEU D 58 17.36 -13.32 9.99
C LEU D 58 16.28 -14.14 10.68
N PHE D 59 16.23 -14.06 12.00
CA PHE D 59 15.23 -14.80 12.77
C PHE D 59 13.93 -14.02 12.85
N VAL D 60 12.83 -14.69 12.53
CA VAL D 60 11.50 -14.07 12.46
C VAL D 60 10.46 -14.92 13.18
N PRO D 61 9.37 -14.29 13.68
CA PRO D 61 8.33 -15.00 14.42
C PRO D 61 7.58 -16.07 13.62
N SER D 62 7.60 -15.98 12.30
CA SER D 62 6.88 -16.95 11.49
C SER D 62 7.46 -17.11 10.08
N GLY D 63 7.09 -18.20 9.41
CA GLY D 63 7.48 -18.42 8.04
C GLY D 63 6.75 -17.45 7.12
N THR D 64 5.55 -17.07 7.52
CA THR D 64 4.78 -16.09 6.78
C THR D 64 5.53 -14.77 6.71
N MET D 65 6.08 -14.33 7.84
CA MET D 65 6.84 -13.08 7.85
C MET D 65 8.14 -13.28 7.08
N SER D 66 8.70 -14.48 7.19
CA SER D 66 9.92 -14.83 6.47
C SER D 66 9.74 -14.64 4.97
N ASN D 67 8.65 -15.17 4.43
CA ASN D 67 8.34 -15.00 3.01
C ASN D 67 7.93 -13.56 2.69
N LEU D 68 7.08 -12.99 3.54
CA LEU D 68 6.63 -11.61 3.38
C LEU D 68 7.81 -10.64 3.26
N LEU D 69 8.76 -10.77 4.17
CA LEU D 69 9.97 -9.96 4.16
C LEU D 69 10.84 -10.27 2.93
N ALA D 70 10.82 -11.53 2.52
CA ALA D 70 11.64 -11.99 1.40
C ALA D 70 11.27 -11.33 0.06
N VAL D 71 9.99 -11.39 -0.32
CA VAL D 71 9.60 -10.82 -1.61
C VAL D 71 9.67 -9.29 -1.58
N MET D 72 9.39 -8.69 -0.43
CA MET D 72 9.44 -7.23 -0.32
C MET D 72 10.87 -6.73 -0.36
N SER D 73 11.81 -7.58 0.03
CA SER D 73 13.23 -7.24 -0.02
C SER D 73 13.78 -7.49 -1.42
N HIS D 74 13.08 -8.34 -2.17
CA HIS D 74 13.40 -8.58 -3.57
C HIS D 74 12.63 -7.60 -4.46
N CYS D 75 11.40 -7.30 -4.07
CA CYS D 75 10.51 -6.51 -4.92
C CYS D 75 10.05 -5.21 -4.26
N GLN D 76 10.35 -4.10 -4.92
CA GLN D 76 9.89 -2.79 -4.46
C GLN D 76 8.49 -2.56 -4.99
N ARG D 77 7.95 -1.38 -4.71
CA ARG D 77 6.60 -1.02 -5.17
C ARG D 77 6.40 -1.32 -6.64
N GLY D 78 5.36 -2.08 -6.95
CA GLY D 78 4.98 -2.33 -8.34
C GLY D 78 5.74 -3.44 -9.04
N GLU D 79 6.84 -3.88 -8.46
CA GLU D 79 7.65 -4.91 -9.09
C GLU D 79 7.02 -6.28 -8.89
N GLY D 80 7.33 -7.20 -9.79
CA GLY D 80 6.62 -8.46 -9.87
C GLY D 80 7.35 -9.65 -9.28
N ALA D 81 6.57 -10.55 -8.69
CA ALA D 81 7.10 -11.82 -8.20
C ALA D 81 6.26 -12.97 -8.76
N VAL D 82 6.92 -13.82 -9.53
CA VAL D 82 6.26 -14.98 -10.13
C VAL D 82 6.29 -16.14 -9.16
N LEU D 83 5.14 -16.77 -8.96
CA LEU D 83 4.99 -17.86 -8.01
C LEU D 83 3.96 -18.88 -8.49
N GLY D 84 3.86 -20.00 -7.78
CA GLY D 84 2.85 -20.99 -8.06
C GLY D 84 1.51 -20.56 -7.52
N SER D 85 0.44 -20.89 -8.23
CA SER D 85 -0.91 -20.53 -7.78
C SER D 85 -1.28 -21.33 -6.54
N ALA D 86 -0.59 -22.45 -6.34
CA ALA D 86 -0.81 -23.28 -5.16
C ALA D 86 0.27 -23.04 -4.10
N ALA D 87 1.14 -22.07 -4.34
CA ALA D 87 2.21 -21.74 -3.38
C ALA D 87 1.61 -21.07 -2.14
N HIS D 88 2.25 -21.30 -1.00
CA HIS D 88 1.77 -20.77 0.27
C HIS D 88 1.77 -19.23 0.28
N ILE D 89 2.80 -18.65 -0.33
CA ILE D 89 2.93 -17.19 -0.42
C ILE D 89 1.73 -16.57 -1.15
N TYR D 90 1.20 -17.30 -2.12
CA TYR D 90 0.05 -16.81 -2.86
C TYR D 90 -1.26 -17.20 -2.17
N ARG D 91 -1.36 -18.45 -1.78
CA ARG D 91 -2.62 -19.04 -1.35
C ARG D 91 -2.94 -18.86 0.13
N TYR D 92 -1.92 -18.87 0.99
CA TYR D 92 -2.17 -18.94 2.43
C TYR D 92 -1.51 -17.86 3.28
N GLU D 93 -1.10 -16.75 2.67
CA GLU D 93 -0.51 -15.66 3.45
C GLU D 93 -1.23 -14.34 3.18
N ALA D 94 -2.52 -14.45 2.85
CA ALA D 94 -3.41 -13.29 2.66
C ALA D 94 -2.92 -12.29 1.61
N GLN D 95 -2.04 -12.73 0.74
CA GLN D 95 -1.40 -11.86 -0.26
C GLN D 95 -0.82 -10.60 0.38
N GLY D 96 -0.19 -10.77 1.54
CA GLY D 96 0.41 -9.66 2.26
C GLY D 96 1.44 -8.91 1.45
N SER D 97 2.15 -9.65 0.59
CA SER D 97 3.15 -9.07 -0.30
C SER D 97 2.57 -7.98 -1.18
N ALA D 98 1.32 -8.17 -1.59
CA ALA D 98 0.64 -7.21 -2.45
C ALA D 98 -0.04 -6.13 -1.61
N VAL D 99 -0.87 -6.57 -0.68
CA VAL D 99 -1.65 -5.67 0.17
C VAL D 99 -0.75 -4.73 0.99
N LEU D 100 0.24 -5.30 1.65
CA LEU D 100 1.13 -4.52 2.50
C LEU D 100 2.33 -3.98 1.72
N GLY D 101 2.90 -4.80 0.84
CA GLY D 101 4.16 -4.46 0.19
C GLY D 101 4.04 -3.87 -1.21
N SER D 102 2.83 -3.80 -1.73
CA SER D 102 2.59 -3.26 -3.08
C SER D 102 3.35 -4.02 -4.16
N VAL D 103 3.60 -5.29 -3.89
CA VAL D 103 4.27 -6.17 -4.83
C VAL D 103 3.24 -6.81 -5.76
N ALA D 104 3.53 -6.85 -7.04
CA ALA D 104 2.65 -7.49 -8.00
C ALA D 104 2.88 -9.00 -8.01
N LEU D 105 2.00 -9.75 -7.36
CA LEU D 105 2.10 -11.21 -7.36
C LEU D 105 1.67 -11.74 -8.73
N GLN D 106 2.48 -12.63 -9.30
CA GLN D 106 2.22 -13.17 -10.63
C GLN D 106 2.12 -14.69 -10.65
N PRO D 107 0.97 -15.24 -10.26
CA PRO D 107 0.77 -16.69 -10.21
C PRO D 107 0.78 -17.39 -11.57
N VAL D 108 1.42 -18.55 -11.60
CA VAL D 108 1.44 -19.44 -12.75
C VAL D 108 1.01 -20.83 -12.24
N PRO D 109 0.53 -21.70 -13.15
CA PRO D 109 0.10 -23.03 -12.69
C PRO D 109 1.20 -23.81 -11.98
N MET D 110 0.85 -24.41 -10.85
CA MET D 110 1.83 -25.17 -10.09
C MET D 110 1.58 -26.66 -10.30
N GLN D 111 2.65 -27.39 -10.62
CA GLN D 111 2.55 -28.81 -10.92
C GLN D 111 2.60 -29.68 -9.67
N ALA D 112 2.53 -30.99 -9.85
CA ALA D 112 2.47 -31.92 -8.72
C ALA D 112 3.71 -31.85 -7.85
N ASP D 113 4.89 -31.91 -8.47
CA ASP D 113 6.15 -31.89 -7.71
C ASP D 113 6.49 -30.48 -7.22
N GLY D 114 5.59 -29.54 -7.44
CA GLY D 114 5.77 -28.17 -6.99
C GLY D 114 6.50 -27.31 -7.99
N SER D 115 6.82 -27.86 -9.14
CA SER D 115 7.57 -27.12 -10.14
C SER D 115 6.68 -26.20 -10.97
N LEU D 116 7.28 -25.12 -11.46
CA LEU D 116 6.59 -24.21 -12.36
C LEU D 116 7.13 -24.40 -13.77
N ALA D 117 6.23 -24.62 -14.72
CA ALA D 117 6.62 -24.81 -16.11
C ALA D 117 7.39 -23.59 -16.60
N LEU D 118 8.59 -23.82 -17.13
CA LEU D 118 9.46 -22.74 -17.60
C LEU D 118 8.78 -21.87 -18.65
N ALA D 119 7.98 -22.50 -19.50
CA ALA D 119 7.24 -21.76 -20.52
C ALA D 119 6.21 -20.83 -19.89
N ASP D 120 5.55 -21.31 -18.83
CA ASP D 120 4.57 -20.51 -18.12
C ASP D 120 5.24 -19.33 -17.41
N VAL D 121 6.41 -19.61 -16.81
CA VAL D 121 7.16 -18.58 -16.10
C VAL D 121 7.69 -17.54 -17.07
N ARG D 122 8.24 -18.02 -18.18
CA ARG D 122 8.81 -17.16 -19.21
C ARG D 122 7.76 -16.24 -19.83
N ALA D 123 6.54 -16.75 -19.99
CA ALA D 123 5.44 -15.96 -20.54
C ALA D 123 4.94 -14.92 -19.54
N ALA D 124 5.11 -15.21 -18.25
CA ALA D 124 4.61 -14.34 -17.20
C ALA D 124 5.52 -13.14 -16.93
N ILE D 125 6.82 -13.34 -17.17
CA ILE D 125 7.81 -12.32 -16.85
C ILE D 125 7.62 -11.03 -17.65
N ALA D 126 7.42 -9.93 -16.94
CA ALA D 126 7.32 -8.62 -17.57
C ALA D 126 8.69 -7.94 -17.54
N PRO D 127 9.12 -7.40 -18.69
CA PRO D 127 10.42 -6.73 -18.79
C PRO D 127 10.42 -5.33 -18.19
N ASP D 128 11.60 -4.79 -17.94
CA ASP D 128 11.71 -3.40 -17.52
C ASP D 128 11.54 -2.50 -18.75
N ASP D 129 10.33 -2.00 -18.95
CA ASP D 129 9.99 -1.29 -20.19
C ASP D 129 9.41 0.09 -19.90
N VAL D 130 8.89 0.73 -20.94
CA VAL D 130 8.32 2.06 -20.80
C VAL D 130 7.02 2.03 -20.00
N TYR D 131 6.27 0.93 -20.14
CA TYR D 131 4.99 0.79 -19.43
C TYR D 131 4.91 -0.45 -18.57
N PHE D 132 5.97 -1.27 -18.59
CA PHE D 132 6.00 -2.47 -17.77
C PHE D 132 6.98 -2.33 -16.62
N THR D 133 6.47 -2.41 -15.40
CA THR D 133 7.31 -2.47 -14.21
C THR D 133 7.79 -3.92 -14.11
N PRO D 134 9.12 -4.12 -14.08
CA PRO D 134 9.70 -5.45 -14.28
C PRO D 134 9.39 -6.47 -13.19
N THR D 135 9.28 -7.73 -13.61
CA THR D 135 9.33 -8.85 -12.68
C THR D 135 10.73 -8.85 -12.07
N ARG D 136 10.84 -9.15 -10.79
CA ARG D 136 12.13 -9.12 -10.13
C ARG D 136 12.45 -10.47 -9.49
N LEU D 137 11.41 -11.25 -9.24
CA LEU D 137 11.55 -12.45 -8.42
C LEU D 137 10.73 -13.63 -8.94
N VAL D 138 11.30 -14.84 -8.76
CA VAL D 138 10.54 -16.07 -8.95
C VAL D 138 10.59 -16.86 -7.65
N CYS D 139 9.44 -17.34 -7.19
CA CYS D 139 9.38 -18.07 -5.92
C CYS D 139 9.06 -19.56 -6.15
N LEU D 140 9.78 -20.41 -5.42
CA LEU D 140 9.53 -21.85 -5.46
C LEU D 140 9.28 -22.37 -4.05
N GLU D 141 8.84 -23.63 -3.95
CA GLU D 141 8.44 -24.21 -2.67
C GLU D 141 8.93 -25.65 -2.53
N ASN D 142 9.72 -25.92 -1.49
CA ASN D 142 10.26 -27.26 -1.25
C ASN D 142 10.35 -27.56 0.23
N THR D 143 9.53 -28.49 0.73
CA THR D 143 8.61 -29.28 -0.08
C THR D 143 7.31 -28.55 -0.41
N HIS D 144 6.57 -29.09 -1.36
CA HIS D 144 5.26 -28.56 -1.70
C HIS D 144 4.21 -29.65 -1.50
N ASN D 145 3.36 -29.44 -0.49
CA ASN D 145 2.41 -30.46 -0.05
C ASN D 145 3.09 -31.80 0.22
N GLY D 146 4.27 -31.75 0.83
CA GLY D 146 5.01 -32.93 1.20
C GLY D 146 5.76 -33.57 0.05
N LYS D 147 5.64 -32.99 -1.14
CA LYS D 147 6.31 -33.51 -2.32
C LYS D 147 7.63 -32.79 -2.58
N VAL D 148 8.62 -33.53 -3.07
CA VAL D 148 9.96 -33.00 -3.27
C VAL D 148 10.17 -32.37 -4.65
N LEU D 149 10.70 -31.15 -4.64
CA LEU D 149 11.06 -30.45 -5.87
C LEU D 149 12.29 -31.09 -6.50
N PRO D 150 12.18 -31.50 -7.76
CA PRO D 150 13.30 -32.15 -8.48
C PRO D 150 14.50 -31.22 -8.67
N LEU D 151 15.67 -31.71 -8.30
CA LEU D 151 16.91 -30.93 -8.38
C LEU D 151 17.33 -30.55 -9.81
N PRO D 152 17.18 -31.46 -10.80
CA PRO D 152 17.50 -31.05 -12.17
C PRO D 152 16.68 -29.86 -12.66
N TYR D 153 15.43 -29.79 -12.20
CA TYR D 153 14.54 -28.67 -12.52
C TYR D 153 15.13 -27.33 -12.05
N LEU D 154 15.72 -27.33 -10.86
CA LEU D 154 16.29 -26.12 -10.28
C LEU D 154 17.36 -25.47 -11.14
N ARG D 155 18.27 -26.30 -11.65
CA ARG D 155 19.33 -25.82 -12.51
C ARG D 155 18.76 -25.13 -13.75
N GLU D 156 17.68 -25.69 -14.29
CA GLU D 156 17.05 -25.13 -15.47
C GLU D 156 16.33 -23.81 -15.16
N MET D 157 15.68 -23.76 -14.00
CA MET D 157 15.04 -22.53 -13.55
C MET D 157 16.11 -21.47 -13.24
N ARG D 158 17.22 -21.92 -12.66
CA ARG D 158 18.35 -21.04 -12.40
C ARG D 158 18.84 -20.43 -13.71
N GLU D 159 18.87 -21.26 -14.75
CA GLU D 159 19.25 -20.79 -16.08
C GLU D 159 18.33 -19.69 -16.56
N LEU D 160 17.02 -19.92 -16.39
CA LEU D 160 16.00 -18.98 -16.84
C LEU D 160 16.09 -17.67 -16.07
N VAL D 161 16.33 -17.78 -14.77
CA VAL D 161 16.36 -16.61 -13.91
C VAL D 161 17.58 -15.73 -14.18
N ASP D 162 18.70 -16.36 -14.49
CA ASP D 162 19.90 -15.62 -14.87
C ASP D 162 19.71 -14.92 -16.21
N GLU D 163 19.03 -15.60 -17.14
CA GLU D 163 18.77 -15.06 -18.47
C GLU D 163 17.94 -13.79 -18.43
N HIS D 164 17.10 -13.65 -17.42
CA HIS D 164 16.22 -12.48 -17.33
C HIS D 164 16.61 -11.55 -16.19
N GLY D 165 17.75 -11.83 -15.56
CA GLY D 165 18.27 -10.97 -14.52
C GLY D 165 17.41 -10.91 -13.26
N LEU D 166 16.71 -11.99 -12.97
CA LEU D 166 15.82 -12.05 -11.81
C LEU D 166 16.51 -12.61 -10.57
N GLN D 167 15.78 -12.63 -9.46
CA GLN D 167 16.22 -13.28 -8.23
C GLN D 167 15.42 -14.57 -8.03
N LEU D 168 15.92 -15.47 -7.18
CA LEU D 168 15.22 -16.73 -6.93
C LEU D 168 15.08 -17.02 -5.43
N HIS D 169 13.84 -17.17 -4.98
CA HIS D 169 13.57 -17.40 -3.57
C HIS D 169 12.90 -18.76 -3.33
N LEU D 170 13.37 -19.47 -2.30
CA LEU D 170 12.81 -20.75 -1.94
C LEU D 170 12.03 -20.69 -0.63
N ASP D 171 10.75 -21.07 -0.68
CA ASP D 171 9.98 -21.33 0.52
C ASP D 171 10.31 -22.75 0.98
N GLY D 172 11.31 -22.87 1.84
CA GLY D 172 11.73 -24.17 2.33
C GLY D 172 11.22 -24.42 3.73
N ALA D 173 9.95 -24.09 3.96
CA ALA D 173 9.30 -24.33 5.25
C ALA D 173 9.49 -25.77 5.71
N ARG D 174 9.48 -26.70 4.76
CA ARG D 174 9.71 -28.10 5.04
C ARG D 174 10.86 -28.64 4.19
N LEU D 175 11.91 -27.83 4.07
CA LEU D 175 13.08 -28.16 3.26
C LEU D 175 13.82 -29.40 3.75
N PHE D 176 13.92 -29.55 5.06
CA PHE D 176 14.71 -30.63 5.63
C PHE D 176 14.03 -31.97 5.45
N ASN D 177 12.71 -31.94 5.23
CA ASN D 177 12.00 -33.15 4.84
C ASN D 177 12.48 -33.58 3.45
N ALA D 178 12.67 -32.61 2.56
CA ALA D 178 13.16 -32.87 1.21
C ALA D 178 14.60 -33.37 1.23
N VAL D 179 15.38 -32.85 2.19
CA VAL D 179 16.75 -33.29 2.36
C VAL D 179 16.82 -34.77 2.71
N VAL D 180 16.12 -35.14 3.78
CA VAL D 180 16.11 -36.52 4.26
C VAL D 180 15.55 -37.47 3.19
N ALA D 181 14.49 -37.04 2.52
CA ALA D 181 13.81 -37.89 1.56
C ALA D 181 14.62 -38.09 0.27
N SER D 182 15.27 -37.04 -0.20
CA SER D 182 15.96 -37.09 -1.49
C SER D 182 17.38 -37.64 -1.38
N GLY D 183 18.01 -37.41 -0.24
CA GLY D 183 19.38 -37.87 -0.04
C GLY D 183 20.39 -36.84 -0.50
N HIS D 184 19.90 -35.65 -0.84
CA HIS D 184 20.79 -34.54 -1.17
C HIS D 184 20.92 -33.62 0.04
N THR D 185 22.11 -33.04 0.22
CA THR D 185 22.35 -32.16 1.35
C THR D 185 21.53 -30.87 1.24
N VAL D 186 21.43 -30.14 2.35
CA VAL D 186 20.70 -28.88 2.38
C VAL D 186 21.43 -27.84 1.52
N ARG D 187 22.75 -27.92 1.47
CA ARG D 187 23.55 -27.00 0.68
C ARG D 187 23.25 -27.12 -0.81
N GLU D 188 23.14 -28.36 -1.29
CA GLU D 188 22.89 -28.62 -2.71
C GLU D 188 21.48 -28.16 -3.11
N LEU D 189 20.55 -28.21 -2.16
CA LEU D 189 19.16 -27.89 -2.46
C LEU D 189 18.86 -26.38 -2.42
N VAL D 190 19.74 -25.61 -1.79
CA VAL D 190 19.54 -24.16 -1.70
C VAL D 190 20.58 -23.40 -2.52
N ALA D 191 21.52 -24.12 -3.10
CA ALA D 191 22.58 -23.49 -3.89
C ALA D 191 22.05 -22.63 -5.05
N PRO D 192 21.03 -23.09 -5.81
CA PRO D 192 20.56 -22.23 -6.90
C PRO D 192 19.77 -21.01 -6.43
N PHE D 193 19.44 -20.94 -5.15
CA PHE D 193 18.57 -19.87 -4.65
C PHE D 193 19.34 -18.69 -4.10
N ASP D 194 18.79 -17.49 -4.32
CA ASP D 194 19.36 -16.27 -3.75
C ASP D 194 18.93 -16.11 -2.30
N SER D 195 17.73 -16.58 -1.99
CA SER D 195 17.19 -16.47 -0.65
C SER D 195 16.35 -17.69 -0.30
N VAL D 196 16.35 -18.06 0.98
CA VAL D 196 15.62 -19.23 1.44
C VAL D 196 14.88 -18.95 2.75
N SER D 197 13.60 -19.31 2.80
CA SER D 197 12.87 -19.32 4.06
C SER D 197 12.77 -20.74 4.60
N ILE D 198 13.29 -20.98 5.80
CA ILE D 198 13.14 -22.28 6.46
C ILE D 198 12.37 -22.14 7.76
N CYS D 199 11.40 -23.02 7.97
CA CYS D 199 10.59 -22.99 9.18
CA CYS D 199 10.58 -22.99 9.18
C CYS D 199 11.14 -23.93 10.24
N LEU D 200 11.27 -23.41 11.46
CA LEU D 200 11.80 -24.19 12.57
C LEU D 200 10.68 -24.76 13.42
N SER D 201 9.47 -24.25 13.19
CA SER D 201 8.33 -24.52 14.05
C SER D 201 7.40 -25.60 13.50
N LYS D 202 7.93 -26.45 12.64
CA LYS D 202 7.17 -27.59 12.14
C LYS D 202 7.83 -28.89 12.56
N GLY D 203 8.24 -29.68 11.58
CA GLY D 203 8.91 -30.95 11.82
C GLY D 203 10.10 -30.88 12.75
N LEU D 204 10.82 -29.76 12.73
CA LEU D 204 12.02 -29.61 13.54
C LEU D 204 11.70 -29.45 15.02
N GLY D 205 10.47 -29.08 15.33
CA GLY D 205 10.00 -29.12 16.71
C GLY D 205 10.26 -27.91 17.59
N ALA D 206 10.89 -26.88 17.04
CA ALA D 206 11.02 -25.62 17.77
C ALA D 206 9.63 -25.00 17.94
N PRO D 207 9.41 -24.30 19.07
CA PRO D 207 8.07 -23.77 19.38
C PRO D 207 7.67 -22.56 18.55
N VAL D 208 8.65 -21.74 18.17
CA VAL D 208 8.36 -20.48 17.47
C VAL D 208 9.41 -20.13 16.41
N GLY D 209 8.94 -19.77 15.22
CA GLY D 209 9.76 -19.03 14.27
C GLY D 209 10.36 -19.71 13.05
N SER D 210 10.93 -18.88 12.19
CA SER D 210 11.57 -19.32 10.96
C SER D 210 12.86 -18.55 10.74
N LEU D 211 13.61 -18.94 9.72
CA LEU D 211 14.84 -18.23 9.39
C LEU D 211 14.83 -17.79 7.93
N LEU D 212 15.13 -16.52 7.69
CA LEU D 212 15.29 -16.01 6.33
C LEU D 212 16.77 -15.87 6.02
N VAL D 213 17.22 -16.51 4.96
CA VAL D 213 18.65 -16.57 4.63
C VAL D 213 18.93 -15.99 3.25
N GLY D 214 20.04 -15.27 3.12
CA GLY D 214 20.44 -14.69 1.84
C GLY D 214 21.71 -13.87 1.93
N SER D 215 21.88 -12.95 1.00
CA SER D 215 23.07 -12.10 0.97
C SER D 215 23.02 -11.08 2.09
N HIS D 216 24.15 -10.46 2.38
CA HIS D 216 24.23 -9.42 3.41
C HIS D 216 23.28 -8.27 3.10
N ALA D 217 23.32 -7.78 1.87
CA ALA D 217 22.49 -6.66 1.45
C ALA D 217 21.01 -7.00 1.52
N PHE D 218 20.65 -8.19 1.05
CA PHE D 218 19.26 -8.64 1.07
C PHE D 218 18.71 -8.72 2.49
N ILE D 219 19.50 -9.29 3.40
CA ILE D 219 19.09 -9.44 4.80
C ILE D 219 19.02 -8.07 5.49
N ALA D 220 19.92 -7.17 5.11
CA ALA D 220 19.91 -5.80 5.65
C ALA D 220 18.58 -5.12 5.34
N ARG D 221 18.07 -5.33 4.13
CA ARG D 221 16.77 -4.78 3.76
C ARG D 221 15.68 -5.49 4.54
N ALA D 222 15.81 -6.81 4.64
CA ALA D 222 14.83 -7.62 5.35
C ALA D 222 14.78 -7.27 6.83
N ARG D 223 15.94 -6.95 7.40
CA ARG D 223 16.01 -6.60 8.81
C ARG D 223 15.33 -5.26 9.10
N ARG D 224 15.45 -4.32 8.17
CA ARG D 224 14.80 -3.02 8.31
C ARG D 224 13.29 -3.15 8.11
N LEU D 225 12.87 -3.99 7.17
CA LEU D 225 11.45 -4.23 6.93
C LEU D 225 10.83 -5.03 8.09
N ARG D 226 11.64 -5.84 8.75
CA ARG D 226 11.16 -6.61 9.90
C ARG D 226 10.73 -5.68 11.02
N LYS D 227 11.48 -4.60 11.18
CA LYS D 227 11.16 -3.58 12.18
C LYS D 227 9.82 -2.93 11.88
N MET D 228 9.57 -2.64 10.60
CA MET D 228 8.35 -1.97 10.20
C MET D 228 7.11 -2.85 10.38
N VAL D 229 7.23 -4.14 10.05
CA VAL D 229 6.09 -5.05 10.15
C VAL D 229 5.85 -5.52 11.59
N GLY D 230 6.82 -5.27 12.46
CA GLY D 230 6.66 -5.59 13.87
C GLY D 230 7.34 -6.87 14.31
N GLY D 231 8.28 -7.35 13.51
CA GLY D 231 8.97 -8.59 13.82
C GLY D 231 10.22 -8.41 14.67
N GLY D 232 10.51 -7.17 15.06
CA GLY D 232 11.70 -6.86 15.83
C GLY D 232 11.56 -7.12 17.32
N MET D 233 12.01 -8.29 17.76
CA MET D 233 11.89 -8.69 19.17
C MET D 233 13.11 -8.33 20.01
N ARG D 234 12.97 -8.48 21.32
CA ARG D 234 14.04 -8.15 22.26
C ARG D 234 14.88 -9.39 22.61
N GLN D 235 14.59 -10.02 23.74
CA GLN D 235 15.37 -11.19 24.16
C GLN D 235 14.82 -12.48 23.57
N ALA D 236 14.94 -12.63 22.26
CA ALA D 236 14.38 -13.78 21.55
C ALA D 236 15.33 -14.98 21.56
N GLY D 237 16.48 -14.82 22.22
CA GLY D 237 17.48 -15.86 22.28
C GLY D 237 16.98 -17.17 22.84
N ILE D 238 15.95 -17.09 23.69
CA ILE D 238 15.32 -18.28 24.23
C ILE D 238 14.65 -19.08 23.10
N LEU D 239 13.95 -18.37 22.22
CA LEU D 239 13.34 -18.99 21.04
C LEU D 239 14.40 -19.45 20.05
N ALA D 240 15.40 -18.59 19.83
CA ALA D 240 16.46 -18.86 18.87
C ALA D 240 17.28 -20.10 19.24
N GLN D 241 17.55 -20.27 20.53
CA GLN D 241 18.34 -21.40 21.01
C GLN D 241 17.60 -22.71 20.79
N ALA D 242 16.28 -22.67 20.93
CA ALA D 242 15.44 -23.82 20.63
C ALA D 242 15.53 -24.18 19.15
N GLY D 243 15.56 -23.17 18.30
CA GLY D 243 15.68 -23.36 16.87
C GLY D 243 17.02 -23.97 16.48
N LEU D 244 18.06 -23.55 17.18
CA LEU D 244 19.40 -24.12 16.97
C LEU D 244 19.43 -25.58 17.38
N PHE D 245 18.79 -25.88 18.51
CA PHE D 245 18.67 -27.24 19.00
C PHE D 245 17.98 -28.12 17.97
N ALA D 246 16.88 -27.60 17.41
CA ALA D 246 16.08 -28.32 16.45
C ALA D 246 16.90 -28.66 15.21
N LEU D 247 17.67 -27.70 14.73
CA LEU D 247 18.48 -27.89 13.53
C LEU D 247 19.61 -28.90 13.79
N GLN D 248 20.13 -28.93 15.00
CA GLN D 248 21.24 -29.81 15.34
C GLN D 248 20.81 -31.23 15.75
N GLN D 249 19.59 -31.37 16.23
CA GLN D 249 19.16 -32.64 16.82
C GLN D 249 17.95 -33.29 16.17
N HIS D 250 17.19 -32.53 15.39
CA HIS D 250 15.88 -33.02 14.93
C HIS D 250 15.74 -33.18 13.42
N VAL D 251 16.85 -33.12 12.69
CA VAL D 251 16.78 -33.25 11.24
C VAL D 251 16.74 -34.71 10.80
N VAL D 252 17.67 -35.51 11.32
CA VAL D 252 17.81 -36.91 10.91
C VAL D 252 16.54 -37.73 11.19
N ARG D 253 15.94 -37.52 12.34
CA ARG D 253 14.79 -38.31 12.75
C ARG D 253 13.53 -38.03 11.92
N LEU D 254 13.60 -37.08 10.99
CA LEU D 254 12.48 -36.81 10.10
C LEU D 254 12.17 -38.03 9.21
N ALA D 255 13.17 -38.88 9.03
CA ALA D 255 13.00 -40.13 8.28
C ALA D 255 11.91 -41.01 8.90
N ASP D 256 11.76 -40.94 10.21
CA ASP D 256 10.71 -41.70 10.89
C ASP D 256 9.33 -41.13 10.55
N ASP D 257 9.21 -39.81 10.50
CA ASP D 257 7.95 -39.17 10.13
C ASP D 257 7.54 -39.62 8.73
N HIS D 258 8.53 -39.76 7.85
CA HIS D 258 8.28 -40.20 6.49
C HIS D 258 7.84 -41.66 6.46
N ARG D 259 8.49 -42.48 7.27
CA ARG D 259 8.18 -43.90 7.32
C ARG D 259 6.77 -44.14 7.84
N ARG D 260 6.41 -43.45 8.92
CA ARG D 260 5.11 -43.63 9.53
C ARG D 260 4.00 -43.10 8.61
N ALA D 261 4.32 -42.05 7.85
CA ALA D 261 3.36 -41.51 6.89
C ALA D 261 3.14 -42.51 5.75
N ARG D 262 4.23 -43.13 5.30
CA ARG D 262 4.14 -44.11 4.23
C ARG D 262 3.39 -45.37 4.66
N GLN D 263 3.65 -45.83 5.87
CA GLN D 263 2.95 -47.00 6.41
C GLN D 263 1.48 -46.67 6.66
N LEU D 264 1.21 -45.42 6.97
CA LEU D 264 -0.15 -44.95 7.16
C LEU D 264 -0.91 -44.99 5.84
N ALA D 265 -0.27 -44.50 4.79
CA ALA D 265 -0.88 -44.45 3.47
C ALA D 265 -1.11 -45.86 2.94
N GLU D 266 -0.16 -46.75 3.22
CA GLU D 266 -0.28 -48.15 2.82
C GLU D 266 -1.50 -48.80 3.47
N GLY D 267 -1.67 -48.55 4.76
CA GLY D 267 -2.77 -49.12 5.51
C GLY D 267 -4.12 -48.60 5.07
N LEU D 268 -4.18 -47.31 4.73
CA LEU D 268 -5.45 -46.72 4.31
C LEU D 268 -5.76 -46.97 2.85
N ALA D 269 -4.74 -47.28 2.05
CA ALA D 269 -4.94 -47.52 0.63
C ALA D 269 -5.35 -48.97 0.38
N ALA D 270 -5.45 -49.73 1.46
CA ALA D 270 -5.90 -51.11 1.36
C ALA D 270 -7.41 -51.11 1.53
N LEU D 271 -7.87 -50.40 2.56
CA LEU D 271 -9.29 -50.19 2.82
C LEU D 271 -10.07 -49.81 1.57
N PRO D 272 -11.22 -50.45 1.35
CA PRO D 272 -12.15 -50.06 0.27
C PRO D 272 -12.86 -48.76 0.61
N GLY D 273 -13.13 -47.92 -0.37
CA GLY D 273 -13.78 -46.64 -0.13
C GLY D 273 -12.78 -45.52 0.02
N ILE D 274 -11.50 -45.87 0.04
CA ILE D 274 -10.42 -44.88 0.14
C ILE D 274 -9.76 -44.66 -1.21
N ARG D 275 -9.61 -43.39 -1.59
CA ARG D 275 -8.81 -43.06 -2.76
C ARG D 275 -7.51 -42.39 -2.30
N LEU D 276 -6.39 -43.00 -2.66
CA LEU D 276 -5.09 -42.54 -2.18
C LEU D 276 -4.00 -42.80 -3.21
N ASP D 277 -3.24 -41.76 -3.55
CA ASP D 277 -2.13 -41.89 -4.48
C ASP D 277 -0.82 -42.03 -3.71
N LEU D 278 -0.31 -43.24 -3.66
CA LEU D 278 0.89 -43.54 -2.88
C LEU D 278 2.14 -42.88 -3.47
N ALA D 279 2.02 -42.38 -4.68
CA ALA D 279 3.12 -41.68 -5.34
C ALA D 279 3.26 -40.28 -4.77
N GLN D 280 2.25 -39.83 -4.03
CA GLN D 280 2.27 -38.49 -3.46
C GLN D 280 2.75 -38.51 -2.02
N VAL D 281 3.04 -39.71 -1.52
CA VAL D 281 3.61 -39.87 -0.19
C VAL D 281 5.13 -40.00 -0.23
N GLN D 282 5.82 -38.86 -0.19
CA GLN D 282 7.28 -38.85 -0.29
C GLN D 282 7.93 -38.37 0.99
N THR D 283 7.16 -37.65 1.81
CA THR D 283 7.67 -37.21 3.10
C THR D 283 6.68 -37.50 4.22
N ASN D 284 6.27 -36.45 4.94
CA ASN D 284 5.44 -36.65 6.12
C ASN D 284 3.97 -36.28 5.91
N MET D 285 3.49 -36.40 4.67
CA MET D 285 2.09 -36.06 4.38
C MET D 285 1.35 -37.17 3.64
N VAL D 286 0.08 -37.32 3.98
CA VAL D 286 -0.81 -38.25 3.28
C VAL D 286 -2.08 -37.54 2.84
N PHE D 287 -2.27 -37.40 1.53
CA PHE D 287 -3.48 -36.77 1.02
C PHE D 287 -4.43 -37.85 0.55
N LEU D 288 -5.69 -37.72 0.94
CA LEU D 288 -6.66 -38.78 0.76
C LEU D 288 -8.04 -38.21 0.45
N GLN D 289 -8.86 -38.97 -0.28
CA GLN D 289 -10.24 -38.58 -0.52
C GLN D 289 -11.18 -39.77 -0.35
N LEU D 290 -12.39 -39.50 0.13
CA LEU D 290 -13.42 -40.51 0.31
C LEU D 290 -14.24 -40.70 -0.96
N THR D 291 -14.61 -41.94 -1.27
CA THR D 291 -15.39 -42.22 -2.46
C THR D 291 -16.78 -42.76 -2.09
N GLU D 294 -18.50 -38.16 2.28
CA GLU D 294 -18.19 -36.76 2.54
C GLU D 294 -17.09 -36.61 3.59
N ARG D 295 -16.37 -35.50 3.53
CA ARG D 295 -15.22 -35.27 4.41
C ARG D 295 -15.60 -34.91 5.84
N ALA D 296 -16.54 -33.98 5.99
CA ALA D 296 -16.96 -33.49 7.30
C ALA D 296 -17.48 -34.57 8.28
N PRO D 297 -18.32 -35.51 7.79
CA PRO D 297 -18.74 -36.55 8.75
C PRO D 297 -17.58 -37.40 9.26
N LEU D 298 -16.57 -37.60 8.42
CA LEU D 298 -15.39 -38.37 8.82
C LEU D 298 -14.62 -37.65 9.92
N LEU D 299 -14.41 -36.36 9.73
CA LEU D 299 -13.65 -35.54 10.68
C LEU D 299 -14.30 -35.53 12.06
N ALA D 300 -15.62 -35.40 12.10
CA ALA D 300 -16.36 -35.40 13.35
C ALA D 300 -16.23 -36.77 14.04
N PHE D 301 -16.36 -37.82 13.24
CA PHE D 301 -16.22 -39.19 13.72
C PHE D 301 -14.83 -39.41 14.33
N MET D 302 -13.80 -38.97 13.62
CA MET D 302 -12.42 -39.10 14.07
C MET D 302 -12.13 -38.25 15.30
N LYS D 303 -12.58 -36.99 15.29
CA LYS D 303 -12.39 -36.10 16.42
C LYS D 303 -12.97 -36.66 17.72
N ALA D 304 -14.13 -37.29 17.63
CA ALA D 304 -14.77 -37.90 18.79
C ALA D 304 -13.95 -39.06 19.34
N ARG D 305 -13.06 -39.60 18.52
CA ARG D 305 -12.19 -40.69 18.93
C ARG D 305 -10.77 -40.20 19.17
N GLY D 306 -10.64 -38.89 19.36
CA GLY D 306 -9.36 -38.27 19.65
C GLY D 306 -8.38 -38.31 18.49
N ILE D 307 -8.91 -38.31 17.28
CA ILE D 307 -8.06 -38.31 16.09
C ILE D 307 -8.34 -37.06 15.28
N LEU D 308 -7.29 -36.27 15.05
CA LEU D 308 -7.45 -34.97 14.41
C LEU D 308 -6.68 -34.84 13.11
N PHE D 309 -7.38 -34.45 12.05
CA PHE D 309 -6.77 -34.02 10.81
C PHE D 309 -7.72 -33.10 10.07
N SER D 310 -7.36 -32.71 8.85
CA SER D 310 -8.16 -31.78 8.06
C SER D 310 -8.44 -32.37 6.69
N GLY D 313 -10.33 -29.26 1.29
CA GLY D 313 -10.87 -29.92 0.11
C GLY D 313 -10.48 -31.38 0.06
N GLU D 314 -9.17 -31.64 0.14
CA GLU D 314 -8.64 -32.99 0.21
C GLU D 314 -8.18 -33.28 1.64
N LEU D 315 -8.49 -34.47 2.15
CA LEU D 315 -8.12 -34.81 3.52
C LEU D 315 -6.60 -34.92 3.63
N ARG D 316 -6.02 -34.21 4.60
CA ARG D 316 -4.56 -34.21 4.74
C ARG D 316 -4.12 -34.68 6.12
N LEU D 317 -3.24 -35.68 6.15
CA LEU D 317 -2.70 -36.19 7.40
C LEU D 317 -1.19 -35.97 7.44
N VAL D 318 -0.71 -35.33 8.51
CA VAL D 318 0.71 -34.97 8.62
C VAL D 318 1.34 -35.57 9.87
N THR D 319 2.45 -36.27 9.69
CA THR D 319 3.14 -36.91 10.79
C THR D 319 4.29 -36.07 11.33
N HIS D 320 4.65 -36.30 12.59
CA HIS D 320 5.69 -35.55 13.27
C HIS D 320 6.16 -36.35 14.48
N LEU D 321 7.07 -35.77 15.28
CA LEU D 321 7.73 -36.52 16.35
C LEU D 321 6.78 -36.94 17.46
N GLN D 322 5.56 -36.39 17.47
CA GLN D 322 4.58 -36.78 18.48
C GLN D 322 3.59 -37.77 17.90
N ILE D 323 3.97 -38.38 16.79
CA ILE D 323 3.24 -39.53 16.26
C ILE D 323 4.07 -40.79 16.46
N HIS D 324 3.50 -41.80 17.11
CA HIS D 324 4.22 -43.03 17.38
C HIS D 324 3.59 -44.19 16.62
N ASP D 325 4.25 -45.35 16.64
CA ASP D 325 3.80 -46.49 15.87
C ASP D 325 2.37 -46.92 16.22
N ASP D 326 2.05 -46.90 17.50
CA ASP D 326 0.72 -47.29 17.96
C ASP D 326 -0.35 -46.29 17.48
N ASP D 327 0.03 -45.02 17.41
CA ASP D 327 -0.84 -43.98 16.89
C ASP D 327 -1.27 -44.30 15.45
N ILE D 328 -0.30 -44.70 14.64
CA ILE D 328 -0.56 -45.07 13.25
C ILE D 328 -1.57 -46.21 13.15
N GLU D 329 -1.38 -47.23 13.98
CA GLU D 329 -2.25 -48.39 13.95
C GLU D 329 -3.67 -48.07 14.44
N GLU D 330 -3.79 -47.09 15.33
CA GLU D 330 -5.10 -46.70 15.84
C GLU D 330 -5.97 -46.00 14.81
N VAL D 331 -5.38 -45.14 13.99
CA VAL D 331 -6.16 -44.41 13.01
C VAL D 331 -6.47 -45.30 11.80
N ILE D 332 -5.63 -46.30 11.57
CA ILE D 332 -5.93 -47.30 10.55
C ILE D 332 -7.15 -48.11 10.98
N ASP D 333 -7.19 -48.48 12.26
CA ASP D 333 -8.34 -49.17 12.83
C ASP D 333 -9.59 -48.31 12.76
N ALA D 334 -9.43 -47.03 13.07
CA ALA D 334 -10.56 -46.08 13.07
C ALA D 334 -11.18 -45.93 11.68
N PHE D 335 -10.34 -45.83 10.66
CA PHE D 335 -10.81 -45.75 9.28
C PHE D 335 -11.53 -47.03 8.91
N THR D 336 -10.94 -48.15 9.30
CA THR D 336 -11.54 -49.47 9.10
C THR D 336 -12.91 -49.50 9.77
N GLU D 337 -12.96 -49.03 11.01
CA GLU D 337 -14.21 -48.95 11.76
C GLU D 337 -15.25 -48.06 11.07
N TYR D 338 -14.79 -46.97 10.48
CA TYR D 338 -15.67 -46.01 9.83
C TYR D 338 -16.21 -46.50 8.49
N LEU D 339 -15.49 -47.43 7.86
CA LEU D 339 -15.85 -47.90 6.53
C LEU D 339 -16.42 -49.32 6.55
#